data_6TGV
#
_entry.id   6TGV
#
_cell.length_a   195.132
_cell.length_b   195.132
_cell.length_c   373.725
_cell.angle_alpha   90.000
_cell.angle_beta   90.000
_cell.angle_gamma   120.000
#
_symmetry.space_group_name_H-M   'H 3 2'
#
loop_
_entity.id
_entity.type
_entity.pdbx_description
1 polymer 'Coenzyme A biosynthesis bifunctional protein CoaBC'
2 non-polymer "CYTIDINE-5'-TRIPHOSPHATE"
3 non-polymer 1,2-ETHANEDIOL
4 non-polymer 'MAGNESIUM ION'
5 non-polymer 'FLAVIN MONONUCLEOTIDE'
6 water water
#
_entity_poly.entity_id   1
_entity_poly.type   'polypeptide(L)'
_entity_poly.pdbx_seq_one_letter_code
;SMSARKRIVVGVAGGIAAYKACTVVRQLTEAGHSVRVVPTESALRFVGAATFEALSGNPVHTGVFTDVHEVQHVRIGQQA
DLVVIAPATADLLARAVAGRADDLLTATLLTARCPVLFAPAMHTEMWLHPATVDNVATLRRRGAVVLEPASGRLTGADSG
PGRLPEAEEITTLAQLLLERADALPYDMAGVKALVTAGGTREPLDPVRFIGNRSSGKQGYAVARVLAQRGADVTLIAGNT
AGLIDPAGVEMVHIGSATQLRDAVSKHAPDANVLVMAAAVADFRPAHVAAAKIKKGASEPSSIDLVRNDDVLAGAVRARA
DGQLPNMRAIVGFAAETGDANGDVLFHARAKLERKGCDLLVVNAVGENRAFEVDHNDGWLLSADGTESALEHGSKTLMAT
RIVDSIAAFLKSQDG
;
_entity_poly.pdbx_strand_id   A,B,C,D
#
loop_
_chem_comp.id
_chem_comp.type
_chem_comp.name
_chem_comp.formula
CTP non-polymer CYTIDINE-5'-TRIPHOSPHATE 'C9 H16 N3 O14 P3'
EDO non-polymer 1,2-ETHANEDIOL 'C2 H6 O2'
FMN non-polymer 'FLAVIN MONONUCLEOTIDE' 'C17 H21 N4 O9 P'
MG non-polymer 'MAGNESIUM ION' 'Mg 2'
#
# COMPACT_ATOMS: atom_id res chain seq x y z
N SER A 3 6.49 25.17 -18.09
CA SER A 3 7.36 26.28 -18.48
C SER A 3 7.93 26.97 -17.24
N ALA A 4 7.06 27.30 -16.28
CA ALA A 4 7.56 27.67 -14.96
C ALA A 4 8.26 26.50 -14.28
N ARG A 5 7.76 25.28 -14.52
CA ARG A 5 8.34 24.07 -13.97
C ARG A 5 9.51 23.66 -14.86
N LYS A 6 10.72 23.72 -14.33
CA LYS A 6 11.91 23.49 -15.12
C LYS A 6 12.42 22.07 -14.91
N ARG A 7 13.20 21.60 -15.87
CA ARG A 7 13.81 20.28 -15.82
C ARG A 7 15.26 20.45 -15.37
N ILE A 8 15.57 19.87 -14.21
CA ILE A 8 16.88 20.00 -13.58
C ILE A 8 17.53 18.63 -13.44
N VAL A 9 18.74 18.51 -13.94
CA VAL A 9 19.59 17.37 -13.62
C VAL A 9 20.41 17.74 -12.40
N VAL A 10 20.29 16.97 -11.35
CA VAL A 10 21.18 17.09 -10.20
C VAL A 10 22.14 15.92 -10.27
N GLY A 11 23.40 16.23 -10.57
CA GLY A 11 24.44 15.21 -10.64
C GLY A 11 25.06 15.12 -9.27
N VAL A 12 25.31 13.89 -8.81
CA VAL A 12 25.93 13.70 -7.50
C VAL A 12 27.22 12.91 -7.68
N ALA A 13 28.32 13.48 -7.24
CA ALA A 13 29.57 12.75 -7.33
C ALA A 13 29.96 12.19 -5.97
N GLY A 14 30.99 11.37 -5.96
CA GLY A 14 31.30 10.54 -4.81
C GLY A 14 32.08 11.27 -3.72
N GLY A 15 31.43 12.22 -3.08
CA GLY A 15 32.02 12.92 -1.96
C GLY A 15 31.21 12.68 -0.70
N ILE A 16 31.87 12.75 0.44
CA ILE A 16 31.24 12.61 1.74
C ILE A 16 30.06 13.57 1.86
N ALA A 17 30.08 14.64 1.08
CA ALA A 17 28.99 15.60 1.11
C ALA A 17 27.77 15.14 0.33
N ALA A 18 27.79 13.92 -0.24
CA ALA A 18 26.65 13.51 -1.06
C ALA A 18 25.33 13.56 -0.29
N TYR A 19 25.34 13.26 1.00
CA TYR A 19 24.08 13.35 1.71
C TYR A 19 23.57 14.78 1.76
N LYS A 20 24.45 15.77 1.59
CA LYS A 20 23.94 17.15 1.50
C LYS A 20 23.19 17.36 0.20
N ALA A 21 23.58 16.68 -0.89
CA ALA A 21 22.81 16.81 -2.13
C ALA A 21 21.34 16.43 -1.95
N CYS A 22 21.02 15.53 -1.00
CA CYS A 22 19.63 15.15 -0.78
C CYS A 22 18.79 16.37 -0.48
N THR A 23 19.29 17.27 0.38
CA THR A 23 18.54 18.47 0.69
C THR A 23 18.32 19.34 -0.55
N VAL A 24 19.36 19.48 -1.38
CA VAL A 24 19.22 20.17 -2.67
C VAL A 24 18.08 19.57 -3.49
N VAL A 25 18.09 18.25 -3.68
CA VAL A 25 17.04 17.62 -4.47
C VAL A 25 15.67 17.87 -3.85
N ARG A 26 15.59 17.84 -2.53
CA ARG A 26 14.30 18.08 -1.88
C ARG A 26 13.86 19.52 -2.09
N GLN A 27 14.78 20.46 -2.01
CA GLN A 27 14.38 21.85 -2.15
C GLN A 27 13.97 22.17 -3.59
N LEU A 28 14.72 21.69 -4.60
CA LEU A 28 14.31 21.94 -5.98
C LEU A 28 12.96 21.31 -6.30
N THR A 29 12.70 20.09 -5.84
CA THR A 29 11.40 19.47 -6.12
C THR A 29 10.27 20.22 -5.40
N GLU A 30 10.52 20.66 -4.17
CA GLU A 30 9.56 21.45 -3.41
C GLU A 30 9.26 22.78 -4.09
N ALA A 31 10.25 23.35 -4.77
CA ALA A 31 10.08 24.54 -5.59
C ALA A 31 9.28 24.27 -6.86
N GLY A 32 8.75 23.07 -7.08
CA GLY A 32 7.96 22.79 -8.26
C GLY A 32 8.72 22.27 -9.44
N HIS A 33 10.02 22.06 -9.32
CA HIS A 33 10.81 21.65 -10.47
C HIS A 33 10.86 20.13 -10.61
N SER A 34 11.12 19.68 -11.83
CA SER A 34 11.30 18.27 -12.11
C SER A 34 12.79 17.93 -12.06
N VAL A 35 13.19 17.09 -11.12
CA VAL A 35 14.59 16.79 -10.86
C VAL A 35 14.89 15.35 -11.22
N ARG A 36 15.91 15.15 -12.04
CA ARG A 36 16.48 13.84 -12.26
C ARG A 36 17.84 13.83 -11.59
N VAL A 37 18.06 12.87 -10.70
CA VAL A 37 19.34 12.72 -10.05
C VAL A 37 20.19 11.79 -10.88
N VAL A 38 21.42 12.21 -11.17
CA VAL A 38 22.33 11.35 -11.89
C VAL A 38 23.60 11.21 -11.07
N PRO A 39 23.69 10.19 -10.23
CA PRO A 39 24.91 10.00 -9.44
C PRO A 39 25.95 9.28 -10.25
N THR A 40 27.19 9.38 -9.79
CA THR A 40 28.24 8.51 -10.29
C THR A 40 28.14 7.19 -9.53
N GLU A 41 28.85 6.16 -10.00
CA GLU A 41 28.91 4.93 -9.20
C GLU A 41 29.52 5.18 -7.82
N SER A 42 30.60 5.97 -7.73
CA SER A 42 31.18 6.24 -6.41
C SER A 42 30.18 6.88 -5.47
N ALA A 43 29.27 7.71 -5.99
CA ALA A 43 28.31 8.35 -5.10
C ALA A 43 27.36 7.34 -4.49
N LEU A 44 27.10 6.21 -5.17
CA LEU A 44 26.22 5.20 -4.58
C LEU A 44 26.83 4.55 -3.35
N ARG A 45 28.13 4.71 -3.13
CA ARG A 45 28.72 4.22 -1.89
C ARG A 45 28.42 5.15 -0.73
N PHE A 46 27.99 6.36 -1.01
CA PHE A 46 27.65 7.30 0.06
C PHE A 46 26.15 7.42 0.28
N VAL A 47 25.37 7.49 -0.79
CA VAL A 47 23.93 7.65 -0.67
C VAL A 47 23.28 6.69 -1.65
N GLY A 48 22.26 5.97 -1.18
CA GLY A 48 21.69 4.93 -2.00
C GLY A 48 20.81 5.50 -3.11
N ALA A 49 20.73 4.75 -4.21
CA ALA A 49 19.80 5.16 -5.25
C ALA A 49 18.37 5.29 -4.71
N ALA A 50 17.97 4.42 -3.76
CA ALA A 50 16.60 4.50 -3.22
C ALA A 50 16.33 5.88 -2.60
N THR A 51 17.32 6.50 -2.00
CA THR A 51 17.10 7.82 -1.42
C THR A 51 16.81 8.85 -2.51
N PHE A 52 17.56 8.78 -3.61
CA PHE A 52 17.41 9.76 -4.68
C PHE A 52 16.12 9.53 -5.46
N GLU A 53 15.69 8.27 -5.58
CA GLU A 53 14.44 7.96 -6.27
C GLU A 53 13.25 8.49 -5.49
N ALA A 54 13.29 8.35 -4.16
CA ALA A 54 12.16 8.79 -3.35
C ALA A 54 12.08 10.30 -3.30
N LEU A 55 13.23 10.97 -3.21
CA LEU A 55 13.26 12.43 -3.18
C LEU A 55 12.86 13.00 -4.54
N SER A 56 13.44 12.49 -5.60
CA SER A 56 13.18 13.06 -6.91
C SER A 56 11.89 12.56 -7.52
N GLY A 57 11.40 11.40 -7.09
CA GLY A 57 10.32 10.87 -7.87
C GLY A 57 10.69 10.39 -9.26
N ASN A 58 11.97 10.20 -9.58
CA ASN A 58 12.33 9.72 -10.90
C ASN A 58 13.35 8.59 -10.83
N PRO A 59 13.48 7.82 -11.89
CA PRO A 59 14.48 6.75 -11.89
C PRO A 59 15.88 7.32 -11.68
N VAL A 60 16.76 6.50 -11.12
CA VAL A 60 18.13 6.88 -10.83
C VAL A 60 19.06 5.86 -11.46
N HIS A 61 19.91 6.33 -12.36
CA HIS A 61 20.78 5.47 -13.13
C HIS A 61 22.14 6.14 -13.22
N THR A 62 23.18 5.34 -13.33
CA THR A 62 24.54 5.85 -13.37
C THR A 62 25.23 5.68 -14.71
N GLY A 63 24.71 4.86 -15.61
CA GLY A 63 25.39 4.58 -16.85
C GLY A 63 24.52 4.90 -18.05
N VAL A 64 25.18 5.02 -19.20
CA VAL A 64 24.47 5.41 -20.41
C VAL A 64 23.57 4.27 -20.91
N PHE A 65 23.95 3.03 -20.63
CA PHE A 65 23.37 1.86 -21.31
C PHE A 65 22.03 1.42 -20.74
N THR A 66 21.54 2.04 -19.67
CA THR A 66 20.24 1.64 -19.13
C THR A 66 19.16 2.47 -19.83
N ASP A 67 18.09 1.81 -20.25
CA ASP A 67 16.98 2.43 -20.96
C ASP A 67 17.50 3.29 -22.13
N VAL A 68 18.33 2.68 -22.95
CA VAL A 68 18.85 3.40 -24.13
C VAL A 68 17.74 3.46 -25.17
N HIS A 69 16.70 2.64 -24.99
CA HIS A 69 15.53 2.61 -25.93
C HIS A 69 14.87 3.98 -25.96
N GLU A 70 14.78 4.67 -24.81
CA GLU A 70 14.23 6.06 -24.79
C GLU A 70 15.36 7.07 -25.02
N VAL A 71 16.55 6.62 -25.40
CA VAL A 71 17.72 7.49 -25.71
C VAL A 71 17.94 8.40 -24.51
N GLN A 72 18.07 7.83 -23.32
CA GLN A 72 18.19 8.68 -22.11
C GLN A 72 19.63 9.11 -21.86
N HIS A 73 20.57 8.75 -22.73
CA HIS A 73 21.97 9.22 -22.55
C HIS A 73 22.16 10.57 -23.25
N VAL A 74 21.15 10.96 -24.03
CA VAL A 74 21.07 12.24 -24.80
C VAL A 74 19.85 13.03 -24.32
N ARG A 75 18.67 12.41 -24.27
CA ARG A 75 17.43 13.14 -23.90
C ARG A 75 17.57 13.83 -22.54
N ILE A 76 18.21 13.20 -21.57
CA ILE A 76 18.39 13.85 -20.24
C ILE A 76 19.22 15.14 -20.40
N GLY A 77 20.20 15.19 -21.29
CA GLY A 77 20.96 16.44 -21.43
C GLY A 77 20.27 17.42 -22.36
N GLN A 78 19.71 16.93 -23.46
CA GLN A 78 19.06 17.79 -24.46
C GLN A 78 17.84 18.49 -23.88
N GLN A 79 17.22 17.91 -22.88
CA GLN A 79 15.99 18.48 -22.35
C GLN A 79 16.17 19.16 -21.00
N ALA A 80 17.39 19.20 -20.47
CA ALA A 80 17.64 19.89 -19.20
C ALA A 80 17.65 21.40 -19.39
N ASP A 81 17.12 22.10 -18.40
CA ASP A 81 17.26 23.55 -18.32
C ASP A 81 18.39 23.95 -17.40
N LEU A 82 18.91 23.02 -16.62
CA LEU A 82 20.03 23.27 -15.72
C LEU A 82 20.64 21.93 -15.34
N VAL A 83 21.96 21.92 -15.14
CA VAL A 83 22.67 20.82 -14.55
C VAL A 83 23.39 21.35 -13.31
N VAL A 84 23.11 20.74 -12.16
CA VAL A 84 23.79 21.04 -10.90
C VAL A 84 24.56 19.81 -10.45
N ILE A 85 25.85 19.97 -10.18
CA ILE A 85 26.67 18.89 -9.66
C ILE A 85 27.03 19.25 -8.23
N ALA A 86 26.44 18.55 -7.27
CA ALA A 86 26.66 18.74 -5.84
C ALA A 86 26.67 17.38 -5.14
N PRO A 87 27.79 16.96 -4.51
CA PRO A 87 29.09 17.64 -4.57
C PRO A 87 29.79 17.35 -5.88
N ALA A 88 30.59 18.30 -6.31
CA ALA A 88 31.50 18.07 -7.43
C ALA A 88 32.85 17.76 -6.81
N THR A 89 33.28 16.52 -6.96
CA THR A 89 34.57 16.12 -6.45
C THR A 89 35.68 16.62 -7.38
N ALA A 90 36.90 16.58 -6.87
CA ALA A 90 38.04 16.82 -7.72
C ALA A 90 37.98 15.88 -8.91
N ASP A 91 37.73 14.59 -8.65
CA ASP A 91 37.79 13.63 -9.76
C ASP A 91 36.77 13.96 -10.86
N LEU A 92 35.55 14.34 -10.48
CA LEU A 92 34.56 14.73 -11.44
C LEU A 92 34.99 16.00 -12.19
N LEU A 93 35.54 16.99 -11.49
CA LEU A 93 35.95 18.20 -12.22
C LEU A 93 37.02 17.86 -13.24
N ALA A 94 37.95 16.95 -12.88
CA ALA A 94 38.99 16.55 -13.84
C ALA A 94 38.41 15.86 -15.07
N ARG A 95 37.40 15.01 -14.88
CA ARG A 95 36.80 14.32 -16.02
C ARG A 95 36.03 15.29 -16.89
N ALA A 96 35.36 16.25 -16.25
CA ALA A 96 34.60 17.24 -16.99
C ALA A 96 35.51 18.05 -17.91
N VAL A 97 36.72 18.42 -17.47
CA VAL A 97 37.56 19.22 -18.34
C VAL A 97 38.28 18.36 -19.34
N ALA A 98 38.57 17.10 -18.99
CA ALA A 98 39.23 16.22 -19.98
C ALA A 98 38.30 15.93 -21.14
N GLY A 99 37.01 15.95 -20.85
CA GLY A 99 35.97 15.70 -21.84
C GLY A 99 35.48 14.28 -21.79
N ARG A 100 35.61 13.63 -20.66
CA ARG A 100 35.20 12.22 -20.56
C ARG A 100 33.69 12.07 -20.60
N ALA A 101 33.23 10.93 -21.06
CA ALA A 101 31.78 10.65 -21.13
C ALA A 101 31.60 9.17 -20.88
N ASP A 102 32.20 8.67 -19.83
CA ASP A 102 32.23 7.24 -19.54
C ASP A 102 31.22 6.80 -18.48
N ASP A 103 30.42 7.73 -17.94
CA ASP A 103 29.24 7.41 -17.15
C ASP A 103 28.12 8.37 -17.57
N LEU A 104 26.92 8.21 -16.99
CA LEU A 104 25.80 9.02 -17.44
C LEU A 104 25.97 10.48 -17.05
N LEU A 105 26.61 10.74 -15.91
CA LEU A 105 26.83 12.13 -15.52
C LEU A 105 27.74 12.84 -16.50
N THR A 106 28.94 12.30 -16.74
CA THR A 106 29.84 12.95 -17.67
C THR A 106 29.27 13.02 -19.08
N ALA A 107 28.58 11.96 -19.52
CA ALA A 107 27.98 12.05 -20.86
C ALA A 107 26.91 13.13 -20.90
N THR A 108 26.19 13.34 -19.78
CA THR A 108 25.20 14.40 -19.70
C THR A 108 25.85 15.78 -19.77
N LEU A 109 27.01 15.94 -19.15
CA LEU A 109 27.71 17.23 -19.25
C LEU A 109 28.02 17.55 -20.71
N LEU A 110 28.48 16.56 -21.47
CA LEU A 110 28.88 16.83 -22.84
C LEU A 110 27.69 17.22 -23.72
N THR A 111 26.50 16.71 -23.40
CA THR A 111 25.33 16.94 -24.24
C THR A 111 24.57 18.20 -23.84
N ALA A 112 24.74 18.68 -22.62
CA ALA A 112 23.93 19.78 -22.14
C ALA A 112 24.29 21.07 -22.85
N ARG A 113 23.26 21.84 -23.19
CA ARG A 113 23.35 23.17 -23.81
C ARG A 113 22.52 24.14 -22.99
N CYS A 114 22.77 24.12 -21.70
CA CYS A 114 22.05 24.87 -20.68
C CYS A 114 23.06 25.25 -19.65
N PRO A 115 22.71 26.07 -18.67
CA PRO A 115 23.68 26.40 -17.61
C PRO A 115 24.14 25.13 -16.89
N VAL A 116 25.42 25.12 -16.56
CA VAL A 116 26.06 24.05 -15.82
C VAL A 116 26.64 24.65 -14.55
N LEU A 117 26.23 24.12 -13.39
CA LEU A 117 26.61 24.66 -12.09
C LEU A 117 27.31 23.58 -11.27
N PHE A 118 28.62 23.72 -11.08
CA PHE A 118 29.39 22.83 -10.22
C PHE A 118 29.47 23.44 -8.85
N ALA A 119 29.19 22.65 -7.82
CA ALA A 119 29.29 23.06 -6.43
C ALA A 119 30.35 22.16 -5.81
N PRO A 120 31.63 22.55 -5.85
CA PRO A 120 32.68 21.65 -5.38
C PRO A 120 32.67 21.47 -3.87
N ALA A 121 33.31 20.38 -3.44
CA ALA A 121 33.39 20.00 -2.04
C ALA A 121 34.51 19.00 -1.94
N MET A 122 35.49 19.23 -1.08
CA MET A 122 36.65 18.36 -0.99
C MET A 122 37.54 18.96 0.07
N HIS A 123 38.57 18.20 0.47
CA HIS A 123 39.54 18.68 1.44
C HIS A 123 40.29 19.85 0.84
N THR A 124 40.76 20.75 1.72
CA THR A 124 41.46 21.95 1.25
C THR A 124 42.64 21.58 0.36
N GLU A 125 43.41 20.56 0.77
CA GLU A 125 44.59 20.11 0.02
C GLU A 125 44.22 19.66 -1.40
N MET A 126 43.04 19.08 -1.59
CA MET A 126 42.69 18.75 -2.97
C MET A 126 42.27 19.98 -3.76
N TRP A 127 41.62 20.92 -3.09
CA TRP A 127 41.07 22.10 -3.76
C TRP A 127 42.18 22.99 -4.29
N LEU A 128 43.27 23.13 -3.54
CA LEU A 128 44.40 23.98 -3.87
C LEU A 128 45.50 23.25 -4.62
N HIS A 129 45.31 21.98 -4.94
CA HIS A 129 46.27 21.31 -5.78
C HIS A 129 46.27 21.95 -7.16
N PRO A 130 47.44 22.15 -7.76
CA PRO A 130 47.51 22.89 -9.04
C PRO A 130 46.67 22.26 -10.15
N ALA A 131 46.49 20.93 -10.16
CA ALA A 131 45.65 20.33 -11.19
C ALA A 131 44.20 20.76 -11.02
N THR A 132 43.66 20.61 -9.80
CA THR A 132 42.30 21.10 -9.52
C THR A 132 42.18 22.59 -9.82
N VAL A 133 43.17 23.38 -9.43
CA VAL A 133 43.08 24.82 -9.70
C VAL A 133 43.01 25.09 -11.20
N ASP A 134 43.89 24.45 -11.97
CA ASP A 134 43.81 24.59 -13.43
C ASP A 134 42.47 24.13 -13.96
N ASN A 135 41.97 22.98 -13.48
CA ASN A 135 40.71 22.43 -13.96
C ASN A 135 39.55 23.39 -13.71
N VAL A 136 39.44 23.90 -12.47
CA VAL A 136 38.42 24.91 -12.17
C VAL A 136 38.59 26.15 -13.08
N ALA A 137 39.82 26.57 -13.37
CA ALA A 137 39.96 27.72 -14.28
C ALA A 137 39.42 27.38 -15.67
N THR A 138 39.68 26.16 -16.13
CA THR A 138 39.23 25.78 -17.47
C THR A 138 37.71 25.71 -17.56
N LEU A 139 37.06 25.13 -16.55
CA LEU A 139 35.59 25.07 -16.58
C LEU A 139 35.00 26.47 -16.59
N ARG A 140 35.47 27.36 -15.71
CA ARG A 140 35.02 28.75 -15.73
C ARG A 140 35.29 29.38 -17.08
N ARG A 141 36.47 29.15 -17.65
CA ARG A 141 36.74 29.69 -18.97
C ARG A 141 35.81 29.11 -20.04
N ARG A 142 35.26 27.92 -19.84
CA ARG A 142 34.40 27.35 -20.86
C ARG A 142 32.94 27.71 -20.67
N GLY A 143 32.61 28.49 -19.64
CA GLY A 143 31.26 28.97 -19.45
C GLY A 143 30.54 28.35 -18.27
N ALA A 144 31.10 27.34 -17.63
CA ALA A 144 30.41 26.78 -16.48
C ALA A 144 30.62 27.68 -15.28
N VAL A 145 29.62 27.72 -14.41
CA VAL A 145 29.76 28.28 -13.08
C VAL A 145 30.36 27.24 -12.14
N VAL A 146 31.42 27.63 -11.43
CA VAL A 146 32.05 26.80 -10.43
C VAL A 146 32.04 27.58 -9.12
N LEU A 147 31.05 27.30 -8.25
CA LEU A 147 30.93 27.96 -6.96
C LEU A 147 32.23 27.88 -6.17
N GLU A 148 32.59 28.99 -5.56
CA GLU A 148 33.65 28.98 -4.57
C GLU A 148 33.12 28.30 -3.31
N PRO A 149 33.86 27.33 -2.75
CA PRO A 149 33.33 26.58 -1.61
C PRO A 149 33.39 27.39 -0.31
N ALA A 150 32.68 26.88 0.69
CA ALA A 150 32.72 27.39 2.05
C ALA A 150 34.01 26.95 2.74
N SER A 151 34.30 27.55 3.89
CA SER A 151 35.58 27.37 4.58
C SER A 151 35.34 26.87 6.00
N GLY A 152 35.53 25.56 6.17
CA GLY A 152 35.62 24.79 7.40
C GLY A 152 34.55 25.14 8.40
N ARG A 153 34.87 24.91 9.68
CA ARG A 153 34.01 25.26 10.80
C ARG A 153 34.80 26.07 11.83
N LEU A 154 35.88 26.74 11.38
CA LEU A 154 36.80 27.48 12.25
C LEU A 154 37.31 26.60 13.39
N THR A 155 37.63 25.34 13.05
CA THR A 155 38.12 24.38 14.04
C THR A 155 39.60 24.64 14.33
N GLY A 156 39.93 25.88 14.71
CA GLY A 156 41.28 26.27 15.04
C GLY A 156 42.11 26.46 13.79
N ALA A 157 42.54 25.33 13.19
CA ALA A 157 43.35 25.35 11.99
C ALA A 157 42.74 24.56 10.84
N ASP A 158 41.83 23.61 11.11
CA ASP A 158 41.08 22.93 10.04
C ASP A 158 40.09 23.95 9.49
N SER A 159 40.64 24.86 8.69
CA SER A 159 39.99 26.14 8.44
C SER A 159 39.74 26.41 6.98
N GLY A 160 40.16 25.52 6.11
CA GLY A 160 40.38 25.90 4.75
C GLY A 160 39.13 25.84 3.92
N PRO A 161 39.26 26.37 2.71
CA PRO A 161 38.17 26.22 1.73
C PRO A 161 38.03 24.78 1.26
N GLY A 162 36.81 24.44 0.89
CA GLY A 162 36.54 23.09 0.45
C GLY A 162 35.20 22.51 0.88
N ARG A 163 34.64 23.01 1.97
CA ARG A 163 33.33 22.55 2.43
C ARG A 163 32.25 22.93 1.42
N LEU A 164 31.30 22.02 1.21
CA LEU A 164 30.21 22.29 0.30
C LEU A 164 29.38 23.48 0.80
N PRO A 165 28.93 24.36 -0.09
CA PRO A 165 27.99 25.41 0.34
C PRO A 165 26.66 24.80 0.78
N GLU A 166 25.98 25.49 1.68
CA GLU A 166 24.69 25.03 2.19
C GLU A 166 23.68 24.89 1.06
N ALA A 167 22.77 23.94 1.24
CA ALA A 167 21.83 23.62 0.16
C ALA A 167 21.02 24.84 -0.25
N GLU A 168 20.62 25.66 0.72
CA GLU A 168 19.83 26.85 0.41
C GLU A 168 20.57 27.71 -0.60
N GLU A 169 21.89 27.90 -0.42
CA GLU A 169 22.68 28.73 -1.32
C GLU A 169 22.75 28.13 -2.72
N ILE A 170 23.01 26.82 -2.81
CA ILE A 170 23.04 26.14 -4.11
C ILE A 170 21.68 26.26 -4.79
N THR A 171 20.62 26.03 -4.02
CA THR A 171 19.26 26.09 -4.55
C THR A 171 18.93 27.48 -5.09
N THR A 172 19.26 28.56 -4.35
CA THR A 172 18.95 29.88 -4.86
C THR A 172 19.81 30.21 -6.08
N LEU A 173 21.06 29.74 -6.10
CA LEU A 173 21.86 30.01 -7.30
C LEU A 173 21.42 29.15 -8.46
N ALA A 174 20.84 27.98 -8.17
CA ALA A 174 20.24 27.18 -9.23
C ALA A 174 19.03 27.91 -9.83
N GLN A 175 18.14 28.40 -8.97
CA GLN A 175 16.99 29.12 -9.48
C GLN A 175 17.41 30.36 -10.26
N LEU A 176 18.52 31.00 -9.83
CA LEU A 176 19.05 32.17 -10.54
C LEU A 176 19.39 31.82 -11.99
N LEU A 177 20.03 30.67 -12.22
CA LEU A 177 20.43 30.37 -13.60
C LEU A 177 19.25 29.93 -14.44
N LEU A 178 18.23 29.33 -13.81
CA LEU A 178 17.00 29.00 -14.53
C LEU A 178 16.36 30.24 -15.12
N GLU A 179 16.48 31.38 -14.43
CA GLU A 179 15.85 32.60 -14.93
C GLU A 179 16.74 33.34 -15.91
N ARG A 180 18.04 33.40 -15.61
CA ARG A 180 19.02 34.13 -16.40
C ARG A 180 20.28 33.27 -16.52
N ALA A 181 20.56 32.77 -17.74
CA ALA A 181 21.66 31.85 -17.94
C ALA A 181 23.04 32.49 -17.76
N ASP A 182 23.13 33.81 -17.88
CA ASP A 182 24.40 34.53 -17.89
C ASP A 182 24.62 35.34 -16.62
N ALA A 183 24.02 34.88 -15.50
CA ALA A 183 24.00 35.69 -14.30
C ALA A 183 25.36 35.75 -13.60
N LEU A 184 26.18 34.71 -13.69
CA LEU A 184 27.42 34.61 -12.91
C LEU A 184 28.65 34.40 -13.81
N PRO A 185 28.97 35.36 -14.68
CA PRO A 185 30.31 35.33 -15.32
C PRO A 185 31.39 35.57 -14.29
N TYR A 186 32.51 34.87 -14.47
CA TYR A 186 33.63 35.02 -13.53
C TYR A 186 34.46 36.22 -13.95
N ASP A 187 33.87 37.41 -13.71
CA ASP A 187 34.45 38.67 -14.17
C ASP A 187 34.97 39.55 -13.06
N MET A 188 34.46 39.42 -11.83
CA MET A 188 34.86 40.29 -10.72
C MET A 188 36.10 39.79 -10.01
N ALA A 189 36.89 38.97 -10.68
CA ALA A 189 38.17 38.53 -10.13
C ALA A 189 39.05 39.72 -9.77
N GLY A 190 39.58 39.73 -8.55
CA GLY A 190 40.54 40.73 -8.18
C GLY A 190 39.99 42.08 -7.78
N VAL A 191 38.71 42.16 -7.41
CA VAL A 191 38.17 43.39 -6.84
C VAL A 191 37.79 43.08 -5.40
N LYS A 192 38.28 43.90 -4.47
CA LYS A 192 37.84 43.82 -3.09
C LYS A 192 36.53 44.57 -2.96
N ALA A 193 35.60 44.01 -2.18
CA ALA A 193 34.28 44.59 -2.06
C ALA A 193 33.82 44.55 -0.60
N LEU A 194 33.24 45.66 -0.16
CA LEU A 194 32.60 45.75 1.15
C LEU A 194 31.11 46.02 0.93
N VAL A 195 30.27 45.16 1.52
CA VAL A 195 28.81 45.21 1.40
C VAL A 195 28.20 45.35 2.79
N THR A 196 27.10 46.08 2.87
CA THR A 196 26.39 46.29 4.13
C THR A 196 25.00 45.70 3.98
N ALA A 197 24.51 45.04 5.02
CA ALA A 197 23.21 44.41 4.88
C ALA A 197 22.43 44.46 6.18
N GLY A 198 21.11 44.41 6.05
CA GLY A 198 20.24 44.23 7.19
C GLY A 198 19.69 45.53 7.75
N GLY A 199 19.35 45.50 9.02
CA GLY A 199 18.84 46.67 9.70
C GLY A 199 19.44 46.77 11.07
N THR A 200 19.69 47.99 11.52
CA THR A 200 20.44 48.21 12.75
C THR A 200 19.52 48.12 13.98
N ARG A 201 20.13 47.97 15.15
CA ARG A 201 19.39 47.82 16.41
C ARG A 201 19.85 48.86 17.44
N GLU A 202 19.32 50.10 17.35
CA GLU A 202 19.72 51.19 18.25
C GLU A 202 19.12 51.05 19.66
N PRO A 203 19.95 50.83 20.69
CA PRO A 203 19.41 50.40 21.99
C PRO A 203 19.00 51.57 22.86
N LEU A 204 17.79 51.53 23.40
CA LEU A 204 17.34 52.52 24.38
C LEU A 204 17.48 52.01 25.81
N ASP A 205 18.08 50.83 26.00
CA ASP A 205 18.53 50.25 27.25
C ASP A 205 19.24 48.95 26.86
N PRO A 206 19.94 48.27 27.78
CA PRO A 206 20.67 47.05 27.37
C PRO A 206 19.79 45.94 26.79
N VAL A 207 18.46 46.06 26.83
CA VAL A 207 17.57 44.98 26.42
C VAL A 207 16.64 45.41 25.28
N ARG A 208 16.04 46.59 25.39
CA ARG A 208 15.14 47.06 24.35
C ARG A 208 15.89 47.95 23.36
N PHE A 209 15.30 48.14 22.18
CA PHE A 209 15.95 48.86 21.09
C PHE A 209 14.90 49.26 20.07
N ILE A 210 15.34 50.05 19.07
CA ILE A 210 14.55 50.42 17.92
C ILE A 210 15.10 49.65 16.72
N GLY A 211 14.19 49.02 15.96
CA GLY A 211 14.60 48.26 14.79
C GLY A 211 13.69 48.51 13.61
N ASN A 212 14.18 48.13 12.45
CA ASN A 212 13.44 48.17 11.20
C ASN A 212 13.24 46.76 10.69
N ARG A 213 12.30 46.59 9.77
CA ARG A 213 11.97 45.28 9.22
C ARG A 213 12.80 44.95 7.97
N SER A 214 14.11 45.14 8.07
CA SER A 214 15.02 44.78 6.99
C SER A 214 15.35 43.29 7.09
N SER A 215 15.18 42.58 5.97
CA SER A 215 15.57 41.18 5.95
C SER A 215 17.08 41.02 5.77
N GLY A 216 17.73 41.97 5.11
CA GLY A 216 19.11 41.79 4.72
C GLY A 216 19.31 41.02 3.45
N LYS A 217 18.24 40.51 2.84
CA LYS A 217 18.36 39.69 1.65
C LYS A 217 18.96 40.46 0.47
N GLN A 218 18.59 41.74 0.33
CA GLN A 218 19.16 42.53 -0.75
C GLN A 218 20.68 42.52 -0.70
N GLY A 219 21.24 43.06 0.39
CA GLY A 219 22.70 43.12 0.52
C GLY A 219 23.32 41.73 0.46
N TYR A 220 22.74 40.78 1.20
CA TYR A 220 23.24 39.42 1.16
C TYR A 220 23.31 38.89 -0.27
N ALA A 221 22.30 39.21 -1.10
CA ALA A 221 22.28 38.70 -2.48
C ALA A 221 23.40 39.29 -3.31
N VAL A 222 23.62 40.62 -3.24
CA VAL A 222 24.74 41.20 -3.99
C VAL A 222 26.07 40.71 -3.42
N ALA A 223 26.16 40.56 -2.09
CA ALA A 223 27.33 39.95 -1.46
C ALA A 223 27.61 38.58 -2.04
N ARG A 224 26.60 37.71 -2.03
CA ARG A 224 26.76 36.36 -2.57
C ARG A 224 27.07 36.39 -4.06
N VAL A 225 26.36 37.25 -4.82
CA VAL A 225 26.56 37.29 -6.26
C VAL A 225 27.95 37.84 -6.60
N LEU A 226 28.41 38.86 -5.88
CA LEU A 226 29.78 39.32 -6.08
C LEU A 226 30.77 38.19 -5.81
N ALA A 227 30.58 37.46 -4.71
CA ALA A 227 31.52 36.43 -4.31
C ALA A 227 31.62 35.33 -5.35
N GLN A 228 30.48 34.87 -5.90
CA GLN A 228 30.48 33.79 -6.87
C GLN A 228 30.84 34.26 -8.27
N ARG A 229 31.20 35.53 -8.42
CA ARG A 229 31.70 36.06 -9.67
C ARG A 229 33.18 36.41 -9.59
N GLY A 230 33.80 36.15 -8.44
CA GLY A 230 35.25 36.23 -8.30
C GLY A 230 35.73 37.28 -7.32
N ALA A 231 34.86 38.06 -6.70
CA ALA A 231 35.29 39.16 -5.85
C ALA A 231 35.55 38.66 -4.44
N ASP A 232 36.56 39.23 -3.79
CA ASP A 232 36.77 38.98 -2.37
C ASP A 232 35.87 39.95 -1.60
N VAL A 233 34.84 39.40 -0.96
CA VAL A 233 33.71 40.16 -0.44
C VAL A 233 33.75 40.17 1.08
N THR A 234 33.49 41.34 1.67
CA THR A 234 33.30 41.51 3.11
C THR A 234 31.89 42.01 3.35
N LEU A 235 31.12 41.28 4.15
CA LEU A 235 29.72 41.59 4.38
C LEU A 235 29.54 41.93 5.86
N ILE A 236 29.23 43.20 6.13
CA ILE A 236 28.86 43.65 7.47
C ILE A 236 27.34 43.62 7.56
N ALA A 237 26.83 42.89 8.55
CA ALA A 237 25.43 42.53 8.64
C ALA A 237 24.83 43.05 9.94
N GLY A 238 23.62 43.59 9.82
CA GLY A 238 22.81 43.95 10.95
C GLY A 238 21.88 42.82 11.34
N ASN A 239 20.75 43.18 11.96
CA ASN A 239 19.71 42.20 12.20
C ASN A 239 19.19 41.70 10.86
N THR A 240 19.25 40.38 10.66
CA THR A 240 18.82 39.78 9.42
C THR A 240 17.68 38.82 9.70
N ALA A 241 17.04 38.37 8.62
CA ALA A 241 15.95 37.41 8.74
C ALA A 241 16.50 36.00 8.90
N GLY A 242 17.36 35.81 9.90
CA GLY A 242 18.00 34.51 10.10
C GLY A 242 18.70 33.99 8.87
N LEU A 243 19.46 34.84 8.20
CA LEU A 243 20.16 34.49 6.98
C LEU A 243 21.53 33.90 7.32
N ILE A 244 21.92 32.89 6.55
CA ILE A 244 23.18 32.17 6.72
C ILE A 244 24.28 32.87 5.96
N ASP A 245 25.51 32.75 6.48
CA ASP A 245 26.65 33.45 5.89
C ASP A 245 26.89 32.95 4.48
N PRO A 246 26.95 33.84 3.49
CA PRO A 246 27.35 33.40 2.16
C PRO A 246 28.72 32.74 2.17
N ALA A 247 28.86 31.76 1.28
CA ALA A 247 30.12 31.05 1.10
C ALA A 247 31.15 31.99 0.51
N GLY A 248 32.34 32.00 1.10
CA GLY A 248 33.45 32.77 0.60
C GLY A 248 33.50 34.22 1.03
N VAL A 249 32.54 34.71 1.81
CA VAL A 249 32.50 36.11 2.20
C VAL A 249 32.91 36.25 3.66
N GLU A 250 33.65 37.32 3.96
CA GLU A 250 34.10 37.62 5.32
C GLU A 250 33.00 38.43 6.01
N MET A 251 32.49 37.90 7.11
CA MET A 251 31.31 38.46 7.75
C MET A 251 31.67 39.12 9.07
N VAL A 252 31.38 40.41 9.18
CA VAL A 252 31.46 41.18 10.41
C VAL A 252 30.04 41.44 10.88
N HIS A 253 29.75 41.14 12.13
CA HIS A 253 28.45 41.46 12.69
C HIS A 253 28.51 42.74 13.49
N ILE A 254 27.45 43.54 13.38
CA ILE A 254 27.35 44.82 14.08
C ILE A 254 26.03 44.86 14.84
N GLY A 255 26.01 45.68 15.87
CA GLY A 255 24.76 45.88 16.59
C GLY A 255 23.91 47.03 16.05
N SER A 256 24.47 48.22 15.94
CA SER A 256 23.62 49.36 15.63
C SER A 256 24.37 50.38 14.79
N ALA A 257 23.61 51.39 14.36
CA ALA A 257 24.01 52.27 13.25
C ALA A 257 25.41 52.87 13.41
N THR A 258 25.85 53.15 14.64
CA THR A 258 27.20 53.66 14.78
C THR A 258 28.23 52.56 14.96
N GLN A 259 27.84 51.42 15.55
CA GLN A 259 28.65 50.20 15.45
C GLN A 259 28.82 49.77 14.00
N LEU A 260 27.89 50.13 13.13
CA LEU A 260 28.05 49.83 11.71
C LEU A 260 29.14 50.68 11.08
N ARG A 261 29.10 51.99 11.30
CA ARG A 261 29.95 52.88 10.51
C ARG A 261 31.38 52.92 11.00
N ASP A 262 31.65 52.64 12.27
CA ASP A 262 33.05 52.46 12.65
C ASP A 262 33.60 51.17 12.11
N ALA A 263 32.74 50.22 11.71
CA ALA A 263 33.19 49.04 10.99
C ALA A 263 33.45 49.33 9.52
N VAL A 264 32.59 50.15 8.90
CA VAL A 264 32.81 50.54 7.51
C VAL A 264 34.12 51.31 7.38
N SER A 265 34.46 52.11 8.39
CA SER A 265 35.74 52.83 8.38
C SER A 265 36.91 51.87 8.56
N LYS A 266 36.72 50.77 9.30
CA LYS A 266 37.78 49.77 9.41
C LYS A 266 38.17 49.23 8.04
N HIS A 267 37.18 48.75 7.28
CA HIS A 267 37.42 47.90 6.11
C HIS A 267 37.35 48.64 4.78
N ALA A 268 36.85 49.88 4.76
CA ALA A 268 36.79 50.62 3.49
C ALA A 268 38.15 50.97 2.89
N PRO A 269 39.23 51.17 3.65
CA PRO A 269 40.53 51.40 2.97
C PRO A 269 40.99 50.24 2.12
N ASP A 270 40.71 48.98 2.53
CA ASP A 270 41.04 47.83 1.71
C ASP A 270 40.15 47.72 0.47
N ALA A 271 38.89 48.15 0.60
CA ALA A 271 37.86 47.85 -0.39
C ALA A 271 37.97 48.71 -1.64
N ASN A 272 37.62 48.11 -2.78
CA ASN A 272 37.52 48.83 -4.05
C ASN A 272 36.10 49.23 -4.38
N VAL A 273 35.13 48.50 -3.85
CA VAL A 273 33.71 48.74 -4.05
C VAL A 273 33.08 48.81 -2.66
N LEU A 274 32.08 49.68 -2.49
CA LEU A 274 31.25 49.64 -1.29
C LEU A 274 29.79 49.69 -1.73
N VAL A 275 28.99 48.76 -1.21
CA VAL A 275 27.57 48.65 -1.49
C VAL A 275 26.81 48.94 -0.19
N MET A 276 26.08 50.06 -0.16
CA MET A 276 25.30 50.44 1.03
C MET A 276 23.87 49.94 0.86
N ALA A 277 23.65 48.66 1.18
CA ALA A 277 22.31 48.11 1.11
C ALA A 277 21.61 48.04 2.46
N ALA A 278 22.32 48.32 3.55
CA ALA A 278 21.73 48.19 4.88
C ALA A 278 20.78 49.34 5.18
N ALA A 279 19.88 49.11 6.13
CA ALA A 279 18.90 50.12 6.60
C ALA A 279 19.43 50.67 7.92
N VAL A 280 19.74 51.96 7.97
CA VAL A 280 20.39 52.54 9.18
C VAL A 280 19.41 53.26 10.11
N ALA A 281 18.21 53.60 9.64
CA ALA A 281 17.10 54.24 10.40
C ALA A 281 17.26 55.73 10.76
N ASP A 282 18.48 56.26 10.60
CA ASP A 282 18.82 57.71 10.75
C ASP A 282 18.74 58.29 12.18
N PHE A 283 18.31 57.54 13.19
CA PHE A 283 18.22 58.26 14.48
C PHE A 283 18.39 57.36 15.69
N ARG A 284 19.49 57.55 16.43
CA ARG A 284 19.77 56.76 17.65
C ARG A 284 18.93 57.33 18.79
N PRO A 285 18.69 56.59 19.89
CA PRO A 285 17.85 57.09 20.96
C PRO A 285 18.70 58.03 21.80
N ALA A 286 18.03 58.99 22.43
CA ALA A 286 18.63 60.05 23.25
C ALA A 286 18.99 59.46 24.61
N HIS A 287 20.29 59.40 24.92
CA HIS A 287 20.89 58.98 26.21
C HIS A 287 20.81 57.48 26.51
N VAL A 288 21.98 56.87 26.74
CA VAL A 288 22.07 55.42 27.05
C VAL A 288 21.39 55.16 28.38
N ALA A 289 20.38 54.28 28.41
CA ALA A 289 19.66 53.96 29.66
C ALA A 289 20.29 52.76 30.37
N ALA A 290 19.56 52.15 31.31
CA ALA A 290 20.05 50.97 32.05
C ALA A 290 18.89 50.26 32.74
N PRO A 300 7.95 57.34 34.02
CA PRO A 300 7.64 56.53 32.84
C PRO A 300 7.47 57.37 31.57
N SER A 301 8.19 58.48 31.48
CA SER A 301 8.06 59.41 30.37
C SER A 301 8.58 58.78 29.07
N SER A 302 8.53 59.55 27.99
CA SER A 302 8.82 59.07 26.64
C SER A 302 10.11 59.71 26.13
N ILE A 303 11.18 58.90 26.06
CA ILE A 303 12.51 59.38 25.69
C ILE A 303 12.58 59.60 24.19
N ASP A 304 13.26 60.66 23.79
CA ASP A 304 13.26 61.09 22.39
C ASP A 304 14.46 60.51 21.64
N LEU A 305 14.59 60.92 20.37
CA LEU A 305 15.57 60.38 19.43
C LEU A 305 16.67 61.38 19.16
N VAL A 306 17.70 60.91 18.45
CA VAL A 306 18.89 61.68 18.11
C VAL A 306 19.41 61.17 16.77
N ARG A 307 19.72 62.09 15.85
CA ARG A 307 20.10 61.70 14.50
C ARG A 307 21.34 60.81 14.49
N ASN A 308 21.45 59.97 13.46
CA ASN A 308 22.58 59.07 13.25
C ASN A 308 23.43 59.56 12.08
N ASP A 309 24.74 59.29 12.16
CA ASP A 309 25.68 59.69 11.13
C ASP A 309 25.42 58.95 9.81
N ASP A 310 25.42 59.70 8.70
CA ASP A 310 25.21 59.13 7.37
C ASP A 310 26.52 58.50 6.90
N VAL A 311 26.56 57.16 6.96
CA VAL A 311 27.78 56.39 6.68
C VAL A 311 28.19 56.56 5.22
N LEU A 312 27.22 56.45 4.31
CA LEU A 312 27.49 56.57 2.89
C LEU A 312 27.95 57.98 2.56
N ALA A 313 27.42 58.98 3.27
CA ALA A 313 27.96 60.33 3.17
C ALA A 313 29.39 60.37 3.70
N GLY A 314 29.62 59.79 4.88
CA GLY A 314 30.96 59.77 5.42
C GLY A 314 31.98 59.16 4.47
N ALA A 315 31.56 58.15 3.71
CA ALA A 315 32.46 57.52 2.74
C ALA A 315 32.67 58.38 1.51
N VAL A 316 31.59 58.91 0.91
CA VAL A 316 31.79 59.77 -0.25
C VAL A 316 32.63 60.99 0.13
N ARG A 317 32.41 61.54 1.33
CA ARG A 317 33.22 62.64 1.82
C ARG A 317 34.68 62.23 1.96
N ALA A 318 34.93 61.12 2.67
CA ALA A 318 36.29 60.65 2.86
C ALA A 318 36.97 60.33 1.54
N ARG A 319 36.23 59.83 0.56
CA ARG A 319 36.82 59.63 -0.76
C ARG A 319 37.10 60.96 -1.43
N ALA A 320 36.17 61.91 -1.32
CA ALA A 320 36.38 63.22 -1.91
C ALA A 320 37.59 63.92 -1.31
N ASP A 321 37.90 63.64 -0.04
CA ASP A 321 39.05 64.18 0.65
C ASP A 321 40.30 63.31 0.51
N GLY A 322 40.39 62.50 -0.54
CA GLY A 322 41.59 61.71 -0.81
C GLY A 322 41.90 60.62 0.19
N GLN A 323 40.96 60.26 1.05
CA GLN A 323 41.22 59.31 2.13
C GLN A 323 40.90 57.86 1.75
N LEU A 324 40.30 57.60 0.58
CA LEU A 324 39.99 56.25 0.11
C LEU A 324 40.46 56.09 -1.32
N PRO A 325 41.77 56.04 -1.56
CA PRO A 325 42.28 55.96 -2.92
C PRO A 325 41.90 54.66 -3.62
N ASN A 326 41.71 53.57 -2.87
CA ASN A 326 41.39 52.29 -3.49
C ASN A 326 39.93 52.20 -3.93
N MET A 327 39.04 52.93 -3.26
CA MET A 327 37.61 52.84 -3.52
C MET A 327 37.27 53.45 -4.88
N ARG A 328 36.73 52.65 -5.79
CA ARG A 328 36.41 53.12 -7.13
C ARG A 328 34.93 52.98 -7.50
N ALA A 329 34.06 52.57 -6.59
CA ALA A 329 32.63 52.51 -6.88
C ALA A 329 31.86 52.43 -5.58
N ILE A 330 31.06 53.45 -5.28
CA ILE A 330 30.21 53.48 -4.10
C ILE A 330 28.76 53.37 -4.58
N VAL A 331 28.02 52.41 -4.04
CA VAL A 331 26.67 52.09 -4.49
C VAL A 331 25.69 52.37 -3.36
N GLY A 332 24.75 53.29 -3.60
CA GLY A 332 23.72 53.60 -2.63
C GLY A 332 22.39 52.98 -3.00
N PHE A 333 21.53 52.85 -1.99
CA PHE A 333 20.21 52.27 -2.17
C PHE A 333 19.15 53.32 -1.82
N ALA A 334 17.98 53.22 -2.45
CA ALA A 334 16.96 54.24 -2.24
C ALA A 334 15.58 53.62 -2.28
N ALA A 335 14.77 53.91 -1.25
CA ALA A 335 13.43 53.33 -1.16
C ALA A 335 12.40 54.32 -1.70
N GLU A 336 12.43 54.50 -3.01
CA GLU A 336 11.53 55.45 -3.65
C GLU A 336 10.73 54.79 -4.75
N VAL A 344 9.62 58.43 -9.73
CA VAL A 344 10.09 58.89 -11.03
C VAL A 344 11.59 58.68 -11.15
N LEU A 345 12.08 58.42 -12.36
CA LEU A 345 13.52 58.44 -12.59
C LEU A 345 14.11 59.80 -12.26
N PHE A 346 13.29 60.86 -12.39
CA PHE A 346 13.76 62.22 -12.16
C PHE A 346 14.20 62.43 -10.72
N HIS A 347 13.30 62.19 -9.76
CA HIS A 347 13.64 62.45 -8.37
C HIS A 347 14.80 61.58 -7.89
N ALA A 348 15.01 60.42 -8.52
CA ALA A 348 16.15 59.56 -8.19
C ALA A 348 17.43 60.11 -8.81
N ARG A 349 17.40 60.47 -10.10
CA ARG A 349 18.57 61.08 -10.74
C ARG A 349 19.13 62.23 -9.92
N ALA A 350 18.25 62.96 -9.22
CA ALA A 350 18.68 64.04 -8.32
C ALA A 350 19.23 63.50 -7.01
N LYS A 351 18.64 62.41 -6.49
CA LYS A 351 19.18 61.79 -5.28
C LYS A 351 20.61 61.31 -5.49
N LEU A 352 20.88 60.75 -6.67
CA LEU A 352 22.22 60.27 -6.98
C LEU A 352 23.25 61.40 -7.02
N GLU A 353 22.86 62.54 -7.56
CA GLU A 353 23.80 63.65 -7.66
C GLU A 353 24.10 64.24 -6.28
N ARG A 354 23.07 64.39 -5.44
CA ARG A 354 23.29 65.00 -4.13
C ARG A 354 24.02 64.05 -3.18
N LYS A 355 23.88 62.74 -3.37
CA LYS A 355 24.57 61.78 -2.51
C LYS A 355 26.04 61.67 -2.86
N GLY A 356 26.37 61.73 -4.15
CA GLY A 356 27.74 61.50 -4.59
C GLY A 356 28.04 60.06 -4.94
N CYS A 357 27.02 59.25 -5.19
CA CYS A 357 27.22 57.84 -5.51
C CYS A 357 27.75 57.65 -6.92
N ASP A 358 28.42 56.53 -7.13
CA ASP A 358 28.71 56.12 -8.50
C ASP A 358 27.53 55.38 -9.12
N LEU A 359 26.81 54.60 -8.32
CA LEU A 359 25.64 53.85 -8.73
C LEU A 359 24.59 54.00 -7.63
N LEU A 360 23.33 54.08 -8.03
CA LEU A 360 22.25 54.03 -7.04
C LEU A 360 21.12 53.15 -7.55
N VAL A 361 20.66 52.24 -6.68
CA VAL A 361 19.58 51.31 -6.99
C VAL A 361 18.36 51.77 -6.21
N VAL A 362 17.21 51.80 -6.88
CA VAL A 362 15.99 52.35 -6.28
C VAL A 362 14.85 51.36 -6.42
N ASN A 363 14.11 51.17 -5.33
CA ASN A 363 13.07 50.17 -5.20
C ASN A 363 11.69 50.66 -5.66
N GLY A 378 12.31 47.74 -10.00
CA GLY A 378 12.99 48.96 -9.62
C GLY A 378 13.68 49.72 -10.73
N TRP A 379 14.77 50.42 -10.38
CA TRP A 379 15.56 51.19 -11.32
C TRP A 379 16.99 51.26 -10.82
N LEU A 380 17.93 51.33 -11.74
CA LEU A 380 19.35 51.44 -11.41
C LEU A 380 19.95 52.54 -12.27
N LEU A 381 20.76 53.40 -11.67
CA LEU A 381 21.34 54.52 -12.39
C LEU A 381 22.79 54.72 -11.99
N SER A 382 23.56 55.26 -12.93
CA SER A 382 25.00 55.40 -12.85
C SER A 382 25.36 56.87 -12.86
N ALA A 383 26.59 57.19 -12.46
CA ALA A 383 27.12 58.52 -12.71
C ALA A 383 27.50 58.72 -14.18
N ASP A 384 27.44 57.66 -14.99
CA ASP A 384 27.72 57.73 -16.42
C ASP A 384 26.57 58.30 -17.24
N GLY A 385 25.44 58.63 -16.61
CA GLY A 385 24.26 59.04 -17.33
C GLY A 385 23.41 57.92 -17.89
N THR A 386 23.68 56.67 -17.51
CA THR A 386 22.91 55.52 -17.98
C THR A 386 21.81 55.21 -16.97
N GLU A 387 20.61 54.95 -17.47
CA GLU A 387 19.54 54.40 -16.64
C GLU A 387 19.18 53.01 -17.12
N SER A 388 18.57 52.23 -16.22
CA SER A 388 18.01 50.95 -16.60
C SER A 388 16.79 50.68 -15.75
N ALA A 389 15.78 50.08 -16.37
CA ALA A 389 14.62 49.59 -15.64
C ALA A 389 14.84 48.11 -15.31
N LEU A 390 14.69 47.77 -14.04
CA LEU A 390 14.80 46.39 -13.59
C LEU A 390 13.46 45.70 -13.80
N GLU A 391 13.43 44.72 -14.69
CA GLU A 391 12.34 43.77 -14.73
C GLU A 391 12.22 43.13 -13.35
N HIS A 392 11.03 43.20 -12.76
CA HIS A 392 10.87 42.66 -11.42
C HIS A 392 11.06 41.15 -11.41
N GLY A 393 11.79 40.67 -10.41
CA GLY A 393 12.11 39.27 -10.26
C GLY A 393 12.65 39.01 -8.86
N SER A 394 13.56 38.06 -8.74
CA SER A 394 14.08 37.69 -7.44
C SER A 394 15.18 38.64 -7.00
N LYS A 395 15.31 38.82 -5.68
CA LYS A 395 16.36 39.66 -5.11
C LYS A 395 17.74 39.23 -5.55
N THR A 396 17.95 37.93 -5.75
CA THR A 396 19.23 37.46 -6.28
C THR A 396 19.37 37.87 -7.74
N LEU A 397 18.29 37.83 -8.51
CA LEU A 397 18.37 38.31 -9.89
C LEU A 397 18.61 39.81 -9.96
N MET A 398 18.02 40.59 -9.04
CA MET A 398 18.34 42.01 -9.00
C MET A 398 19.83 42.21 -8.76
N ALA A 399 20.41 41.36 -7.89
CA ALA A 399 21.82 41.48 -7.56
C ALA A 399 22.69 41.28 -8.79
N THR A 400 22.29 40.39 -9.69
CA THR A 400 23.05 40.19 -10.92
C THR A 400 23.09 41.48 -11.73
N ARG A 401 21.97 42.19 -11.83
CA ARG A 401 21.97 43.43 -12.60
C ARG A 401 22.76 44.54 -11.90
N ILE A 402 22.72 44.59 -10.56
CA ILE A 402 23.53 45.54 -9.80
C ILE A 402 25.01 45.28 -10.05
N VAL A 403 25.42 44.02 -9.86
CA VAL A 403 26.82 43.66 -10.06
C VAL A 403 27.23 43.90 -11.51
N ASP A 404 26.32 43.65 -12.45
CA ASP A 404 26.59 43.92 -13.85
C ASP A 404 26.98 45.38 -14.07
N SER A 405 26.25 46.30 -13.43
CA SER A 405 26.58 47.69 -13.69
C SER A 405 27.78 48.13 -12.88
N ILE A 406 28.04 47.51 -11.72
CA ILE A 406 29.30 47.75 -11.04
C ILE A 406 30.46 47.38 -11.97
N ALA A 407 30.38 46.19 -12.59
CA ALA A 407 31.46 45.75 -13.47
C ALA A 407 31.57 46.64 -14.71
N ALA A 408 30.44 47.12 -15.24
CA ALA A 408 30.49 48.02 -16.39
C ALA A 408 31.03 49.39 -16.00
N PHE A 409 30.89 49.76 -14.73
CA PHE A 409 31.39 51.05 -14.29
C PHE A 409 32.91 51.03 -14.16
N LEU A 410 33.46 49.94 -13.61
CA LEU A 410 34.91 49.87 -13.48
C LEU A 410 35.60 49.63 -14.81
N LYS A 411 34.98 48.84 -15.71
CA LYS A 411 35.51 48.70 -17.05
C LYS A 411 35.61 50.04 -17.78
N SER A 412 34.86 51.05 -17.32
CA SER A 412 34.93 52.35 -17.97
C SER A 412 36.16 53.15 -17.56
N GLN A 413 36.79 52.82 -16.44
CA GLN A 413 37.88 53.65 -15.91
C GLN A 413 39.27 53.23 -16.43
N ALA B 4 32.96 14.44 30.47
CA ALA B 4 32.21 15.35 29.59
C ALA B 4 31.84 14.69 28.27
N ARG B 5 32.78 13.98 27.66
CA ARG B 5 32.51 13.33 26.36
C ARG B 5 31.80 12.00 26.59
N LYS B 6 30.55 11.94 26.17
CA LYS B 6 29.73 10.77 26.35
C LYS B 6 29.84 9.85 25.13
N ARG B 7 29.42 8.59 25.32
CA ARG B 7 29.39 7.58 24.27
C ARG B 7 27.95 7.40 23.80
N ILE B 8 27.69 7.70 22.54
CA ILE B 8 26.35 7.61 21.95
C ILE B 8 26.35 6.59 20.82
N VAL B 9 25.36 5.70 20.84
CA VAL B 9 25.00 4.87 19.71
C VAL B 9 23.94 5.61 18.91
N VAL B 10 24.09 5.69 17.60
CA VAL B 10 23.02 6.23 16.77
C VAL B 10 22.57 5.09 15.88
N GLY B 11 21.39 4.54 16.20
CA GLY B 11 20.78 3.54 15.35
C GLY B 11 20.08 4.21 14.18
N VAL B 12 20.26 3.63 13.00
CA VAL B 12 19.60 4.13 11.80
C VAL B 12 18.78 2.99 11.21
N ALA B 13 17.46 3.15 11.18
CA ALA B 13 16.62 2.15 10.52
C ALA B 13 16.35 2.55 9.07
N GLY B 14 15.61 1.70 8.36
CA GLY B 14 15.49 1.82 6.91
C GLY B 14 14.34 2.70 6.45
N GLY B 15 14.46 4.01 6.65
CA GLY B 15 13.46 4.94 6.18
C GLY B 15 14.09 5.99 5.31
N ILE B 16 13.26 6.59 4.46
CA ILE B 16 13.74 7.64 3.56
C ILE B 16 14.45 8.77 4.30
N ALA B 17 14.09 8.98 5.57
CA ALA B 17 14.70 10.03 6.38
C ALA B 17 16.10 9.65 6.86
N ALA B 18 16.67 8.57 6.34
CA ALA B 18 17.96 8.14 6.85
C ALA B 18 19.04 9.15 6.53
N TYR B 19 18.95 9.83 5.38
CA TYR B 19 19.95 10.87 5.15
C TYR B 19 19.93 11.97 6.21
N LYS B 20 18.79 12.19 6.89
CA LYS B 20 18.74 13.21 7.94
C LYS B 20 19.49 12.78 9.20
N ALA B 21 19.65 11.47 9.43
CA ALA B 21 20.50 10.98 10.53
C ALA B 21 21.95 11.42 10.38
N CYS B 22 22.42 11.53 9.13
CA CYS B 22 23.76 12.02 8.89
C CYS B 22 23.99 13.30 9.67
N THR B 23 23.06 14.26 9.55
CA THR B 23 23.16 15.52 10.28
C THR B 23 23.16 15.32 11.80
N VAL B 24 22.32 14.40 12.31
CA VAL B 24 22.34 14.10 13.74
C VAL B 24 23.72 13.60 14.16
N VAL B 25 24.33 12.72 13.38
CA VAL B 25 25.65 12.20 13.72
C VAL B 25 26.68 13.32 13.73
N ARG B 26 26.67 14.16 12.70
CA ARG B 26 27.65 15.25 12.59
C ARG B 26 27.56 16.21 13.77
N GLN B 27 26.33 16.52 14.23
CA GLN B 27 26.17 17.49 15.32
C GLN B 27 26.59 16.88 16.65
N LEU B 28 26.19 15.63 16.92
CA LEU B 28 26.62 14.97 18.14
C LEU B 28 28.14 14.90 18.20
N THR B 29 28.77 14.65 17.04
CA THR B 29 30.22 14.62 16.97
C THR B 29 30.80 16.03 17.21
N GLU B 30 30.16 17.06 16.65
CA GLU B 30 30.67 18.42 16.82
C GLU B 30 30.55 18.87 18.27
N ALA B 31 29.61 18.33 19.02
CA ALA B 31 29.47 18.65 20.43
C ALA B 31 30.49 17.93 21.31
N GLY B 32 31.46 17.25 20.72
CA GLY B 32 32.50 16.55 21.46
C GLY B 32 32.21 15.10 21.79
N HIS B 33 31.08 14.55 21.36
CA HIS B 33 30.68 13.22 21.79
C HIS B 33 31.22 12.14 20.86
N SER B 34 31.37 10.95 21.41
CA SER B 34 31.83 9.77 20.67
C SER B 34 30.60 9.04 20.12
N VAL B 35 30.49 8.96 18.81
CA VAL B 35 29.30 8.38 18.18
C VAL B 35 29.68 7.10 17.44
N ARG B 36 28.98 5.99 17.74
CA ARG B 36 28.98 4.84 16.87
C ARG B 36 27.62 4.67 16.22
N VAL B 37 27.64 4.55 14.90
CA VAL B 37 26.44 4.38 14.11
C VAL B 37 26.21 2.89 13.96
N VAL B 38 25.02 2.45 14.30
CA VAL B 38 24.58 1.08 14.10
C VAL B 38 23.39 1.10 13.21
N PRO B 39 23.53 0.91 11.90
CA PRO B 39 22.42 0.84 11.00
C PRO B 39 21.83 -0.57 10.94
N THR B 40 20.57 -0.63 10.52
CA THR B 40 20.04 -1.89 10.01
C THR B 40 20.58 -2.13 8.59
N GLU B 41 20.47 -3.38 8.14
CA GLU B 41 20.81 -3.70 6.76
C GLU B 41 19.95 -2.89 5.82
N SER B 42 18.67 -2.71 6.15
CA SER B 42 17.87 -1.96 5.20
C SER B 42 18.21 -0.47 5.18
N ALA B 43 18.83 0.08 6.22
CA ALA B 43 19.27 1.48 6.15
C ALA B 43 20.38 1.68 5.13
N LEU B 44 21.25 0.67 4.93
CA LEU B 44 22.30 0.75 3.92
C LEU B 44 21.77 0.89 2.49
N ARG B 45 20.48 0.66 2.26
CA ARG B 45 19.89 0.92 0.96
C ARG B 45 19.63 2.40 0.75
N PHE B 46 19.68 3.18 1.84
CA PHE B 46 19.43 4.61 1.77
C PHE B 46 20.69 5.46 1.94
N VAL B 47 21.48 5.23 3.00
CA VAL B 47 22.77 5.88 3.21
C VAL B 47 23.81 4.78 3.40
N GLY B 48 24.94 4.92 2.74
CA GLY B 48 25.94 3.88 2.79
C GLY B 48 26.79 3.95 4.03
N ALA B 49 27.33 2.79 4.37
CA ALA B 49 28.22 2.69 5.53
C ALA B 49 29.35 3.70 5.47
N ALA B 50 29.88 3.99 4.26
CA ALA B 50 30.98 4.94 4.10
C ALA B 50 30.63 6.32 4.62
N THR B 51 29.42 6.77 4.40
CA THR B 51 29.04 8.11 4.88
C THR B 51 29.05 8.11 6.39
N PHE B 52 28.48 7.10 7.00
CA PHE B 52 28.41 7.05 8.47
C PHE B 52 29.80 6.79 9.03
N GLU B 53 30.64 6.15 8.28
CA GLU B 53 31.98 5.90 8.80
C GLU B 53 32.75 7.21 8.79
N ALA B 54 32.54 8.06 7.82
CA ALA B 54 33.32 9.30 7.81
C ALA B 54 32.79 10.30 8.81
N LEU B 55 31.49 10.32 9.05
CA LEU B 55 30.91 11.33 9.95
C LEU B 55 31.18 10.95 11.39
N SER B 56 31.15 9.67 11.70
CA SER B 56 31.31 9.27 13.10
C SER B 56 32.76 9.06 13.45
N GLY B 57 33.55 8.57 12.53
CA GLY B 57 34.96 8.34 12.89
C GLY B 57 35.15 6.97 13.45
N ASN B 58 34.12 6.14 13.44
CA ASN B 58 34.24 4.76 13.95
C ASN B 58 33.67 3.82 12.91
N PRO B 59 33.96 2.52 12.99
CA PRO B 59 33.47 1.60 12.02
C PRO B 59 31.96 1.37 12.08
N VAL B 60 31.40 0.92 10.98
CA VAL B 60 29.94 0.72 10.90
C VAL B 60 29.67 -0.73 10.53
N HIS B 61 28.95 -1.42 11.39
CA HIS B 61 28.64 -2.84 11.21
C HIS B 61 27.14 -3.02 11.46
N THR B 62 26.51 -3.95 10.74
CA THR B 62 25.08 -4.13 10.92
C THR B 62 24.68 -5.37 11.71
N GLY B 63 25.59 -6.35 11.90
CA GLY B 63 25.28 -7.60 12.55
C GLY B 63 26.17 -7.96 13.74
N VAL B 64 25.79 -9.04 14.42
CA VAL B 64 26.48 -9.37 15.67
C VAL B 64 27.75 -10.15 15.43
N PHE B 65 27.89 -10.79 14.26
CA PHE B 65 28.97 -11.74 13.98
C PHE B 65 30.16 -11.08 13.30
N THR B 66 30.46 -9.82 13.62
CA THR B 66 31.69 -9.19 13.17
C THR B 66 32.46 -8.69 14.38
N ASP B 67 33.78 -8.90 14.36
CA ASP B 67 34.64 -8.56 15.49
C ASP B 67 34.12 -9.19 16.78
N VAL B 68 33.90 -10.50 16.69
CA VAL B 68 33.35 -11.28 17.79
C VAL B 68 34.33 -11.32 18.96
N HIS B 69 35.61 -11.27 18.62
CA HIS B 69 36.72 -11.29 19.61
C HIS B 69 36.66 -10.04 20.48
N GLU B 70 36.14 -8.94 19.94
CA GLU B 70 36.04 -7.68 20.70
C GLU B 70 34.68 -7.59 21.39
N VAL B 71 33.89 -8.67 21.34
CA VAL B 71 32.55 -8.79 21.96
C VAL B 71 31.75 -7.53 21.66
N GLN B 72 31.65 -7.14 20.40
CA GLN B 72 30.98 -5.86 20.06
C GLN B 72 29.46 -5.96 20.23
N HIS B 73 28.86 -7.14 20.28
CA HIS B 73 27.39 -7.21 20.43
C HIS B 73 26.92 -6.85 21.84
N VAL B 74 27.80 -6.88 22.83
CA VAL B 74 27.44 -6.51 24.22
C VAL B 74 28.11 -5.19 24.57
N ARG B 75 29.41 -5.08 24.29
CA ARG B 75 30.18 -3.87 24.67
C ARG B 75 29.57 -2.59 24.12
N ILE B 76 29.07 -2.58 22.88
CA ILE B 76 28.49 -1.32 22.34
C ILE B 76 27.37 -0.87 23.25
N GLY B 77 26.45 -1.75 23.59
CA GLY B 77 25.33 -1.38 24.44
C GLY B 77 25.72 -1.15 25.89
N GLN B 78 26.65 -1.96 26.41
CA GLN B 78 27.02 -1.85 27.82
C GLN B 78 27.74 -0.54 28.14
N GLN B 79 28.50 -0.02 27.19
CA GLN B 79 29.27 1.19 27.41
C GLN B 79 28.58 2.44 26.87
N ALA B 80 27.40 2.30 26.28
CA ALA B 80 26.69 3.45 25.75
C ALA B 80 26.16 4.36 26.86
N ASP B 81 26.29 5.66 26.68
CA ASP B 81 25.64 6.60 27.58
C ASP B 81 24.27 7.03 27.08
N LEU B 82 23.94 6.68 25.84
CA LEU B 82 22.66 7.01 25.25
C LEU B 82 22.51 6.19 23.98
N VAL B 83 21.28 5.81 23.64
CA VAL B 83 20.97 5.24 22.34
C VAL B 83 19.91 6.12 21.68
N VAL B 84 20.19 6.56 20.44
CA VAL B 84 19.28 7.35 19.63
C VAL B 84 18.99 6.60 18.34
N ILE B 85 17.71 6.37 18.04
CA ILE B 85 17.33 5.70 16.81
C ILE B 85 16.61 6.71 15.94
N ALA B 86 17.18 7.00 14.77
CA ALA B 86 16.72 8.07 13.91
C ALA B 86 17.11 7.73 12.48
N PRO B 87 16.15 7.50 11.59
CA PRO B 87 14.74 7.38 11.94
C PRO B 87 14.46 6.00 12.51
N ALA B 88 13.46 5.95 13.38
CA ALA B 88 12.91 4.69 13.86
C ALA B 88 11.69 4.38 13.00
N THR B 89 11.80 3.34 12.20
CA THR B 89 10.73 2.86 11.37
C THR B 89 9.68 2.08 12.19
N ALA B 90 8.51 1.89 11.60
CA ALA B 90 7.52 1.00 12.18
C ALA B 90 8.11 -0.38 12.43
N ASP B 91 8.90 -0.88 11.48
CA ASP B 91 9.44 -2.23 11.61
C ASP B 91 10.40 -2.31 12.78
N LEU B 92 11.32 -1.35 12.87
CA LEU B 92 12.24 -1.29 14.00
C LEU B 92 11.50 -1.22 15.33
N LEU B 93 10.50 -0.34 15.43
CA LEU B 93 9.71 -0.25 16.67
C LEU B 93 9.03 -1.59 16.95
N ALA B 94 8.54 -2.24 15.91
CA ALA B 94 7.84 -3.49 16.13
C ALA B 94 8.81 -4.54 16.66
N ARG B 95 10.07 -4.48 16.21
CA ARG B 95 11.06 -5.45 16.67
C ARG B 95 11.53 -5.12 18.07
N ALA B 96 11.68 -3.83 18.34
CA ALA B 96 12.13 -3.44 19.67
C ALA B 96 11.13 -3.87 20.73
N VAL B 97 9.83 -3.81 20.40
CA VAL B 97 8.79 -4.21 21.34
C VAL B 97 8.83 -5.71 21.55
N ALA B 98 8.84 -6.47 20.45
CA ALA B 98 8.89 -7.93 20.50
C ALA B 98 10.11 -8.45 21.24
N GLY B 99 11.14 -7.62 21.37
CA GLY B 99 12.40 -8.06 21.93
C GLY B 99 13.28 -8.80 20.95
N ARG B 100 13.19 -8.48 19.67
CA ARG B 100 14.06 -9.12 18.70
C ARG B 100 15.51 -8.69 18.92
N ALA B 101 16.42 -9.60 18.60
CA ALA B 101 17.85 -9.31 18.69
C ALA B 101 18.58 -9.86 17.48
N ASP B 102 17.94 -9.82 16.30
CA ASP B 102 18.45 -10.54 15.14
C ASP B 102 19.39 -9.68 14.29
N ASP B 103 19.69 -8.45 14.70
CA ASP B 103 20.80 -7.70 14.13
C ASP B 103 21.46 -6.93 15.26
N LEU B 104 22.56 -6.24 14.91
CA LEU B 104 23.33 -5.50 15.90
C LEU B 104 22.54 -4.34 16.48
N LEU B 105 21.67 -3.69 15.70
CA LEU B 105 20.91 -2.60 16.31
C LEU B 105 19.96 -3.13 17.37
N THR B 106 19.16 -4.17 17.07
CA THR B 106 18.19 -4.63 18.06
C THR B 106 18.86 -5.37 19.22
N ALA B 107 19.94 -6.11 18.96
CA ALA B 107 20.68 -6.69 20.10
C ALA B 107 21.21 -5.59 21.02
N THR B 108 21.72 -4.50 20.44
CA THR B 108 22.19 -3.36 21.23
C THR B 108 21.09 -2.77 22.07
N LEU B 109 19.86 -2.73 21.55
CA LEU B 109 18.76 -2.19 22.37
C LEU B 109 18.53 -3.04 23.60
N LEU B 110 18.56 -4.38 23.45
CA LEU B 110 18.35 -5.28 24.59
C LEU B 110 19.45 -5.13 25.65
N THR B 111 20.65 -4.80 25.22
CA THR B 111 21.78 -4.72 26.12
C THR B 111 21.87 -3.37 26.81
N ALA B 112 21.30 -2.32 26.22
CA ALA B 112 21.49 -0.98 26.77
C ALA B 112 20.79 -0.82 28.10
N ARG B 113 21.55 -0.32 29.08
CA ARG B 113 21.05 0.02 30.40
C ARG B 113 21.26 1.52 30.59
N CYS B 114 20.90 2.29 29.57
CA CYS B 114 21.04 3.73 29.45
C CYS B 114 19.77 4.27 28.82
N PRO B 115 19.54 5.58 28.84
CA PRO B 115 18.35 6.12 28.16
C PRO B 115 18.33 5.78 26.67
N VAL B 116 17.12 5.52 26.17
CA VAL B 116 16.89 5.09 24.80
C VAL B 116 15.87 6.05 24.19
N LEU B 117 16.28 6.71 23.11
CA LEU B 117 15.49 7.74 22.44
C LEU B 117 15.17 7.27 21.03
N PHE B 118 13.88 7.02 20.76
CA PHE B 118 13.40 6.73 19.41
C PHE B 118 12.88 8.01 18.76
N ALA B 119 13.31 8.29 17.53
CA ALA B 119 12.74 9.36 16.75
C ALA B 119 12.01 8.72 15.57
N PRO B 120 10.74 8.38 15.73
CA PRO B 120 10.05 7.66 14.64
C PRO B 120 9.81 8.56 13.45
N ALA B 121 9.82 7.94 12.28
CA ALA B 121 9.53 8.65 11.03
C ALA B 121 8.88 7.68 10.08
N MET B 122 7.74 8.03 9.51
CA MET B 122 7.03 7.12 8.64
C MET B 122 5.83 7.83 8.08
N HIS B 123 5.12 7.16 7.17
CA HIS B 123 3.87 7.67 6.66
C HIS B 123 2.79 7.65 7.74
N THR B 124 1.89 8.64 7.66
CA THR B 124 0.85 8.83 8.68
C THR B 124 0.08 7.54 8.93
N GLU B 125 -0.29 6.83 7.86
CA GLU B 125 -1.07 5.61 8.00
C GLU B 125 -0.32 4.57 8.82
N MET B 126 0.99 4.46 8.61
CA MET B 126 1.78 3.58 9.44
C MET B 126 1.79 4.06 10.89
N TRP B 127 2.02 5.37 11.09
CA TRP B 127 2.11 5.91 12.44
C TRP B 127 0.82 5.70 13.20
N LEU B 128 -0.31 5.84 12.53
CA LEU B 128 -1.62 5.75 13.15
C LEU B 128 -2.20 4.35 13.15
N HIS B 129 -1.51 3.37 12.55
CA HIS B 129 -2.00 2.00 12.53
C HIS B 129 -2.00 1.46 13.96
N PRO B 130 -3.00 0.66 14.32
CA PRO B 130 -3.13 0.23 15.74
C PRO B 130 -1.96 -0.63 16.24
N ALA B 131 -1.27 -1.36 15.36
CA ALA B 131 -0.06 -2.06 15.77
C ALA B 131 1.05 -1.08 16.20
N THR B 132 1.25 -0.02 15.41
CA THR B 132 2.27 0.98 15.75
C THR B 132 1.90 1.71 17.02
N VAL B 133 0.62 2.03 17.16
CA VAL B 133 0.18 2.81 18.31
C VAL B 133 0.46 2.02 19.59
N ASP B 134 0.04 0.74 19.62
CA ASP B 134 0.31 -0.11 20.79
C ASP B 134 1.81 -0.31 20.99
N ASN B 135 2.55 -0.47 19.90
CA ASN B 135 4.01 -0.64 20.04
C ASN B 135 4.64 0.60 20.64
N VAL B 136 4.20 1.79 20.21
CA VAL B 136 4.76 3.01 20.78
C VAL B 136 4.37 3.12 22.25
N ALA B 137 3.12 2.80 22.59
CA ALA B 137 2.72 2.80 23.99
C ALA B 137 3.56 1.84 24.83
N THR B 138 3.82 0.64 24.30
CA THR B 138 4.59 -0.34 25.05
C THR B 138 6.02 0.11 25.30
N LEU B 139 6.70 0.65 24.26
CA LEU B 139 8.03 1.22 24.49
C LEU B 139 7.99 2.36 25.48
N ARG B 140 6.97 3.23 25.41
CA ARG B 140 6.86 4.30 26.38
C ARG B 140 6.70 3.74 27.80
N ARG B 141 5.82 2.76 27.98
CA ARG B 141 5.63 2.28 29.35
C ARG B 141 6.82 1.44 29.81
N ARG B 142 7.68 1.00 28.89
CA ARG B 142 8.91 0.32 29.29
C ARG B 142 10.04 1.28 29.61
N GLY B 143 9.82 2.59 29.50
CA GLY B 143 10.82 3.56 29.89
C GLY B 143 11.63 4.19 28.77
N ALA B 144 11.34 3.89 27.52
CA ALA B 144 12.01 4.59 26.44
C ALA B 144 11.26 5.87 26.08
N VAL B 145 12.00 6.85 25.57
CA VAL B 145 11.41 8.07 25.01
C VAL B 145 11.10 7.82 23.54
N VAL B 146 9.85 8.09 23.14
CA VAL B 146 9.45 8.00 21.75
C VAL B 146 8.98 9.37 21.33
N LEU B 147 9.86 10.14 20.68
CA LEU B 147 9.54 11.46 20.17
C LEU B 147 8.24 11.45 19.35
N GLU B 148 7.40 12.42 19.62
CA GLU B 148 6.27 12.65 18.74
C GLU B 148 6.78 13.23 17.44
N PRO B 149 6.49 12.63 16.29
CA PRO B 149 7.05 13.12 15.03
C PRO B 149 6.39 14.42 14.61
N ALA B 150 7.00 15.05 13.61
CA ALA B 150 6.50 16.32 13.12
C ALA B 150 5.36 16.11 12.12
N SER B 151 4.71 17.20 11.74
CA SER B 151 3.69 17.15 10.69
C SER B 151 4.05 18.06 9.51
N SER B 159 0.92 14.85 4.55
CA SER B 159 0.45 16.11 5.11
C SER B 159 0.11 16.01 6.62
N GLY B 160 0.29 14.82 7.20
CA GLY B 160 -0.05 14.58 8.59
C GLY B 160 1.15 14.26 9.47
N PRO B 161 0.90 13.67 10.64
CA PRO B 161 2.03 13.26 11.51
C PRO B 161 2.84 12.12 10.91
N GLY B 162 4.12 12.09 11.26
CA GLY B 162 5.00 11.04 10.78
C GLY B 162 6.36 11.49 10.26
N ARG B 163 6.55 12.77 9.99
CA ARG B 163 7.85 13.20 9.48
C ARG B 163 8.88 13.27 10.58
N LEU B 164 10.13 12.96 10.23
CA LEU B 164 11.20 12.97 11.22
C LEU B 164 11.34 14.38 11.78
N PRO B 165 11.47 14.54 13.10
CA PRO B 165 11.79 15.86 13.65
C PRO B 165 13.13 16.34 13.13
N GLU B 166 13.28 17.66 13.06
CA GLU B 166 14.52 18.23 12.58
C GLU B 166 15.69 17.72 13.40
N ALA B 167 16.87 17.68 12.77
CA ALA B 167 18.05 17.13 13.42
C ALA B 167 18.44 17.93 14.65
N GLU B 168 18.21 19.24 14.66
CA GLU B 168 18.51 20.00 15.87
C GLU B 168 17.62 19.58 17.03
N GLU B 169 16.33 19.35 16.78
CA GLU B 169 15.44 18.93 17.86
C GLU B 169 15.90 17.61 18.46
N ILE B 170 16.36 16.68 17.62
CA ILE B 170 16.81 15.36 18.09
C ILE B 170 18.13 15.49 18.85
N THR B 171 19.07 16.28 18.31
CA THR B 171 20.34 16.52 19.00
C THR B 171 20.10 17.17 20.36
N THR B 172 19.21 18.16 20.41
CA THR B 172 18.95 18.87 21.64
C THR B 172 18.36 17.94 22.69
N LEU B 173 17.35 17.16 22.30
CA LEU B 173 16.77 16.19 23.22
C LEU B 173 17.76 15.09 23.59
N ALA B 174 18.72 14.78 22.72
CA ALA B 174 19.74 13.78 23.05
C ALA B 174 20.69 14.29 24.13
N GLN B 175 21.24 15.49 23.96
CA GLN B 175 22.09 16.07 25.00
C GLN B 175 21.32 16.33 26.29
N LEU B 176 19.99 16.50 26.20
CA LEU B 176 19.17 16.62 27.39
C LEU B 176 19.19 15.33 28.19
N LEU B 177 18.87 14.21 27.54
CA LEU B 177 18.91 12.91 28.20
C LEU B 177 20.31 12.55 28.68
N LEU B 178 21.37 13.06 28.03
CA LEU B 178 22.70 12.82 28.56
C LEU B 178 22.91 13.54 29.89
N GLU B 179 22.26 14.68 30.08
CA GLU B 179 22.43 15.46 31.31
C GLU B 179 21.49 14.97 32.41
N ARG B 180 20.37 14.39 32.04
CA ARG B 180 19.34 14.02 33.00
C ARG B 180 18.50 12.89 32.41
N ALA B 181 18.70 11.67 32.90
CA ALA B 181 18.10 10.52 32.22
C ALA B 181 16.59 10.52 32.33
N ASP B 182 16.03 11.01 33.44
CA ASP B 182 14.59 11.03 33.68
C ASP B 182 13.92 12.31 33.16
N ALA B 183 14.53 12.99 32.18
CA ALA B 183 14.06 14.31 31.80
C ALA B 183 12.69 14.28 31.10
N LEU B 184 12.29 13.16 30.47
CA LEU B 184 11.16 13.18 29.55
C LEU B 184 10.21 12.01 29.79
N PRO B 185 9.63 11.89 30.99
CA PRO B 185 8.59 10.88 31.20
C PRO B 185 7.31 11.24 30.44
N TYR B 186 6.59 10.22 29.99
CA TYR B 186 5.36 10.45 29.24
C TYR B 186 4.20 10.62 30.24
N ASP B 187 4.22 11.77 30.91
CA ASP B 187 3.34 12.05 32.03
C ASP B 187 2.26 13.09 31.75
N MET B 188 2.49 14.00 30.80
CA MET B 188 1.55 15.06 30.51
C MET B 188 0.54 14.70 29.43
N ALA B 189 0.26 13.41 29.25
CA ALA B 189 -0.77 13.00 28.32
C ALA B 189 -2.11 13.60 28.74
N GLY B 190 -2.90 14.03 27.75
CA GLY B 190 -4.19 14.62 28.02
C GLY B 190 -4.15 16.04 28.55
N VAL B 191 -2.97 16.64 28.65
CA VAL B 191 -2.81 18.01 29.11
C VAL B 191 -2.71 18.91 27.88
N LYS B 192 -3.51 19.97 27.86
CA LYS B 192 -3.47 20.96 26.79
C LYS B 192 -2.80 22.23 27.31
N ALA B 193 -1.83 22.74 26.55
CA ALA B 193 -0.96 23.80 27.04
C ALA B 193 -0.79 24.86 25.96
N LEU B 194 -1.06 26.11 26.34
CA LEU B 194 -0.73 27.27 25.51
C LEU B 194 0.54 27.89 26.07
N VAL B 195 1.54 28.07 25.22
CA VAL B 195 2.83 28.63 25.57
C VAL B 195 3.04 29.91 24.78
N THR B 196 3.72 30.87 25.38
CA THR B 196 4.17 32.06 24.69
C THR B 196 5.68 32.18 24.80
N ALA B 197 6.29 32.76 23.76
CA ALA B 197 7.74 32.87 23.72
C ALA B 197 8.14 33.96 22.74
N GLY B 198 9.35 34.47 22.94
CA GLY B 198 9.92 35.43 22.02
C GLY B 198 9.54 36.86 22.37
N GLY B 199 10.39 37.78 21.91
CA GLY B 199 10.15 39.19 22.14
C GLY B 199 9.17 39.76 21.13
N THR B 200 8.25 40.58 21.64
CA THR B 200 7.23 41.15 20.78
C THR B 200 7.77 42.41 20.09
N ARG B 201 7.09 42.83 19.03
CA ARG B 201 7.52 43.96 18.21
C ARG B 201 6.39 45.00 18.21
N GLU B 202 6.57 46.08 19.00
CA GLU B 202 5.58 47.16 19.05
C GLU B 202 5.87 48.18 17.96
N PRO B 203 4.97 48.38 17.01
CA PRO B 203 5.30 49.19 15.83
C PRO B 203 5.11 50.68 16.06
N LEU B 204 5.84 51.46 15.25
CA LEU B 204 5.71 52.91 15.20
C LEU B 204 5.68 53.39 13.75
N ASP B 205 5.63 52.48 12.81
CA ASP B 205 5.88 52.70 11.39
C ASP B 205 5.52 51.38 10.72
N PRO B 206 5.02 51.38 9.48
CA PRO B 206 4.89 50.11 8.76
C PRO B 206 6.22 49.44 8.47
N VAL B 207 7.35 50.08 8.80
CA VAL B 207 8.67 49.47 8.65
C VAL B 207 9.45 49.46 9.96
N ARG B 208 9.41 50.54 10.73
CA ARG B 208 10.17 50.61 11.97
C ARG B 208 9.34 50.11 13.15
N PHE B 209 10.02 49.86 14.27
CA PHE B 209 9.36 49.32 15.45
C PHE B 209 10.34 49.35 16.62
N ILE B 210 9.84 48.96 17.80
CA ILE B 210 10.63 48.78 19.00
C ILE B 210 10.54 47.32 19.41
N GLY B 211 11.67 46.76 19.87
CA GLY B 211 11.69 45.37 20.28
C GLY B 211 12.78 45.13 21.31
N ASN B 212 12.82 43.89 21.78
CA ASN B 212 13.79 43.48 22.80
C ASN B 212 14.59 42.28 22.33
N ARG B 213 15.43 41.73 23.22
CA ARG B 213 16.51 40.83 22.83
C ARG B 213 16.28 39.39 23.27
N SER B 214 15.05 39.00 23.62
CA SER B 214 14.82 37.67 24.16
C SER B 214 14.90 36.65 23.03
N SER B 215 15.61 35.53 23.27
CA SER B 215 15.79 34.53 22.22
C SER B 215 14.47 33.86 21.84
N GLY B 216 13.59 33.68 22.82
CA GLY B 216 12.50 32.72 22.69
C GLY B 216 12.88 31.31 23.07
N LYS B 217 14.18 31.04 23.29
CA LYS B 217 14.66 29.68 23.50
C LYS B 217 13.97 29.02 24.70
N GLN B 218 13.88 29.72 25.83
CA GLN B 218 13.31 29.07 27.00
C GLN B 218 11.83 28.80 26.79
N GLY B 219 11.10 29.74 26.18
CA GLY B 219 9.71 29.45 25.80
C GLY B 219 9.62 28.27 24.88
N TYR B 220 10.43 28.27 23.81
CA TYR B 220 10.45 27.12 22.91
C TYR B 220 10.86 25.85 23.66
N ALA B 221 11.89 25.94 24.50
CA ALA B 221 12.32 24.80 25.29
C ALA B 221 11.18 24.23 26.12
N VAL B 222 10.42 25.11 26.79
CA VAL B 222 9.32 24.62 27.61
C VAL B 222 8.24 24.00 26.73
N ALA B 223 7.95 24.61 25.57
CA ALA B 223 6.95 24.03 24.67
C ALA B 223 7.40 22.68 24.14
N ARG B 224 8.67 22.56 23.74
CA ARG B 224 9.21 21.30 23.25
C ARG B 224 9.13 20.22 24.32
N VAL B 225 9.56 20.53 25.54
CA VAL B 225 9.57 19.54 26.60
C VAL B 225 8.15 19.11 26.95
N LEU B 226 7.20 20.06 26.96
CA LEU B 226 5.81 19.67 27.14
C LEU B 226 5.35 18.75 26.02
N ALA B 227 5.78 19.02 24.78
CA ALA B 227 5.26 18.27 23.66
C ALA B 227 5.81 16.85 23.68
N GLN B 228 7.09 16.70 23.98
CA GLN B 228 7.73 15.40 24.03
C GLN B 228 7.45 14.62 25.31
N ARG B 229 6.65 15.18 26.22
CA ARG B 229 6.17 14.45 27.37
C ARG B 229 4.67 14.15 27.29
N GLY B 230 4.05 14.45 26.15
CA GLY B 230 2.68 14.04 25.89
C GLY B 230 1.68 15.16 25.81
N ALA B 231 2.05 16.39 26.12
CA ALA B 231 1.10 17.49 26.11
C ALA B 231 0.79 17.88 24.68
N ASP B 232 -0.49 18.08 24.39
CA ASP B 232 -0.92 18.67 23.12
C ASP B 232 -0.71 20.17 23.24
N VAL B 233 0.39 20.67 22.68
CA VAL B 233 0.87 22.02 22.93
C VAL B 233 0.50 22.96 21.80
N THR B 234 0.16 24.20 22.17
CA THR B 234 0.00 25.31 21.25
C THR B 234 0.95 26.41 21.68
N LEU B 235 1.68 26.97 20.71
CA LEU B 235 2.78 27.90 20.99
C LEU B 235 2.62 29.14 20.13
N ILE B 236 2.34 30.28 20.76
CA ILE B 236 2.29 31.56 20.06
C ILE B 236 3.63 32.27 20.26
N ALA B 237 4.31 32.57 19.16
CA ALA B 237 5.65 33.14 19.21
C ALA B 237 5.67 34.53 18.60
N GLY B 238 6.62 35.33 19.06
CA GLY B 238 6.88 36.62 18.46
C GLY B 238 8.21 36.58 17.73
N ASN B 239 9.03 37.61 17.93
CA ASN B 239 10.36 37.60 17.35
C ASN B 239 11.23 36.59 18.09
N THR B 240 11.81 35.65 17.35
CA THR B 240 12.66 34.63 17.92
C THR B 240 14.04 34.75 17.31
N ALA B 241 15.03 34.08 17.93
CA ALA B 241 16.37 34.10 17.38
C ALA B 241 16.49 33.09 16.24
N GLY B 242 15.58 33.17 15.28
CA GLY B 242 15.54 32.21 14.19
C GLY B 242 15.32 30.79 14.65
N LEU B 243 14.47 30.60 15.67
CA LEU B 243 14.14 29.28 16.17
C LEU B 243 13.20 28.59 15.20
N ILE B 244 13.40 27.32 14.97
CA ILE B 244 12.50 26.59 14.12
C ILE B 244 11.48 25.86 15.00
N ASP B 245 10.31 25.59 14.42
CA ASP B 245 9.15 25.17 15.19
C ASP B 245 9.34 23.79 15.81
N PRO B 246 8.97 23.59 17.07
CA PRO B 246 9.05 22.25 17.65
C PRO B 246 8.04 21.28 17.05
N ALA B 247 8.47 20.03 16.93
CA ALA B 247 7.64 18.98 16.36
C ALA B 247 6.41 18.73 17.22
N GLY B 248 5.26 18.67 16.57
CA GLY B 248 4.04 18.34 17.26
C GLY B 248 3.37 19.47 18.03
N VAL B 249 3.93 20.68 18.03
CA VAL B 249 3.27 21.83 18.67
C VAL B 249 2.62 22.66 17.58
N GLU B 250 1.43 23.15 17.86
CA GLU B 250 0.73 24.02 16.92
C GLU B 250 1.24 25.44 17.03
N MET B 251 1.69 25.99 15.91
CA MET B 251 2.29 27.32 15.89
C MET B 251 1.24 28.38 15.61
N VAL B 252 1.32 29.47 16.35
CA VAL B 252 0.54 30.66 16.06
C VAL B 252 1.51 31.84 16.16
N HIS B 253 1.99 32.33 15.02
CA HIS B 253 2.92 33.44 15.06
C HIS B 253 2.15 34.73 15.32
N ILE B 254 2.71 35.62 16.14
CA ILE B 254 2.10 36.92 16.34
C ILE B 254 3.14 38.02 16.15
N GLY B 255 2.63 39.25 16.13
CA GLY B 255 3.36 40.48 15.96
C GLY B 255 3.45 41.28 17.24
N SER B 256 2.51 42.20 17.43
CA SER B 256 2.51 43.16 18.52
C SER B 256 2.27 42.49 19.87
N ALA B 257 2.56 43.25 20.93
CA ALA B 257 2.09 42.87 22.26
C ALA B 257 0.56 42.85 22.35
N THR B 258 -0.14 43.52 21.43
CA THR B 258 -1.61 43.46 21.41
C THR B 258 -2.09 42.18 20.73
N GLN B 259 -1.51 41.87 19.55
CA GLN B 259 -1.84 40.65 18.83
C GLN B 259 -1.54 39.40 19.67
N LEU B 260 -0.55 39.48 20.57
CA LEU B 260 -0.35 38.43 21.57
C LEU B 260 -1.59 38.23 22.43
N ARG B 261 -2.13 39.32 22.98
CA ARG B 261 -3.29 39.21 23.85
C ARG B 261 -4.46 38.54 23.14
N ASP B 262 -4.77 38.97 21.91
CA ASP B 262 -5.92 38.40 21.21
C ASP B 262 -5.71 36.91 20.95
N ALA B 263 -4.49 36.52 20.59
CA ALA B 263 -4.20 35.11 20.34
C ALA B 263 -4.38 34.28 21.61
N VAL B 264 -3.88 34.79 22.74
CA VAL B 264 -4.10 34.13 24.02
C VAL B 264 -5.60 33.94 24.26
N SER B 265 -6.36 35.04 24.26
CA SER B 265 -7.78 34.93 24.56
C SER B 265 -8.54 34.21 23.47
N LYS B 266 -7.94 33.95 22.30
CA LYS B 266 -8.60 33.12 21.30
C LYS B 266 -8.46 31.63 21.64
N HIS B 267 -7.29 31.23 22.14
CA HIS B 267 -7.00 29.83 22.40
C HIS B 267 -6.97 29.45 23.87
N ALA B 268 -6.86 30.41 24.77
CA ALA B 268 -6.76 30.10 26.20
C ALA B 268 -7.93 29.32 26.77
N PRO B 269 -9.19 29.56 26.35
CA PRO B 269 -10.30 28.77 26.94
C PRO B 269 -10.13 27.28 26.76
N ASP B 270 -9.62 26.84 25.60
CA ASP B 270 -9.38 25.42 25.37
C ASP B 270 -8.17 24.91 26.17
N ALA B 271 -7.34 25.80 26.70
CA ALA B 271 -6.10 25.39 27.34
C ALA B 271 -6.34 24.93 28.77
N ASN B 272 -5.64 23.86 29.18
CA ASN B 272 -5.59 23.42 30.57
C ASN B 272 -4.45 24.05 31.35
N VAL B 273 -3.42 24.54 30.65
CA VAL B 273 -2.20 25.07 31.25
C VAL B 273 -1.73 26.21 30.34
N LEU B 274 -1.11 27.23 30.94
CA LEU B 274 -0.61 28.37 30.17
C LEU B 274 0.70 28.82 30.77
N VAL B 275 1.71 29.02 29.93
CA VAL B 275 3.02 29.45 30.41
C VAL B 275 3.45 30.68 29.62
N MET B 276 3.51 31.82 30.32
CA MET B 276 3.92 33.09 29.75
C MET B 276 5.45 33.18 29.85
N ALA B 277 6.14 32.72 28.82
CA ALA B 277 7.56 32.94 28.71
C ALA B 277 7.89 34.11 27.81
N ALA B 278 6.91 34.58 27.04
CA ALA B 278 7.14 35.74 26.19
C ALA B 278 7.64 36.91 27.01
N ALA B 279 8.58 37.65 26.43
CA ALA B 279 9.00 38.94 26.96
C ALA B 279 8.22 39.99 26.19
N VAL B 280 7.00 40.26 26.65
CA VAL B 280 6.20 41.34 26.09
C VAL B 280 6.74 42.67 26.59
N ALA B 281 6.77 43.67 25.71
CA ALA B 281 7.30 44.98 26.08
C ALA B 281 6.30 45.72 26.95
N ASP B 282 6.82 46.48 27.92
CA ASP B 282 5.95 47.16 28.87
C ASP B 282 4.98 48.09 28.16
N PHE B 283 5.49 49.11 27.47
CA PHE B 283 4.67 50.12 26.82
C PHE B 283 4.51 49.81 25.32
N ARG B 284 3.87 50.75 24.59
CA ARG B 284 3.53 50.63 23.18
C ARG B 284 3.26 52.00 22.54
N PRO B 285 3.77 52.26 21.35
CA PRO B 285 3.54 53.57 20.71
C PRO B 285 2.09 53.75 20.26
N ALA B 286 1.64 54.99 20.25
CA ALA B 286 0.26 55.33 19.90
C ALA B 286 0.09 55.96 18.53
N HIS B 287 1.09 56.66 18.02
CA HIS B 287 1.05 57.25 16.69
C HIS B 287 1.95 56.45 15.74
N VAL B 288 1.36 55.84 14.72
CA VAL B 288 2.11 55.07 13.74
C VAL B 288 2.11 55.88 12.43
N ALA B 289 3.19 56.61 12.21
CA ALA B 289 3.36 57.35 10.95
C ALA B 289 3.61 56.39 9.80
N ALA B 290 2.82 56.53 8.73
CA ALA B 290 2.95 55.63 7.59
C ALA B 290 4.23 55.83 6.80
N ALA B 291 4.99 56.90 7.09
CA ALA B 291 6.28 57.13 6.45
C ALA B 291 7.43 56.94 7.44
N ILE B 303 7.74 60.68 20.21
CA ILE B 303 7.77 59.49 21.05
C ILE B 303 6.47 59.35 21.82
N ASP B 304 5.43 58.84 21.16
CA ASP B 304 4.09 58.83 21.74
C ASP B 304 3.75 57.40 22.14
N LEU B 305 4.16 57.03 23.36
CA LEU B 305 3.94 55.70 23.89
C LEU B 305 2.60 55.61 24.63
N VAL B 306 2.16 54.37 24.83
CA VAL B 306 0.98 54.09 25.64
C VAL B 306 1.18 52.72 26.28
N ARG B 307 1.14 52.66 27.61
CA ARG B 307 1.51 51.45 28.34
C ARG B 307 0.59 50.29 27.99
N ASN B 308 1.18 49.13 27.71
CA ASN B 308 0.46 47.94 27.28
C ASN B 308 -0.06 47.14 28.48
N ASP B 309 -1.07 46.32 28.21
CA ASP B 309 -1.76 45.57 29.24
C ASP B 309 -1.00 44.30 29.62
N ASP B 310 -1.19 43.86 30.86
CA ASP B 310 -0.54 42.66 31.38
C ASP B 310 -1.36 41.46 30.96
N VAL B 311 -0.84 40.68 30.00
CA VAL B 311 -1.60 39.55 29.49
C VAL B 311 -1.68 38.45 30.52
N LEU B 312 -0.55 38.15 31.18
CA LEU B 312 -0.54 37.23 32.32
C LEU B 312 -1.55 37.62 33.41
N ALA B 313 -1.49 38.86 33.89
CA ALA B 313 -2.37 39.28 34.98
C ALA B 313 -3.84 39.26 34.57
N GLY B 314 -4.13 39.57 33.30
CA GLY B 314 -5.48 39.47 32.79
C GLY B 314 -6.00 38.05 32.70
N ALA B 315 -5.12 37.06 32.54
CA ALA B 315 -5.55 35.67 32.47
C ALA B 315 -6.11 35.21 33.81
N VAL B 316 -5.46 35.58 34.91
CA VAL B 316 -5.95 35.25 36.24
C VAL B 316 -7.34 35.82 36.52
N ARG B 317 -7.80 36.79 35.73
CA ARG B 317 -9.08 37.42 36.00
C ARG B 317 -10.23 36.80 35.21
N ALA B 318 -9.97 36.48 33.95
CA ALA B 318 -11.00 35.63 33.34
C ALA B 318 -11.03 34.33 34.15
N ARG B 319 -9.93 34.06 34.87
CA ARG B 319 -9.81 32.90 35.76
C ARG B 319 -10.95 33.02 36.74
N ALA B 320 -10.94 34.12 37.49
CA ALA B 320 -11.96 34.37 38.51
C ALA B 320 -13.33 34.67 37.91
N ASP B 321 -13.41 35.57 36.94
CA ASP B 321 -14.71 35.97 36.43
C ASP B 321 -15.46 34.77 35.84
N GLY B 322 -14.82 33.61 35.76
CA GLY B 322 -15.53 32.35 35.59
C GLY B 322 -15.60 31.75 34.20
N GLN B 323 -14.72 32.14 33.28
CA GLN B 323 -14.77 31.60 31.93
C GLN B 323 -13.57 30.75 31.58
N LEU B 324 -12.81 30.27 32.56
CA LEU B 324 -11.73 29.33 32.34
C LEU B 324 -11.92 28.06 33.18
N PRO B 325 -13.08 27.38 33.05
CA PRO B 325 -13.28 26.17 33.85
C PRO B 325 -12.44 25.01 33.35
N ASN B 326 -11.55 25.27 32.39
CA ASN B 326 -10.53 24.32 31.99
C ASN B 326 -9.17 24.63 32.62
N MET B 327 -8.85 25.90 32.81
CA MET B 327 -7.53 26.29 33.31
C MET B 327 -7.27 25.72 34.69
N ARG B 328 -6.12 25.05 34.85
CA ARG B 328 -5.74 24.43 36.11
C ARG B 328 -4.31 24.75 36.54
N ALA B 329 -3.60 25.60 35.78
CA ALA B 329 -2.23 26.01 36.11
C ALA B 329 -1.82 27.18 35.24
N ILE B 330 -1.22 28.20 35.87
CA ILE B 330 -0.69 29.38 35.19
C ILE B 330 0.68 29.66 35.79
N VAL B 331 1.69 29.76 34.92
CA VAL B 331 3.06 29.97 35.36
C VAL B 331 3.62 31.27 34.77
N GLY B 332 4.31 32.03 35.61
CA GLY B 332 4.90 33.28 35.15
C GLY B 332 6.41 33.24 35.11
N PHE B 333 7.00 34.14 34.32
CA PHE B 333 8.44 34.27 34.20
C PHE B 333 8.83 35.63 34.75
N ALA B 334 9.88 35.66 35.58
CA ALA B 334 10.32 36.86 36.25
C ALA B 334 11.81 37.04 36.05
N ALA B 335 12.25 38.30 36.00
CA ALA B 335 13.65 38.66 35.75
C ALA B 335 14.30 39.09 37.07
N GLU B 336 15.00 38.13 37.71
CA GLU B 336 15.75 38.34 38.95
C GLU B 336 15.16 39.39 39.91
N VAL B 344 16.29 38.37 47.35
CA VAL B 344 15.64 38.13 46.06
C VAL B 344 14.95 36.75 46.07
N LEU B 345 15.44 35.83 46.91
CA LEU B 345 14.65 34.65 47.22
C LEU B 345 13.29 35.05 47.78
N PHE B 346 13.28 35.79 48.89
CA PHE B 346 12.02 36.23 49.50
C PHE B 346 11.40 37.42 48.76
N HIS B 347 12.22 38.24 48.09
CA HIS B 347 11.69 39.39 47.36
C HIS B 347 10.75 38.98 46.24
N ALA B 348 10.84 37.74 45.77
CA ALA B 348 10.04 37.24 44.65
C ALA B 348 8.84 36.42 45.09
N ARG B 349 8.94 35.71 46.23
CA ARG B 349 7.80 34.99 46.78
C ARG B 349 6.58 35.87 46.95
N ALA B 350 6.78 37.19 47.04
CA ALA B 350 5.65 38.11 47.06
C ALA B 350 5.03 38.24 45.68
N LYS B 351 5.84 38.20 44.63
CA LYS B 351 5.34 38.42 43.28
C LYS B 351 4.33 37.35 42.85
N LEU B 352 4.58 36.09 43.24
CA LEU B 352 3.64 35.03 42.88
C LEU B 352 2.29 35.22 43.56
N GLU B 353 2.28 35.61 44.84
CA GLU B 353 1.02 35.88 45.52
C GLU B 353 0.34 37.13 44.97
N ARG B 354 1.14 38.12 44.56
CA ARG B 354 0.59 39.36 44.01
C ARG B 354 0.09 39.16 42.59
N LYS B 355 0.89 38.51 41.74
CA LYS B 355 0.49 38.28 40.35
C LYS B 355 -0.60 37.21 40.24
N GLY B 356 -0.74 36.33 41.23
CA GLY B 356 -1.79 35.35 41.20
C GLY B 356 -1.53 34.16 40.30
N CYS B 357 -0.28 33.95 39.90
CA CYS B 357 0.07 32.78 39.11
C CYS B 357 0.31 31.58 40.03
N ASP B 358 0.02 30.39 39.51
CA ASP B 358 0.16 29.17 40.30
C ASP B 358 1.62 28.88 40.62
N LEU B 359 2.55 29.34 39.79
CA LEU B 359 3.97 29.27 40.11
C LEU B 359 4.73 30.19 39.16
N LEU B 360 5.91 30.62 39.60
CA LEU B 360 6.69 31.62 38.89
C LEU B 360 8.13 31.14 38.80
N VAL B 361 8.81 31.50 37.70
CA VAL B 361 10.19 31.09 37.47
C VAL B 361 11.03 32.35 37.37
N VAL B 362 12.27 32.28 37.85
CA VAL B 362 13.20 33.42 37.80
C VAL B 362 14.63 32.89 37.87
N ASN B 363 15.52 33.48 37.07
CA ASN B 363 16.96 33.18 37.11
C ASN B 363 17.75 34.47 37.02
N ALA B 364 18.84 34.56 37.79
CA ALA B 364 19.59 35.80 37.97
C ALA B 364 20.31 36.26 36.71
N GLY B 378 18.62 29.41 38.58
CA GLY B 378 17.24 29.82 38.75
C GLY B 378 16.57 29.46 40.07
N TRP B 379 15.28 29.76 40.18
CA TRP B 379 14.57 29.38 41.41
C TRP B 379 13.11 29.22 41.04
N LEU B 380 12.46 28.18 41.51
CA LEU B 380 11.05 28.05 41.12
C LEU B 380 10.21 28.18 42.37
N LEU B 381 9.10 28.89 42.27
CA LEU B 381 8.23 29.07 43.44
C LEU B 381 6.80 28.79 43.02
N SER B 382 6.12 27.94 43.78
CA SER B 382 4.71 27.62 43.46
C SER B 382 3.83 28.30 44.51
N ALA B 383 2.51 28.16 44.36
CA ALA B 383 1.57 28.81 45.29
C ALA B 383 1.31 27.93 46.51
N ASP B 384 1.98 26.79 46.65
CA ASP B 384 1.76 25.97 47.86
C ASP B 384 2.90 26.26 48.85
N GLY B 385 3.70 27.30 48.58
CA GLY B 385 4.81 27.67 49.48
C GLY B 385 6.12 26.99 49.16
N THR B 386 6.07 25.87 48.42
CA THR B 386 7.25 25.10 48.01
C THR B 386 8.16 25.97 47.15
N GLU B 387 9.45 25.81 47.32
CA GLU B 387 10.38 26.60 46.49
C GLU B 387 11.58 25.72 46.20
N SER B 388 12.17 25.86 45.03
CA SER B 388 13.34 25.06 44.70
C SER B 388 14.27 25.89 43.83
N ALA B 389 15.58 25.69 44.00
CA ALA B 389 16.58 26.37 43.20
C ALA B 389 16.95 25.49 42.00
N LEU B 390 16.78 26.03 40.79
CA LEU B 390 17.10 25.28 39.58
C LEU B 390 18.61 25.21 39.40
N GLU B 391 19.19 24.03 39.58
CA GLU B 391 20.62 23.84 39.38
C GLU B 391 21.01 24.20 37.95
N HIS B 392 22.18 24.81 37.80
CA HIS B 392 22.60 25.37 36.51
C HIS B 392 22.54 24.33 35.39
N GLY B 393 22.12 24.78 34.22
CA GLY B 393 22.05 23.89 33.07
C GLY B 393 21.72 24.56 31.76
N SER B 394 21.12 23.79 30.86
CA SER B 394 20.69 24.26 29.55
C SER B 394 19.29 24.82 29.63
N LYS B 395 18.93 25.63 28.63
CA LYS B 395 17.54 26.09 28.55
C LYS B 395 16.59 24.90 28.50
N THR B 396 16.97 23.82 27.81
CA THR B 396 16.09 22.66 27.81
C THR B 396 16.13 21.93 29.15
N LEU B 397 17.31 21.83 29.77
CA LEU B 397 17.38 21.23 31.10
C LEU B 397 16.58 22.03 32.12
N MET B 398 16.69 23.36 32.08
CA MET B 398 15.84 24.16 32.96
C MET B 398 14.38 23.98 32.60
N ALA B 399 14.08 23.89 31.30
CA ALA B 399 12.68 23.71 30.89
C ALA B 399 12.10 22.45 31.50
N THR B 400 12.92 21.42 31.71
CA THR B 400 12.40 20.19 32.31
C THR B 400 12.04 20.39 33.77
N ARG B 401 12.88 21.12 34.52
CA ARG B 401 12.54 21.47 35.90
C ARG B 401 11.22 22.22 35.97
N ILE B 402 11.03 23.18 35.07
CA ILE B 402 9.77 23.92 34.99
C ILE B 402 8.62 22.96 34.74
N VAL B 403 8.76 22.10 33.73
CA VAL B 403 7.64 21.22 33.40
C VAL B 403 7.41 20.22 34.53
N ASP B 404 8.45 19.84 35.26
CA ASP B 404 8.27 19.01 36.45
C ASP B 404 7.39 19.72 37.47
N SER B 405 7.74 20.96 37.80
CA SER B 405 6.99 21.71 38.80
C SER B 405 5.55 21.93 38.36
N ILE B 406 5.27 21.94 37.05
CA ILE B 406 3.89 22.04 36.59
C ILE B 406 3.16 20.72 36.83
N ALA B 407 3.80 19.60 36.52
CA ALA B 407 3.18 18.31 36.73
C ALA B 407 2.84 18.10 38.19
N ALA B 408 3.75 18.43 39.09
CA ALA B 408 3.50 18.29 40.52
C ALA B 408 2.30 19.14 40.93
N PHE B 409 2.24 20.38 40.45
CA PHE B 409 1.13 21.26 40.80
C PHE B 409 -0.21 20.65 40.39
N LEU B 410 -0.28 20.11 39.17
CA LEU B 410 -1.54 19.54 38.70
C LEU B 410 -1.89 18.25 39.43
N LYS B 411 -0.90 17.52 39.94
CA LYS B 411 -1.17 16.38 40.80
C LYS B 411 -1.82 16.83 42.10
N SER B 412 -1.34 17.95 42.68
CA SER B 412 -1.80 18.37 44.00
C SER B 412 -3.28 18.74 44.00
N GLN B 413 -3.83 19.12 42.84
CA GLN B 413 -5.24 19.46 42.73
C GLN B 413 -6.13 18.29 43.15
N SER C 3 -3.20 -53.96 -8.28
CA SER C 3 -4.04 -53.21 -7.35
C SER C 3 -4.67 -51.99 -8.02
N ALA C 4 -5.79 -51.52 -7.46
CA ALA C 4 -6.49 -50.33 -7.97
C ALA C 4 -5.65 -49.06 -7.86
N ARG C 5 -4.50 -49.12 -7.19
CA ARG C 5 -3.61 -47.98 -7.02
C ARG C 5 -2.64 -47.94 -8.18
N LYS C 6 -2.81 -46.97 -9.06
CA LYS C 6 -1.97 -46.90 -10.24
C LYS C 6 -0.84 -45.89 -10.04
N ARG C 7 0.25 -46.09 -10.82
CA ARG C 7 1.34 -45.12 -10.84
C ARG C 7 1.10 -44.17 -12.01
N ILE C 8 0.80 -42.91 -11.71
CA ILE C 8 0.61 -41.87 -12.72
C ILE C 8 1.83 -40.95 -12.76
N VAL C 9 2.30 -40.63 -13.95
CA VAL C 9 3.22 -39.54 -14.16
C VAL C 9 2.44 -38.33 -14.63
N VAL C 10 2.54 -37.24 -13.88
CA VAL C 10 1.95 -35.97 -14.31
C VAL C 10 3.07 -35.07 -14.77
N GLY C 11 3.14 -34.87 -16.08
CA GLY C 11 4.06 -33.92 -16.64
C GLY C 11 3.40 -32.55 -16.68
N VAL C 12 4.17 -31.53 -16.32
CA VAL C 12 3.69 -30.16 -16.32
C VAL C 12 4.66 -29.34 -17.15
N ALA C 13 4.18 -28.76 -18.25
CA ALA C 13 4.99 -27.87 -19.08
C ALA C 13 4.70 -26.40 -18.75
N GLY C 14 5.48 -25.51 -19.37
CA GLY C 14 5.46 -24.09 -19.00
C GLY C 14 4.34 -23.27 -19.60
N GLY C 15 3.15 -23.38 -19.06
CA GLY C 15 2.04 -22.57 -19.50
C GLY C 15 1.40 -21.89 -18.30
N ILE C 16 0.66 -20.81 -18.58
CA ILE C 16 -0.06 -20.11 -17.53
C ILE C 16 -0.92 -21.08 -16.74
N ALA C 17 -1.45 -22.11 -17.40
CA ALA C 17 -2.36 -23.05 -16.77
C ALA C 17 -1.67 -23.99 -15.79
N ALA C 18 -0.36 -23.88 -15.56
CA ALA C 18 0.32 -24.86 -14.72
C ALA C 18 -0.29 -24.98 -13.32
N TYR C 19 -0.82 -23.89 -12.75
CA TYR C 19 -1.48 -23.99 -11.45
C TYR C 19 -2.75 -24.82 -11.53
N LYS C 20 -3.33 -24.97 -12.71
CA LYS C 20 -4.48 -25.88 -12.84
C LYS C 20 -4.04 -27.33 -12.75
N ALA C 21 -2.78 -27.62 -13.09
CA ALA C 21 -2.29 -28.99 -12.96
C ALA C 21 -2.21 -29.41 -11.51
N CYS C 22 -2.07 -28.43 -10.60
CA CYS C 22 -2.05 -28.72 -9.17
C CYS C 22 -3.29 -29.49 -8.71
N THR C 23 -4.49 -29.00 -9.03
CA THR C 23 -5.68 -29.75 -8.64
C THR C 23 -5.79 -31.10 -9.37
N VAL C 24 -5.25 -31.20 -10.59
CA VAL C 24 -5.18 -32.50 -11.27
C VAL C 24 -4.42 -33.51 -10.41
N VAL C 25 -3.27 -33.09 -9.86
CA VAL C 25 -2.52 -34.04 -9.03
C VAL C 25 -3.22 -34.24 -7.70
N ARG C 26 -3.89 -33.20 -7.17
CA ARG C 26 -4.62 -33.37 -5.93
C ARG C 26 -5.74 -34.39 -6.10
N GLN C 27 -6.45 -34.31 -7.23
CA GLN C 27 -7.58 -35.20 -7.43
C GLN C 27 -7.13 -36.64 -7.67
N LEU C 28 -6.02 -36.83 -8.39
CA LEU C 28 -5.56 -38.19 -8.65
C LEU C 28 -5.00 -38.85 -7.39
N THR C 29 -4.36 -38.09 -6.50
CA THR C 29 -3.86 -38.69 -5.26
C THR C 29 -5.02 -38.98 -4.31
N GLU C 30 -6.01 -38.09 -4.25
CA GLU C 30 -7.18 -38.30 -3.43
C GLU C 30 -7.99 -39.50 -3.89
N ALA C 31 -7.85 -39.90 -5.14
CA ALA C 31 -8.46 -41.12 -5.65
C ALA C 31 -7.55 -42.33 -5.47
N GLY C 32 -6.54 -42.26 -4.60
CA GLY C 32 -5.69 -43.39 -4.30
C GLY C 32 -4.52 -43.60 -5.24
N HIS C 33 -4.37 -42.81 -6.29
CA HIS C 33 -3.29 -43.12 -7.20
C HIS C 33 -1.98 -42.55 -6.69
N SER C 34 -0.88 -43.16 -7.13
CA SER C 34 0.46 -42.70 -6.81
C SER C 34 0.93 -41.79 -7.95
N VAL C 35 1.28 -40.55 -7.62
CA VAL C 35 1.53 -39.54 -8.63
C VAL C 35 2.95 -39.03 -8.48
N ARG C 36 3.72 -39.10 -9.57
CA ARG C 36 5.00 -38.41 -9.70
C ARG C 36 4.84 -37.25 -10.66
N VAL C 37 5.23 -36.05 -10.23
CA VAL C 37 5.17 -34.86 -11.07
C VAL C 37 6.53 -34.67 -11.71
N VAL C 38 6.55 -34.59 -13.04
CA VAL C 38 7.72 -34.27 -13.80
C VAL C 38 7.49 -32.96 -14.53
N PRO C 39 7.92 -31.84 -13.98
CA PRO C 39 7.78 -30.56 -14.67
C PRO C 39 8.96 -30.30 -15.58
N THR C 40 8.74 -29.49 -16.61
CA THR C 40 9.87 -28.95 -17.37
C THR C 40 10.52 -27.84 -16.56
N GLU C 41 11.72 -27.42 -16.95
CA GLU C 41 12.33 -26.31 -16.23
C GLU C 41 11.47 -25.05 -16.33
N SER C 42 10.92 -24.74 -17.51
CA SER C 42 10.09 -23.52 -17.56
C SER C 42 8.83 -23.65 -16.70
N ALA C 43 8.21 -24.82 -16.58
CA ALA C 43 7.07 -24.94 -15.66
C ALA C 43 7.41 -24.44 -14.25
N LEU C 44 8.66 -24.58 -13.81
CA LEU C 44 9.01 -24.10 -12.48
C LEU C 44 8.95 -22.60 -12.35
N ARG C 45 8.82 -21.81 -13.44
CA ARG C 45 8.65 -20.39 -13.19
C ARG C 45 7.19 -19.99 -13.01
N PHE C 46 6.28 -20.93 -13.20
CA PHE C 46 4.86 -20.75 -12.95
C PHE C 46 4.43 -21.30 -11.59
N VAL C 47 4.80 -22.54 -11.30
CA VAL C 47 4.48 -23.25 -10.06
C VAL C 47 5.77 -23.86 -9.51
N GLY C 48 5.96 -23.73 -8.20
CA GLY C 48 7.20 -24.19 -7.59
C GLY C 48 7.23 -25.69 -7.34
N ALA C 49 8.44 -26.24 -7.36
CA ALA C 49 8.63 -27.65 -7.05
C ALA C 49 8.01 -27.99 -5.70
N ALA C 50 8.10 -27.07 -4.74
CA ALA C 50 7.57 -27.34 -3.40
C ALA C 50 6.06 -27.60 -3.44
N THR C 51 5.33 -26.86 -4.27
CA THR C 51 3.90 -27.14 -4.41
C THR C 51 3.68 -28.56 -4.90
N PHE C 52 4.42 -28.97 -5.92
CA PHE C 52 4.23 -30.31 -6.48
C PHE C 52 4.72 -31.39 -5.51
N GLU C 53 5.79 -31.14 -4.75
CA GLU C 53 6.22 -32.16 -3.81
C GLU C 53 5.19 -32.36 -2.71
N ALA C 54 4.56 -31.28 -2.26
CA ALA C 54 3.59 -31.41 -1.19
C ALA C 54 2.30 -32.06 -1.68
N LEU C 55 1.91 -31.76 -2.93
CA LEU C 55 0.65 -32.32 -3.42
C LEU C 55 0.79 -33.79 -3.77
N SER C 56 1.97 -34.21 -4.20
CA SER C 56 2.16 -35.58 -4.64
C SER C 56 2.80 -36.46 -3.59
N GLY C 57 3.54 -35.88 -2.63
CA GLY C 57 4.24 -36.78 -1.73
C GLY C 57 5.43 -37.48 -2.36
N ASN C 58 5.82 -37.09 -3.55
CA ASN C 58 7.00 -37.70 -4.14
C ASN C 58 7.98 -36.60 -4.49
N PRO C 59 9.26 -36.93 -4.64
CA PRO C 59 10.22 -35.91 -5.06
C PRO C 59 9.87 -35.39 -6.44
N VAL C 60 10.38 -34.20 -6.74
CA VAL C 60 10.13 -33.56 -8.03
C VAL C 60 11.44 -33.07 -8.62
N HIS C 61 11.79 -33.57 -9.79
CA HIS C 61 13.04 -33.28 -10.49
C HIS C 61 12.72 -32.98 -11.95
N THR C 62 13.56 -32.16 -12.59
CA THR C 62 13.32 -31.83 -13.99
C THR C 62 14.34 -32.42 -14.95
N GLY C 63 15.48 -32.91 -14.47
CA GLY C 63 16.47 -33.47 -15.38
C GLY C 63 16.75 -34.94 -15.19
N VAL C 64 17.34 -35.57 -16.19
CA VAL C 64 17.72 -36.99 -16.07
C VAL C 64 18.93 -37.21 -15.14
N PHE C 65 19.74 -36.20 -14.88
CA PHE C 65 20.99 -36.43 -14.17
C PHE C 65 20.84 -36.36 -12.65
N THR C 66 19.61 -36.34 -12.14
CA THR C 66 19.36 -36.46 -10.72
C THR C 66 19.04 -37.90 -10.39
N ASP C 67 19.65 -38.37 -9.31
CA ASP C 67 19.45 -39.74 -8.80
C ASP C 67 19.65 -40.71 -9.95
N VAL C 68 20.80 -40.66 -10.57
CA VAL C 68 21.02 -41.60 -11.69
C VAL C 68 21.33 -42.97 -11.09
N HIS C 69 21.61 -43.02 -9.80
CA HIS C 69 21.90 -44.31 -9.13
C HIS C 69 20.61 -45.12 -9.03
N GLU C 70 19.47 -44.44 -8.92
CA GLU C 70 18.14 -45.10 -8.83
C GLU C 70 17.57 -45.26 -10.25
N VAL C 71 18.43 -44.97 -11.23
CA VAL C 71 18.14 -45.08 -12.68
C VAL C 71 16.73 -44.56 -12.97
N GLN C 72 16.44 -43.34 -12.52
CA GLN C 72 15.11 -42.71 -12.67
C GLN C 72 14.77 -42.31 -14.10
N HIS C 73 15.73 -42.01 -14.95
CA HIS C 73 15.35 -41.57 -16.31
C HIS C 73 14.62 -42.67 -17.07
N VAL C 74 14.66 -43.90 -16.56
CA VAL C 74 13.95 -45.02 -17.25
C VAL C 74 12.91 -45.58 -16.27
N ARG C 75 13.28 -45.75 -15.01
CA ARG C 75 12.31 -46.35 -14.07
C ARG C 75 11.08 -45.47 -13.94
N ILE C 76 11.19 -44.18 -14.15
CA ILE C 76 9.98 -43.38 -14.00
C ILE C 76 8.99 -43.68 -15.13
N GLY C 77 9.49 -43.86 -16.36
CA GLY C 77 8.62 -44.16 -17.47
C GLY C 77 8.24 -45.63 -17.52
N GLN C 78 9.22 -46.50 -17.24
CA GLN C 78 9.02 -47.95 -17.26
C GLN C 78 7.93 -48.43 -16.32
N GLN C 79 7.61 -47.66 -15.29
CA GLN C 79 6.70 -48.13 -14.27
C GLN C 79 5.39 -47.37 -14.26
N ALA C 80 5.20 -46.42 -15.15
CA ALA C 80 3.97 -45.66 -15.15
C ALA C 80 2.85 -46.47 -15.78
N ASP C 81 1.66 -46.31 -15.23
CA ASP C 81 0.47 -46.83 -15.86
C ASP C 81 -0.22 -45.80 -16.73
N LEU C 82 0.19 -44.53 -16.62
CA LEU C 82 -0.41 -43.45 -17.37
C LEU C 82 0.54 -42.27 -17.28
N VAL C 83 0.72 -41.56 -18.39
CA VAL C 83 1.39 -40.27 -18.40
C VAL C 83 0.38 -39.24 -18.85
N VAL C 84 0.17 -38.22 -18.02
CA VAL C 84 -0.70 -37.08 -18.33
C VAL C 84 0.19 -35.86 -18.41
N ILE C 85 0.02 -35.08 -19.46
CA ILE C 85 0.74 -33.83 -19.61
C ILE C 85 -0.28 -32.72 -19.61
N ALA C 86 -0.25 -31.92 -18.56
CA ALA C 86 -1.19 -30.83 -18.41
C ALA C 86 -0.50 -29.71 -17.63
N PRO C 87 -0.37 -28.52 -18.21
CA PRO C 87 -0.71 -28.30 -19.61
C PRO C 87 0.42 -28.76 -20.51
N ALA C 88 0.06 -29.21 -21.70
CA ALA C 88 1.04 -29.50 -22.74
C ALA C 88 1.15 -28.23 -23.58
N THR C 89 2.34 -27.65 -23.63
CA THR C 89 2.54 -26.44 -24.38
C THR C 89 2.83 -26.77 -25.84
N ALA C 90 2.78 -25.75 -26.67
CA ALA C 90 3.21 -25.96 -28.05
C ALA C 90 4.67 -26.39 -28.11
N ASP C 91 5.52 -25.84 -27.23
CA ASP C 91 6.91 -26.26 -27.22
C ASP C 91 7.02 -27.74 -26.86
N LEU C 92 6.26 -28.18 -25.84
CA LEU C 92 6.36 -29.58 -25.42
C LEU C 92 5.80 -30.55 -26.47
N LEU C 93 4.67 -30.21 -27.13
CA LEU C 93 4.20 -31.08 -28.21
C LEU C 93 5.23 -31.21 -29.32
N ALA C 94 5.91 -30.10 -29.63
CA ALA C 94 6.92 -30.12 -30.67
C ALA C 94 8.11 -31.00 -30.27
N ARG C 95 8.50 -30.97 -29.00
CA ARG C 95 9.61 -31.82 -28.58
C ARG C 95 9.17 -33.28 -28.59
N ALA C 96 7.94 -33.54 -28.18
CA ALA C 96 7.46 -34.92 -28.17
C ALA C 96 7.42 -35.47 -29.58
N VAL C 97 7.03 -34.64 -30.55
CA VAL C 97 6.95 -35.12 -31.93
C VAL C 97 8.33 -35.35 -32.50
N ALA C 98 9.28 -34.42 -32.26
CA ALA C 98 10.63 -34.58 -32.77
C ALA C 98 11.35 -35.76 -32.15
N GLY C 99 10.94 -36.14 -30.94
CA GLY C 99 11.62 -37.17 -30.21
C GLY C 99 12.75 -36.70 -29.35
N ARG C 100 12.71 -35.46 -28.84
CA ARG C 100 13.73 -34.98 -27.94
C ARG C 100 13.69 -35.75 -26.62
N ALA C 101 14.84 -35.92 -25.98
CA ALA C 101 14.91 -36.51 -24.65
C ALA C 101 15.85 -35.71 -23.77
N ASP C 102 15.68 -34.38 -23.77
CA ASP C 102 16.68 -33.46 -23.20
C ASP C 102 16.30 -32.95 -21.83
N ASP C 103 15.13 -33.30 -21.33
CA ASP C 103 14.81 -33.17 -19.90
C ASP C 103 14.10 -34.44 -19.46
N LEU C 104 13.86 -34.54 -18.15
CA LEU C 104 13.26 -35.73 -17.61
C LEU C 104 11.88 -36.00 -18.22
N LEU C 105 11.07 -34.96 -18.42
CA LEU C 105 9.72 -35.19 -18.95
C LEU C 105 9.77 -35.83 -20.32
N THR C 106 10.52 -35.23 -21.27
CA THR C 106 10.54 -35.77 -22.63
C THR C 106 11.25 -37.11 -22.68
N ALA C 107 12.22 -37.33 -21.79
CA ALA C 107 12.87 -38.63 -21.72
C ALA C 107 11.88 -39.69 -21.22
N THR C 108 11.02 -39.32 -20.27
CA THR C 108 9.96 -40.20 -19.83
C THR C 108 9.02 -40.56 -20.98
N LEU C 109 8.74 -39.59 -21.87
CA LEU C 109 7.81 -39.84 -22.97
C LEU C 109 8.37 -40.86 -23.93
N LEU C 110 9.68 -40.84 -24.19
CA LEU C 110 10.25 -41.88 -25.04
C LEU C 110 10.24 -43.24 -24.36
N THR C 111 10.25 -43.26 -23.02
CA THR C 111 10.38 -44.49 -22.29
C THR C 111 9.03 -45.15 -22.05
N ALA C 112 7.98 -44.37 -21.84
CA ALA C 112 6.69 -44.90 -21.44
C ALA C 112 6.09 -45.78 -22.53
N ARG C 113 5.43 -46.87 -22.10
CA ARG C 113 4.79 -47.84 -22.98
C ARG C 113 3.31 -48.00 -22.63
N CYS C 114 2.82 -47.16 -21.75
CA CYS C 114 1.48 -47.01 -21.23
C CYS C 114 0.72 -45.92 -22.00
N PRO C 115 -0.58 -45.77 -21.77
CA PRO C 115 -1.31 -44.66 -22.41
C PRO C 115 -0.70 -43.31 -22.05
N VAL C 116 -0.74 -42.39 -23.02
CA VAL C 116 -0.13 -41.06 -22.90
C VAL C 116 -1.15 -40.00 -23.26
N LEU C 117 -1.49 -39.16 -22.29
CA LEU C 117 -2.56 -38.18 -22.42
C LEU C 117 -1.98 -36.77 -22.33
N PHE C 118 -2.01 -36.05 -23.46
CA PHE C 118 -1.67 -34.63 -23.52
C PHE C 118 -2.94 -33.81 -23.37
N ALA C 119 -2.87 -32.74 -22.57
CA ALA C 119 -3.96 -31.77 -22.45
C ALA C 119 -3.42 -30.41 -22.86
N PRO C 120 -3.44 -30.08 -24.15
CA PRO C 120 -2.85 -28.82 -24.62
C PRO C 120 -3.52 -27.58 -24.02
N ALA C 121 -2.74 -26.53 -23.91
CA ALA C 121 -3.24 -25.24 -23.41
C ALA C 121 -2.43 -24.19 -24.14
N MET C 122 -3.05 -23.30 -24.88
CA MET C 122 -2.25 -22.22 -25.49
C MET C 122 -3.17 -21.13 -25.93
N HIS C 123 -2.56 -20.10 -26.47
CA HIS C 123 -3.32 -19.02 -27.11
C HIS C 123 -3.81 -19.60 -28.44
N THR C 124 -4.95 -19.15 -28.93
CA THR C 124 -5.52 -19.79 -30.10
C THR C 124 -4.55 -19.76 -31.27
N GLU C 125 -3.86 -18.64 -31.47
CA GLU C 125 -3.01 -18.53 -32.65
C GLU C 125 -1.90 -19.58 -32.61
N MET C 126 -1.44 -19.95 -31.42
CA MET C 126 -0.46 -21.03 -31.37
C MET C 126 -1.12 -22.35 -31.72
N TRP C 127 -2.36 -22.53 -31.29
CA TRP C 127 -3.02 -23.81 -31.46
C TRP C 127 -3.38 -24.06 -32.93
N LEU C 128 -3.74 -23.01 -33.66
CA LEU C 128 -4.12 -23.16 -35.06
C LEU C 128 -2.94 -23.02 -36.00
N HIS C 129 -1.75 -22.82 -35.45
CA HIS C 129 -0.58 -22.69 -36.31
C HIS C 129 -0.29 -24.02 -37.02
N PRO C 130 0.06 -23.99 -38.30
CA PRO C 130 0.21 -25.27 -39.03
C PRO C 130 1.23 -26.21 -38.40
N ALA C 131 2.30 -25.69 -37.81
CA ALA C 131 3.25 -26.58 -37.15
C ALA C 131 2.60 -27.27 -35.95
N THR C 132 1.84 -26.52 -35.14
CA THR C 132 1.16 -27.16 -34.01
C THR C 132 0.18 -28.23 -34.49
N VAL C 133 -0.63 -27.92 -35.52
CA VAL C 133 -1.67 -28.87 -35.90
C VAL C 133 -1.03 -30.10 -36.53
N ASP C 134 0.06 -29.93 -37.30
CA ASP C 134 0.76 -31.11 -37.79
C ASP C 134 1.28 -31.97 -36.63
N ASN C 135 1.84 -31.33 -35.60
CA ASN C 135 2.38 -32.05 -34.46
C ASN C 135 1.29 -32.80 -33.71
N VAL C 136 0.13 -32.16 -33.53
CA VAL C 136 -0.97 -32.85 -32.85
C VAL C 136 -1.40 -34.07 -33.67
N ALA C 137 -1.41 -33.94 -34.99
CA ALA C 137 -1.78 -35.07 -35.85
C ALA C 137 -0.77 -36.20 -35.71
N THR C 138 0.51 -35.87 -35.64
CA THR C 138 1.54 -36.90 -35.52
C THR C 138 1.42 -37.62 -34.18
N LEU C 139 1.24 -36.88 -33.08
CA LEU C 139 1.06 -37.51 -31.79
C LEU C 139 -0.14 -38.45 -31.81
N ARG C 140 -1.23 -38.04 -32.47
CA ARG C 140 -2.42 -38.87 -32.54
C ARG C 140 -2.16 -40.12 -33.39
N ARG C 141 -1.60 -39.94 -34.60
CA ARG C 141 -1.22 -41.11 -35.40
C ARG C 141 -0.23 -42.02 -34.66
N ARG C 142 0.54 -41.51 -33.72
CA ARG C 142 1.50 -42.35 -33.01
C ARG C 142 0.91 -43.02 -31.78
N GLY C 143 -0.36 -42.78 -31.47
CA GLY C 143 -1.04 -43.48 -30.39
C GLY C 143 -1.32 -42.64 -29.16
N ALA C 144 -0.73 -41.46 -29.01
CA ALA C 144 -1.10 -40.65 -27.88
C ALA C 144 -2.52 -40.11 -28.04
N VAL C 145 -3.17 -39.82 -26.91
CA VAL C 145 -4.41 -39.05 -26.90
C VAL C 145 -4.08 -37.57 -26.66
N VAL C 146 -4.56 -36.70 -27.53
CA VAL C 146 -4.38 -35.26 -27.40
C VAL C 146 -5.77 -34.63 -27.25
N LEU C 147 -6.12 -34.26 -26.02
CA LEU C 147 -7.42 -33.66 -25.74
C LEU C 147 -7.66 -32.42 -26.58
N GLU C 148 -8.87 -32.25 -27.04
CA GLU C 148 -9.29 -31.00 -27.64
C GLU C 148 -9.52 -29.97 -26.55
N PRO C 149 -8.93 -28.79 -26.63
CA PRO C 149 -9.01 -27.82 -25.54
C PRO C 149 -10.37 -27.14 -25.47
N ALA C 150 -10.60 -26.44 -24.36
CA ALA C 150 -11.80 -25.64 -24.17
C ALA C 150 -11.68 -24.29 -24.89
N SER C 151 -12.76 -23.49 -24.87
CA SER C 151 -12.81 -22.19 -25.53
C SER C 151 -13.30 -21.05 -24.64
N GLY C 152 -13.33 -21.22 -23.33
CA GLY C 152 -13.81 -20.18 -22.43
C GLY C 152 -12.90 -18.97 -22.37
N THR C 155 -16.24 -17.15 -24.91
CA THR C 155 -16.40 -15.81 -24.36
C THR C 155 -16.90 -14.80 -25.40
N GLY C 156 -16.29 -13.63 -25.42
CA GLY C 156 -16.61 -12.58 -26.37
C GLY C 156 -15.51 -12.39 -27.40
N ALA C 157 -14.61 -11.45 -27.08
CA ALA C 157 -13.48 -11.07 -27.96
C ALA C 157 -12.30 -12.02 -27.80
N ASP C 158 -11.86 -12.33 -26.57
CA ASP C 158 -10.71 -13.26 -26.51
C ASP C 158 -11.16 -14.70 -26.26
N SER C 159 -12.00 -15.24 -27.14
CA SER C 159 -12.44 -16.65 -27.02
C SER C 159 -11.63 -17.46 -28.02
N GLY C 160 -12.14 -18.60 -28.44
CA GLY C 160 -11.36 -19.40 -29.39
C GLY C 160 -10.77 -20.57 -28.65
N PRO C 161 -10.41 -21.66 -29.31
CA PRO C 161 -9.88 -22.80 -28.62
C PRO C 161 -8.46 -22.59 -28.12
N GLY C 162 -8.07 -23.39 -27.13
CA GLY C 162 -6.75 -23.34 -26.56
C GLY C 162 -6.69 -23.33 -25.05
N ARG C 163 -7.82 -23.01 -24.40
CA ARG C 163 -7.92 -23.07 -22.95
C ARG C 163 -7.76 -24.51 -22.45
N LEU C 164 -7.10 -24.66 -21.30
CA LEU C 164 -6.93 -25.98 -20.70
C LEU C 164 -8.28 -26.48 -20.26
N PRO C 165 -8.63 -27.74 -20.56
CA PRO C 165 -9.88 -28.28 -20.02
C PRO C 165 -9.81 -28.32 -18.50
N GLU C 166 -10.97 -28.22 -17.88
CA GLU C 166 -11.08 -28.28 -16.44
C GLU C 166 -10.41 -29.54 -15.89
N ALA C 167 -9.81 -29.40 -14.70
CA ALA C 167 -9.13 -30.52 -14.05
C ALA C 167 -10.02 -31.74 -13.93
N GLU C 168 -11.30 -31.55 -13.56
CA GLU C 168 -12.18 -32.71 -13.44
C GLU C 168 -12.28 -33.45 -14.78
N GLU C 169 -12.39 -32.71 -15.89
CA GLU C 169 -12.41 -33.35 -17.20
C GLU C 169 -11.13 -34.15 -17.43
N ILE C 170 -10.00 -33.59 -17.03
CA ILE C 170 -8.71 -34.27 -17.24
C ILE C 170 -8.62 -35.50 -16.35
N THR C 171 -9.00 -35.36 -15.07
CA THR C 171 -8.86 -36.49 -14.17
C THR C 171 -9.81 -37.62 -14.57
N THR C 172 -11.02 -37.28 -15.00
CA THR C 172 -11.91 -38.38 -15.36
C THR C 172 -11.54 -38.96 -16.71
N LEU C 173 -10.89 -38.19 -17.60
CA LEU C 173 -10.41 -38.83 -18.81
C LEU C 173 -9.13 -39.62 -18.54
N ALA C 174 -8.38 -39.22 -17.52
CA ALA C 174 -7.23 -39.99 -17.09
C ALA C 174 -7.65 -41.35 -16.54
N GLN C 175 -8.64 -41.35 -15.65
CA GLN C 175 -9.09 -42.61 -15.06
C GLN C 175 -9.64 -43.53 -16.13
N LEU C 176 -10.25 -42.95 -17.16
CA LEU C 176 -10.78 -43.74 -18.26
C LEU C 176 -9.68 -44.55 -18.93
N LEU C 177 -8.53 -43.91 -19.17
CA LEU C 177 -7.43 -44.60 -19.82
C LEU C 177 -6.78 -45.63 -18.90
N LEU C 178 -6.76 -45.37 -17.58
CA LEU C 178 -6.32 -46.38 -16.64
C LEU C 178 -7.17 -47.64 -16.74
N GLU C 179 -8.47 -47.51 -17.06
CA GLU C 179 -9.39 -48.64 -17.18
C GLU C 179 -9.37 -49.27 -18.57
N ARG C 180 -9.19 -48.48 -19.63
CA ARG C 180 -9.29 -48.96 -21.02
C ARG C 180 -8.33 -48.14 -21.89
N ALA C 181 -7.19 -48.73 -22.23
CA ALA C 181 -6.14 -47.98 -22.91
C ALA C 181 -6.57 -47.52 -24.29
N ASP C 182 -7.43 -48.28 -24.97
CA ASP C 182 -7.89 -47.94 -26.32
C ASP C 182 -9.21 -47.18 -26.31
N ALA C 183 -9.47 -46.40 -25.27
CA ALA C 183 -10.77 -45.77 -25.10
C ALA C 183 -11.02 -44.58 -26.03
N LEU C 184 -9.97 -43.88 -26.50
CA LEU C 184 -10.12 -42.60 -27.18
C LEU C 184 -9.35 -42.53 -28.49
N PRO C 185 -9.63 -43.44 -29.43
CA PRO C 185 -9.07 -43.28 -30.78
C PRO C 185 -9.69 -42.09 -31.48
N TYR C 186 -8.87 -41.39 -32.27
CA TYR C 186 -9.36 -40.23 -33.03
C TYR C 186 -10.08 -40.71 -34.29
N ASP C 187 -11.29 -41.25 -34.08
CA ASP C 187 -12.00 -41.94 -35.16
C ASP C 187 -13.27 -41.24 -35.63
N MET C 188 -13.86 -40.35 -34.83
CA MET C 188 -15.08 -39.65 -35.20
C MET C 188 -14.83 -38.33 -35.92
N ALA C 189 -13.60 -38.12 -36.40
CA ALA C 189 -13.32 -36.97 -37.26
C ALA C 189 -14.27 -36.96 -38.45
N GLY C 190 -14.90 -35.81 -38.66
CA GLY C 190 -15.76 -35.64 -39.81
C GLY C 190 -17.23 -35.88 -39.57
N VAL C 191 -17.63 -36.32 -38.37
CA VAL C 191 -19.02 -36.54 -38.07
C VAL C 191 -19.48 -35.47 -37.09
N LYS C 192 -20.66 -34.93 -37.34
CA LYS C 192 -21.33 -33.99 -36.43
C LYS C 192 -22.39 -34.74 -35.65
N ALA C 193 -22.35 -34.63 -34.32
CA ALA C 193 -23.22 -35.41 -33.45
C ALA C 193 -24.04 -34.50 -32.56
N LEU C 194 -25.34 -34.72 -32.53
CA LEU C 194 -26.25 -33.99 -31.66
C LEU C 194 -26.58 -34.88 -30.46
N VAL C 195 -26.40 -34.34 -29.26
CA VAL C 195 -26.58 -35.11 -28.03
C VAL C 195 -27.56 -34.35 -27.14
N THR C 196 -28.56 -35.06 -26.62
CA THR C 196 -29.40 -34.56 -25.55
C THR C 196 -29.04 -35.26 -24.26
N ALA C 197 -29.26 -34.58 -23.14
CA ALA C 197 -28.80 -35.11 -21.87
C ALA C 197 -29.52 -34.38 -20.75
N GLY C 198 -29.72 -35.10 -19.65
CA GLY C 198 -30.32 -34.52 -18.47
C GLY C 198 -31.83 -34.74 -18.40
N GLY C 199 -32.40 -34.20 -17.33
CA GLY C 199 -33.83 -34.27 -17.12
C GLY C 199 -34.51 -32.98 -17.52
N THR C 200 -35.83 -33.04 -17.58
CA THR C 200 -36.63 -31.92 -18.05
C THR C 200 -37.40 -31.32 -16.88
N ARG C 201 -37.86 -30.09 -17.06
CA ARG C 201 -38.66 -29.38 -16.07
C ARG C 201 -39.96 -28.94 -16.75
N GLU C 202 -41.08 -29.50 -16.29
CA GLU C 202 -42.40 -29.17 -16.84
C GLU C 202 -43.13 -28.25 -15.87
N PRO C 203 -43.28 -26.95 -16.19
CA PRO C 203 -43.70 -25.97 -15.19
C PRO C 203 -45.21 -26.09 -14.84
N LEU C 204 -45.52 -26.06 -13.55
CA LEU C 204 -46.92 -25.97 -13.11
C LEU C 204 -47.24 -24.49 -13.07
N ASP C 205 -46.28 -23.72 -12.54
CA ASP C 205 -46.37 -22.28 -12.35
C ASP C 205 -45.01 -21.71 -12.71
N PRO C 206 -44.79 -20.39 -12.65
CA PRO C 206 -43.41 -19.88 -12.78
C PRO C 206 -42.43 -20.51 -11.79
N VAL C 207 -42.88 -20.86 -10.59
CA VAL C 207 -41.96 -21.31 -9.54
C VAL C 207 -41.89 -22.84 -9.49
N ARG C 208 -43.02 -23.51 -9.28
CA ARG C 208 -42.96 -24.95 -9.14
C ARG C 208 -42.93 -25.63 -10.52
N PHE C 209 -42.60 -26.93 -10.52
CA PHE C 209 -42.55 -27.72 -11.76
C PHE C 209 -42.43 -29.20 -11.42
N ILE C 210 -42.64 -30.03 -12.45
CA ILE C 210 -42.43 -31.46 -12.38
C ILE C 210 -41.10 -31.79 -13.06
N GLY C 211 -40.30 -32.63 -12.40
CA GLY C 211 -39.02 -33.04 -12.94
C GLY C 211 -38.67 -34.44 -12.49
N ASN C 212 -37.61 -34.96 -13.09
CA ASN C 212 -37.09 -36.29 -12.81
C ASN C 212 -35.67 -36.14 -12.25
N ARG C 213 -35.05 -37.27 -11.90
CA ARG C 213 -33.81 -37.25 -11.13
C ARG C 213 -32.57 -37.49 -12.00
N SER C 214 -32.68 -37.28 -13.31
CA SER C 214 -31.57 -37.51 -14.23
C SER C 214 -30.36 -36.65 -13.90
N SER C 215 -29.18 -37.28 -13.77
CA SER C 215 -27.97 -36.49 -13.53
C SER C 215 -27.47 -35.83 -14.81
N GLY C 216 -27.73 -36.44 -15.97
CA GLY C 216 -27.11 -36.01 -17.20
C GLY C 216 -25.75 -36.62 -17.44
N LYS C 217 -25.21 -37.36 -16.47
CA LYS C 217 -23.86 -37.90 -16.60
C LYS C 217 -23.72 -38.79 -17.82
N GLN C 218 -24.77 -39.54 -18.15
CA GLN C 218 -24.70 -40.43 -19.31
C GLN C 218 -24.48 -39.64 -20.59
N GLY C 219 -25.38 -38.70 -20.89
CA GLY C 219 -25.27 -37.95 -22.13
C GLY C 219 -24.00 -37.11 -22.20
N TYR C 220 -23.71 -36.39 -21.12
CA TYR C 220 -22.48 -35.61 -21.05
C TYR C 220 -21.27 -36.49 -21.34
N ALA C 221 -21.25 -37.69 -20.76
CA ALA C 221 -20.15 -38.61 -21.02
C ALA C 221 -20.02 -38.92 -22.51
N VAL C 222 -21.13 -39.24 -23.18
CA VAL C 222 -21.00 -39.58 -24.59
C VAL C 222 -20.64 -38.34 -25.39
N ALA C 223 -21.15 -37.17 -25.00
CA ALA C 223 -20.76 -35.94 -25.66
C ALA C 223 -19.26 -35.71 -25.53
N ARG C 224 -18.76 -35.79 -24.29
CA ARG C 224 -17.35 -35.65 -24.02
C ARG C 224 -16.53 -36.66 -24.83
N VAL C 225 -16.90 -37.95 -24.72
CA VAL C 225 -16.15 -38.98 -25.41
C VAL C 225 -16.19 -38.77 -26.91
N LEU C 226 -17.35 -38.35 -27.43
CA LEU C 226 -17.43 -38.01 -28.85
C LEU C 226 -16.50 -36.85 -29.18
N ALA C 227 -16.50 -35.81 -28.35
CA ALA C 227 -15.67 -34.64 -28.60
C ALA C 227 -14.19 -34.99 -28.59
N GLN C 228 -13.76 -35.78 -27.62
CA GLN C 228 -12.37 -36.16 -27.46
C GLN C 228 -11.93 -37.26 -28.40
N ARG C 229 -12.82 -37.68 -29.31
CA ARG C 229 -12.50 -38.64 -30.37
C ARG C 229 -12.67 -38.03 -31.76
N GLY C 230 -12.99 -36.74 -31.87
CA GLY C 230 -12.94 -36.06 -33.15
C GLY C 230 -14.22 -35.38 -33.60
N ALA C 231 -15.35 -35.72 -32.98
CA ALA C 231 -16.63 -35.23 -33.46
C ALA C 231 -16.84 -33.75 -33.14
N ASP C 232 -17.54 -33.06 -34.03
CA ASP C 232 -18.03 -31.71 -33.76
C ASP C 232 -19.41 -31.85 -33.10
N VAL C 233 -19.41 -31.80 -31.77
CA VAL C 233 -20.54 -32.21 -30.94
C VAL C 233 -21.33 -31.00 -30.47
N THR C 234 -22.65 -31.09 -30.56
CA THR C 234 -23.59 -30.17 -29.95
C THR C 234 -24.39 -30.90 -28.89
N LEU C 235 -24.62 -30.23 -27.76
CA LEU C 235 -25.15 -30.88 -26.55
C LEU C 235 -26.35 -30.09 -26.05
N ILE C 236 -27.55 -30.66 -26.21
CA ILE C 236 -28.79 -30.10 -25.68
C ILE C 236 -28.98 -30.64 -24.27
N ALA C 237 -28.87 -29.77 -23.27
CA ALA C 237 -28.87 -30.18 -21.87
C ALA C 237 -30.07 -29.59 -21.15
N GLY C 238 -30.78 -30.42 -20.40
CA GLY C 238 -31.78 -29.92 -19.49
C GLY C 238 -31.19 -29.66 -18.12
N ASN C 239 -31.93 -30.03 -17.08
CA ASN C 239 -31.39 -30.01 -15.73
C ASN C 239 -30.40 -31.15 -15.55
N THR C 240 -29.23 -30.83 -14.99
CA THR C 240 -28.20 -31.79 -14.64
C THR C 240 -27.83 -31.62 -13.17
N ALA C 241 -26.91 -32.45 -12.70
CA ALA C 241 -26.34 -32.33 -11.35
C ALA C 241 -25.17 -31.35 -11.30
N GLY C 242 -25.38 -30.14 -11.81
CA GLY C 242 -24.32 -29.13 -11.80
C GLY C 242 -23.13 -29.51 -12.65
N LEU C 243 -23.36 -30.07 -13.84
CA LEU C 243 -22.30 -30.62 -14.66
C LEU C 243 -21.64 -29.53 -15.51
N ILE C 244 -20.30 -29.48 -15.45
CA ILE C 244 -19.56 -28.47 -16.21
C ILE C 244 -19.64 -28.79 -17.70
N ASP C 245 -19.70 -27.74 -18.51
CA ASP C 245 -19.75 -27.93 -19.95
C ASP C 245 -18.50 -28.69 -20.39
N PRO C 246 -18.61 -29.73 -21.19
CA PRO C 246 -17.41 -30.44 -21.62
C PRO C 246 -16.63 -29.62 -22.61
N ALA C 247 -15.33 -29.89 -22.65
CA ALA C 247 -14.42 -29.15 -23.53
C ALA C 247 -14.79 -29.39 -24.98
N GLY C 248 -14.93 -28.29 -25.73
CA GLY C 248 -15.09 -28.38 -27.17
C GLY C 248 -16.44 -28.79 -27.65
N VAL C 249 -17.50 -28.59 -26.87
CA VAL C 249 -18.85 -28.88 -27.35
C VAL C 249 -19.66 -27.60 -27.29
N GLU C 250 -20.46 -27.36 -28.33
CA GLU C 250 -21.42 -26.28 -28.34
C GLU C 250 -22.59 -26.62 -27.42
N MET C 251 -22.97 -25.66 -26.58
CA MET C 251 -23.93 -25.88 -25.51
C MET C 251 -25.21 -25.11 -25.78
N VAL C 252 -26.31 -25.78 -25.49
CA VAL C 252 -27.64 -25.18 -25.59
C VAL C 252 -28.49 -25.64 -24.41
N HIS C 253 -28.99 -24.69 -23.63
CA HIS C 253 -29.72 -24.96 -22.39
C HIS C 253 -31.22 -24.83 -22.63
N ILE C 254 -31.97 -25.90 -22.34
CA ILE C 254 -33.42 -25.88 -22.52
C ILE C 254 -34.10 -26.11 -21.17
N GLY C 255 -35.33 -25.60 -21.06
CA GLY C 255 -36.09 -25.85 -19.85
C GLY C 255 -37.03 -27.04 -19.91
N SER C 256 -37.96 -27.06 -20.88
CA SER C 256 -39.00 -28.09 -20.89
C SER C 256 -38.82 -29.03 -22.09
N ALA C 257 -39.71 -30.03 -22.15
CA ALA C 257 -39.62 -31.00 -23.23
C ALA C 257 -40.03 -30.36 -24.55
N THR C 258 -41.04 -29.50 -24.50
CA THR C 258 -41.37 -28.70 -25.66
C THR C 258 -40.18 -27.86 -26.09
N GLN C 259 -39.52 -27.22 -25.13
CA GLN C 259 -38.32 -26.46 -25.43
C GLN C 259 -37.18 -27.35 -25.93
N LEU C 260 -37.21 -28.64 -25.59
CA LEU C 260 -36.17 -29.54 -26.09
C LEU C 260 -36.42 -29.86 -27.56
N ARG C 261 -37.65 -30.22 -27.91
CA ARG C 261 -37.92 -30.67 -29.28
C ARG C 261 -37.72 -29.54 -30.27
N ASP C 262 -38.09 -28.31 -29.89
CA ASP C 262 -37.80 -27.16 -30.76
C ASP C 262 -36.29 -27.00 -30.93
N ALA C 263 -35.52 -27.27 -29.87
CA ALA C 263 -34.06 -27.20 -29.97
C ALA C 263 -33.50 -28.36 -30.77
N VAL C 264 -34.11 -29.55 -30.67
CA VAL C 264 -33.69 -30.68 -31.48
C VAL C 264 -34.09 -30.47 -32.94
N SER C 265 -35.28 -29.95 -33.19
CA SER C 265 -35.67 -29.72 -34.57
C SER C 265 -34.88 -28.57 -35.19
N LYS C 266 -34.26 -27.70 -34.36
CA LYS C 266 -33.48 -26.59 -34.88
C LYS C 266 -32.08 -27.00 -35.31
N HIS C 267 -31.50 -28.01 -34.64
CA HIS C 267 -30.11 -28.39 -34.90
C HIS C 267 -29.97 -29.76 -35.57
N ALA C 268 -31.04 -30.56 -35.63
CA ALA C 268 -30.96 -31.86 -36.28
C ALA C 268 -30.59 -31.79 -37.77
N PRO C 269 -30.95 -30.78 -38.55
CA PRO C 269 -30.58 -30.79 -39.98
C PRO C 269 -29.07 -30.75 -40.25
N ASP C 270 -28.28 -30.13 -39.37
CA ASP C 270 -26.83 -30.10 -39.62
C ASP C 270 -26.13 -31.34 -39.10
N ALA C 271 -26.82 -32.18 -38.33
CA ALA C 271 -26.20 -33.27 -37.58
C ALA C 271 -26.09 -34.55 -38.41
N ASN C 272 -25.10 -35.37 -38.06
CA ASN C 272 -24.94 -36.71 -38.63
C ASN C 272 -25.40 -37.81 -37.69
N VAL C 273 -25.35 -37.56 -36.39
CA VAL C 273 -25.65 -38.54 -35.36
C VAL C 273 -26.45 -37.83 -34.29
N LEU C 274 -27.58 -38.41 -33.88
CA LEU C 274 -28.34 -37.88 -32.78
C LEU C 274 -28.36 -38.89 -31.65
N VAL C 275 -28.05 -38.43 -30.45
CA VAL C 275 -28.03 -39.25 -29.25
C VAL C 275 -29.11 -38.71 -28.34
N MET C 276 -30.24 -39.42 -28.26
CA MET C 276 -31.27 -39.08 -27.28
C MET C 276 -30.97 -39.78 -25.96
N ALA C 277 -30.11 -39.15 -25.17
CA ALA C 277 -29.87 -39.66 -23.81
C ALA C 277 -30.63 -38.87 -22.75
N ALA C 278 -31.26 -37.76 -23.14
CA ALA C 278 -32.05 -36.96 -22.21
C ALA C 278 -33.25 -37.73 -21.71
N ALA C 279 -33.43 -37.75 -20.39
CA ALA C 279 -34.67 -38.27 -19.82
C ALA C 279 -35.78 -37.25 -20.07
N VAL C 280 -36.48 -37.39 -21.20
CA VAL C 280 -37.51 -36.43 -21.59
C VAL C 280 -38.80 -36.74 -20.86
N ALA C 281 -39.52 -35.70 -20.44
CA ALA C 281 -40.74 -35.88 -19.67
C ALA C 281 -41.85 -36.42 -20.57
N ASP C 282 -42.46 -37.52 -20.12
CA ASP C 282 -43.54 -38.20 -20.88
C ASP C 282 -44.76 -37.30 -20.93
N PHE C 283 -45.19 -36.79 -19.77
CA PHE C 283 -46.40 -35.95 -19.75
C PHE C 283 -46.12 -34.60 -19.10
N ARG C 284 -46.82 -33.59 -19.59
CA ARG C 284 -46.74 -32.18 -19.14
C ARG C 284 -47.86 -31.94 -18.11
N PRO C 285 -48.01 -30.71 -17.62
CA PRO C 285 -49.07 -30.34 -16.72
C PRO C 285 -50.01 -29.46 -17.56
N ALA C 286 -51.29 -29.84 -17.61
CA ALA C 286 -52.35 -29.23 -18.44
C ALA C 286 -52.36 -27.71 -18.37
N HIS C 287 -52.48 -27.15 -17.18
CA HIS C 287 -52.56 -25.67 -17.15
C HIS C 287 -51.38 -25.07 -16.39
N VAL C 288 -50.75 -24.09 -17.02
CA VAL C 288 -49.59 -23.35 -16.43
C VAL C 288 -50.18 -22.02 -15.99
N ALA C 289 -50.15 -21.73 -14.70
CA ALA C 289 -50.76 -20.52 -14.12
C ALA C 289 -49.71 -19.41 -14.13
N ALA C 290 -49.98 -18.39 -13.33
CA ALA C 290 -48.98 -17.35 -13.10
C ALA C 290 -48.59 -17.05 -11.66
N ALA C 291 -49.11 -17.82 -10.70
CA ALA C 291 -48.86 -17.64 -9.27
C ALA C 291 -49.28 -18.92 -8.55
N LYS C 292 -49.23 -18.92 -7.23
CA LYS C 292 -49.58 -20.09 -6.44
C LYS C 292 -50.19 -19.72 -5.09
N SER C 301 -56.49 -28.98 -6.08
CA SER C 301 -55.72 -30.01 -5.42
C SER C 301 -55.66 -31.28 -6.28
N SER C 302 -55.70 -31.07 -7.60
CA SER C 302 -55.53 -32.13 -8.58
C SER C 302 -55.21 -31.47 -9.92
N ILE C 303 -53.99 -31.64 -10.39
CA ILE C 303 -53.50 -30.97 -11.59
C ILE C 303 -53.54 -31.95 -12.76
N ASP C 304 -54.10 -31.50 -13.88
CA ASP C 304 -54.22 -32.34 -15.06
C ASP C 304 -52.91 -32.36 -15.85
N LEU C 305 -52.72 -33.42 -16.62
CA LEU C 305 -51.49 -33.63 -17.36
C LEU C 305 -51.79 -33.91 -18.84
N VAL C 306 -50.90 -33.44 -19.70
CA VAL C 306 -51.01 -33.63 -21.15
C VAL C 306 -49.71 -34.28 -21.64
N ARG C 307 -49.83 -35.22 -22.58
CA ARG C 307 -48.66 -35.93 -23.07
C ARG C 307 -47.81 -35.04 -23.98
N ASN C 308 -46.50 -35.12 -23.81
CA ASN C 308 -45.56 -34.38 -24.65
C ASN C 308 -45.24 -35.16 -25.91
N ASP C 309 -44.65 -34.44 -26.89
CA ASP C 309 -44.29 -35.04 -28.16
C ASP C 309 -43.05 -35.91 -28.02
N ASP C 310 -43.08 -37.09 -28.67
CA ASP C 310 -41.94 -38.01 -28.70
C ASP C 310 -40.92 -37.47 -29.70
N VAL C 311 -40.00 -36.62 -29.22
CA VAL C 311 -39.09 -35.95 -30.15
C VAL C 311 -38.21 -36.97 -30.86
N LEU C 312 -37.85 -38.06 -30.18
CA LEU C 312 -37.05 -39.10 -30.83
C LEU C 312 -37.82 -39.73 -31.98
N ALA C 313 -39.09 -40.11 -31.76
CA ALA C 313 -39.93 -40.55 -32.87
C ALA C 313 -40.12 -39.43 -33.88
N GLY C 314 -40.24 -38.18 -33.39
CA GLY C 314 -40.37 -37.06 -34.31
C GLY C 314 -39.20 -36.94 -35.27
N ALA C 315 -38.01 -37.36 -34.83
CA ALA C 315 -36.83 -37.29 -35.70
C ALA C 315 -36.77 -38.43 -36.69
N VAL C 316 -37.14 -39.66 -36.29
CA VAL C 316 -37.07 -40.74 -37.26
C VAL C 316 -38.13 -40.56 -38.34
N ARG C 317 -39.33 -40.08 -37.98
CA ARG C 317 -40.38 -39.90 -38.97
C ARG C 317 -40.03 -38.78 -39.95
N ALA C 318 -39.52 -37.66 -39.44
CA ALA C 318 -39.01 -36.60 -40.31
C ALA C 318 -37.85 -37.09 -41.17
N ARG C 319 -37.06 -38.02 -40.63
CA ARG C 319 -36.00 -38.64 -41.42
C ARG C 319 -36.56 -39.50 -42.55
N ALA C 320 -37.58 -40.31 -42.25
CA ALA C 320 -38.19 -41.16 -43.27
C ALA C 320 -38.97 -40.35 -44.30
N ASP C 321 -39.36 -39.12 -43.96
CA ASP C 321 -39.98 -38.19 -44.89
C ASP C 321 -38.95 -37.26 -45.54
N GLY C 322 -37.70 -37.71 -45.67
CA GLY C 322 -36.68 -37.00 -46.41
C GLY C 322 -36.27 -35.64 -45.88
N GLN C 323 -36.70 -35.30 -44.66
CA GLN C 323 -36.40 -34.00 -44.09
C GLN C 323 -35.15 -33.99 -43.22
N LEU C 324 -34.40 -35.09 -43.16
CA LEU C 324 -33.14 -35.15 -42.40
C LEU C 324 -32.12 -35.95 -43.19
N PRO C 325 -31.68 -35.44 -44.34
CA PRO C 325 -30.88 -36.25 -45.26
C PRO C 325 -29.51 -36.66 -44.72
N ASN C 326 -28.73 -35.70 -44.22
CA ASN C 326 -27.39 -36.03 -43.75
C ASN C 326 -27.38 -36.70 -42.38
N MET C 327 -28.55 -36.96 -41.80
CA MET C 327 -28.64 -37.76 -40.58
C MET C 327 -28.39 -39.23 -40.89
N ARG C 328 -27.38 -39.84 -40.27
CA ARG C 328 -27.05 -41.21 -40.56
C ARG C 328 -27.22 -42.18 -39.39
N ALA C 329 -27.33 -41.71 -38.15
CA ALA C 329 -27.44 -42.65 -37.04
C ALA C 329 -28.19 -42.02 -35.89
N ILE C 330 -29.33 -42.62 -35.54
CA ILE C 330 -30.18 -42.17 -34.45
C ILE C 330 -30.09 -43.22 -33.35
N VAL C 331 -29.56 -42.84 -32.18
CA VAL C 331 -29.42 -43.77 -31.06
C VAL C 331 -30.37 -43.36 -29.94
N GLY C 332 -31.22 -44.31 -29.51
CA GLY C 332 -32.13 -44.10 -28.41
C GLY C 332 -31.66 -44.77 -27.14
N PHE C 333 -32.25 -44.39 -25.99
CA PHE C 333 -31.88 -44.94 -24.69
C PHE C 333 -33.10 -45.54 -24.01
N ALA C 334 -32.90 -46.67 -23.31
CA ALA C 334 -34.01 -47.39 -22.70
C ALA C 334 -33.61 -47.89 -21.32
N ALA C 335 -34.52 -47.76 -20.36
CA ALA C 335 -34.30 -48.23 -18.99
C ALA C 335 -34.93 -49.60 -18.82
N GLU C 336 -34.27 -50.45 -18.04
CA GLU C 336 -34.68 -51.84 -17.91
C GLU C 336 -34.48 -52.33 -16.48
N THR C 337 -35.45 -53.11 -15.99
CA THR C 337 -35.38 -53.78 -14.69
C THR C 337 -35.96 -55.18 -14.83
N GLY C 338 -35.10 -56.15 -15.16
CA GLY C 338 -35.46 -57.55 -15.17
C GLY C 338 -36.19 -57.99 -16.42
N ASP C 339 -36.13 -59.29 -16.69
CA ASP C 339 -36.76 -59.90 -17.86
C ASP C 339 -37.67 -61.05 -17.44
N ALA C 340 -38.96 -60.97 -17.81
CA ALA C 340 -39.89 -62.08 -17.62
C ALA C 340 -40.72 -62.40 -18.86
N ASN C 341 -41.15 -61.39 -19.63
CA ASN C 341 -42.05 -61.63 -20.78
C ASN C 341 -41.28 -62.18 -21.97
N GLY C 342 -40.02 -61.88 -22.04
CA GLY C 342 -39.06 -62.59 -22.84
C GLY C 342 -37.74 -62.28 -22.19
N ASP C 343 -36.65 -62.43 -22.95
CA ASP C 343 -35.39 -61.92 -22.40
C ASP C 343 -35.29 -60.41 -22.63
N VAL C 344 -34.30 -59.81 -21.97
CA VAL C 344 -34.08 -58.38 -22.14
C VAL C 344 -33.69 -58.06 -23.58
N LEU C 345 -32.83 -58.89 -24.18
CA LEU C 345 -32.44 -58.67 -25.57
C LEU C 345 -33.62 -58.86 -26.52
N PHE C 346 -34.59 -59.69 -26.16
CA PHE C 346 -35.78 -59.87 -26.99
C PHE C 346 -36.63 -58.60 -27.01
N HIS C 347 -36.95 -58.05 -25.84
CA HIS C 347 -37.81 -56.87 -25.77
C HIS C 347 -37.11 -55.62 -26.26
N ALA C 348 -35.77 -55.57 -26.12
CA ALA C 348 -35.01 -54.43 -26.62
C ALA C 348 -34.98 -54.41 -28.14
N ARG C 349 -34.75 -55.56 -28.77
CA ARG C 349 -34.81 -55.63 -30.23
C ARG C 349 -36.18 -55.20 -30.75
N ALA C 350 -37.24 -55.50 -30.00
CA ALA C 350 -38.57 -55.03 -30.40
C ALA C 350 -38.66 -53.52 -30.27
N LYS C 351 -38.16 -52.97 -29.16
CA LYS C 351 -38.19 -51.53 -28.97
C LYS C 351 -37.36 -50.80 -30.01
N LEU C 352 -36.38 -51.49 -30.59
CA LEU C 352 -35.45 -50.89 -31.54
C LEU C 352 -36.04 -50.87 -32.95
N GLU C 353 -36.75 -51.94 -33.34
CA GLU C 353 -37.43 -51.97 -34.63
C GLU C 353 -38.64 -51.05 -34.63
N ARG C 354 -39.29 -50.88 -33.48
CA ARG C 354 -40.52 -50.09 -33.45
C ARG C 354 -40.23 -48.60 -33.45
N LYS C 355 -39.33 -48.14 -32.59
CA LYS C 355 -39.02 -46.71 -32.53
C LYS C 355 -38.29 -46.23 -33.77
N GLY C 356 -37.66 -47.12 -34.53
CA GLY C 356 -36.95 -46.73 -35.73
C GLY C 356 -35.53 -46.26 -35.48
N CYS C 357 -34.90 -46.72 -34.41
CA CYS C 357 -33.55 -46.34 -34.04
C CYS C 357 -32.53 -47.10 -34.88
N ASP C 358 -31.33 -46.53 -34.98
CA ASP C 358 -30.21 -47.27 -35.54
C ASP C 358 -29.44 -48.01 -34.46
N LEU C 359 -29.49 -47.52 -33.22
CA LEU C 359 -28.78 -48.10 -32.09
C LEU C 359 -29.59 -47.84 -30.83
N LEU C 360 -29.63 -48.84 -29.94
CA LEU C 360 -30.35 -48.69 -28.70
C LEU C 360 -29.43 -49.06 -27.55
N VAL C 361 -29.34 -48.15 -26.59
CA VAL C 361 -28.56 -48.33 -25.37
C VAL C 361 -29.54 -48.67 -24.25
N VAL C 362 -29.52 -49.91 -23.78
CA VAL C 362 -30.44 -50.31 -22.72
C VAL C 362 -29.68 -50.17 -21.41
N ASN C 363 -30.18 -49.30 -20.54
CA ASN C 363 -29.57 -49.04 -19.24
C ASN C 363 -30.19 -49.93 -18.19
N ALA C 364 -29.33 -50.54 -17.35
CA ALA C 364 -29.79 -51.47 -16.31
C ALA C 364 -30.16 -50.67 -15.06
N VAL C 365 -31.37 -50.11 -15.08
CA VAL C 365 -31.85 -49.28 -13.99
C VAL C 365 -32.65 -50.09 -12.99
N GLY C 378 -25.60 -53.13 -18.57
CA GLY C 378 -25.69 -52.52 -19.88
C GLY C 378 -26.02 -53.48 -21.02
N TRP C 379 -26.68 -52.94 -22.05
CA TRP C 379 -26.94 -53.66 -23.28
C TRP C 379 -26.83 -52.69 -24.44
N LEU C 380 -26.15 -53.11 -25.50
CA LEU C 380 -26.03 -52.34 -26.71
C LEU C 380 -26.57 -53.18 -27.85
N LEU C 381 -27.61 -52.68 -28.53
CA LEU C 381 -28.18 -53.36 -29.67
C LEU C 381 -28.16 -52.42 -30.87
N SER C 382 -28.02 -53.01 -32.04
CA SER C 382 -27.79 -52.28 -33.27
C SER C 382 -28.78 -52.74 -34.33
N ALA C 383 -29.17 -51.82 -35.20
CA ALA C 383 -30.02 -52.18 -36.33
C ALA C 383 -29.34 -53.12 -37.32
N ASP C 384 -28.02 -53.31 -37.21
CA ASP C 384 -27.34 -54.28 -38.05
C ASP C 384 -27.54 -55.72 -37.58
N GLY C 385 -28.09 -55.91 -36.37
CA GLY C 385 -28.21 -57.22 -35.76
C GLY C 385 -27.24 -57.45 -34.63
N THR C 386 -26.25 -56.58 -34.46
CA THR C 386 -25.29 -56.72 -33.38
C THR C 386 -25.96 -56.53 -32.03
N GLU C 387 -25.44 -57.24 -31.03
CA GLU C 387 -25.87 -57.13 -29.64
C GLU C 387 -24.63 -57.31 -28.77
N SER C 388 -24.57 -56.58 -27.66
CA SER C 388 -23.41 -56.71 -26.81
C SER C 388 -23.77 -56.44 -25.36
N ALA C 389 -23.18 -57.25 -24.47
CA ALA C 389 -23.35 -57.11 -23.03
C ALA C 389 -22.32 -56.12 -22.50
N LEU C 390 -22.79 -54.96 -22.06
CA LEU C 390 -21.90 -53.96 -21.48
C LEU C 390 -21.53 -54.38 -20.06
N GLU C 391 -20.24 -54.58 -19.81
CA GLU C 391 -19.75 -54.89 -18.47
C GLU C 391 -19.86 -53.65 -17.57
N HIS C 392 -19.91 -53.88 -16.26
CA HIS C 392 -20.09 -52.78 -15.32
C HIS C 392 -18.87 -51.90 -15.31
N GLY C 393 -19.09 -50.60 -15.09
CA GLY C 393 -17.99 -49.68 -14.97
C GLY C 393 -18.47 -48.26 -14.84
N SER C 394 -17.56 -47.32 -15.11
CA SER C 394 -17.87 -45.91 -14.98
C SER C 394 -18.74 -45.45 -16.13
N LYS C 395 -19.55 -44.43 -15.88
CA LYS C 395 -20.38 -43.87 -16.95
C LYS C 395 -19.55 -43.49 -18.17
N THR C 396 -18.34 -42.92 -17.97
CA THR C 396 -17.51 -42.55 -19.10
C THR C 396 -16.97 -43.78 -19.84
N LEU C 397 -16.69 -44.88 -19.12
CA LEU C 397 -16.28 -46.11 -19.81
C LEU C 397 -17.42 -46.67 -20.65
N MET C 398 -18.65 -46.56 -20.15
CA MET C 398 -19.79 -47.03 -20.94
C MET C 398 -19.95 -46.19 -22.21
N ALA C 399 -19.65 -44.88 -22.12
CA ALA C 399 -19.76 -44.00 -23.26
C ALA C 399 -18.81 -44.43 -24.37
N THR C 400 -17.62 -44.93 -24.03
CA THR C 400 -16.70 -45.38 -25.07
C THR C 400 -17.25 -46.62 -25.77
N ARG C 401 -17.82 -47.56 -25.02
CA ARG C 401 -18.49 -48.70 -25.68
C ARG C 401 -19.61 -48.21 -26.59
N ILE C 402 -20.36 -47.21 -26.13
CA ILE C 402 -21.41 -46.63 -26.96
C ILE C 402 -20.80 -46.01 -28.22
N VAL C 403 -19.82 -45.11 -28.03
CA VAL C 403 -19.26 -44.42 -29.19
C VAL C 403 -18.61 -45.41 -30.14
N ASP C 404 -17.95 -46.44 -29.60
CA ASP C 404 -17.47 -47.54 -30.45
C ASP C 404 -18.56 -48.00 -31.41
N SER C 405 -19.76 -48.32 -30.85
CA SER C 405 -20.82 -48.87 -31.69
C SER C 405 -21.34 -47.83 -32.67
N ILE C 406 -21.39 -46.56 -32.25
CA ILE C 406 -21.78 -45.51 -33.20
C ILE C 406 -20.79 -45.48 -34.35
N ALA C 407 -19.50 -45.61 -34.04
CA ALA C 407 -18.49 -45.75 -35.09
C ALA C 407 -18.71 -47.02 -35.91
N ALA C 408 -18.81 -48.18 -35.24
CA ALA C 408 -19.02 -49.44 -35.96
C ALA C 408 -20.21 -49.37 -36.91
N PHE C 409 -21.30 -48.71 -36.49
CA PHE C 409 -22.47 -48.60 -37.33
C PHE C 409 -22.19 -47.73 -38.56
N LEU C 410 -21.53 -46.58 -38.36
CA LEU C 410 -21.28 -45.67 -39.47
C LEU C 410 -20.40 -46.31 -40.54
N LYS C 411 -19.46 -47.15 -40.11
CA LYS C 411 -18.70 -47.97 -41.06
C LYS C 411 -19.62 -48.85 -41.91
N SER C 412 -20.64 -49.44 -41.28
CA SER C 412 -21.57 -50.31 -42.02
C SER C 412 -22.43 -49.51 -42.99
N GLN C 413 -23.11 -48.47 -42.48
CA GLN C 413 -23.98 -47.63 -43.30
C GLN C 413 -23.17 -46.87 -44.34
N SER D 3 -15.48 4.20 -10.84
CA SER D 3 -15.89 3.01 -11.59
C SER D 3 -16.43 1.97 -10.64
N ALA D 4 -17.20 1.01 -11.17
CA ALA D 4 -17.42 -0.23 -10.45
C ALA D 4 -16.14 -1.04 -10.33
N ARG D 5 -15.13 -0.69 -11.13
CA ARG D 5 -13.78 -1.27 -11.07
C ARG D 5 -13.09 -0.77 -9.81
N LYS D 6 -13.03 -1.62 -8.80
CA LYS D 6 -12.31 -1.32 -7.58
C LYS D 6 -10.88 -1.89 -7.66
N ARG D 7 -10.00 -1.32 -6.84
CA ARG D 7 -8.60 -1.74 -6.76
C ARG D 7 -8.43 -2.64 -5.55
N ILE D 8 -7.95 -3.86 -5.80
CA ILE D 8 -7.79 -4.90 -4.80
C ILE D 8 -6.32 -5.31 -4.73
N VAL D 9 -5.79 -5.39 -3.52
CA VAL D 9 -4.49 -6.02 -3.28
C VAL D 9 -4.75 -7.45 -2.82
N VAL D 10 -4.29 -8.43 -3.58
CA VAL D 10 -4.31 -9.81 -3.11
C VAL D 10 -2.91 -10.18 -2.65
N GLY D 11 -2.73 -10.31 -1.34
CA GLY D 11 -1.47 -10.75 -0.79
C GLY D 11 -1.44 -12.27 -0.71
N VAL D 12 -0.27 -12.83 -0.96
CA VAL D 12 -0.09 -14.27 -0.98
C VAL D 12 1.09 -14.62 -0.10
N ALA D 13 0.85 -15.43 0.93
CA ALA D 13 1.92 -15.87 1.81
C ALA D 13 2.32 -17.31 1.49
N GLY D 14 3.38 -17.79 2.13
CA GLY D 14 3.97 -19.09 1.78
C GLY D 14 3.30 -20.33 2.36
N GLY D 15 2.08 -20.60 1.96
CA GLY D 15 1.47 -21.86 2.31
C GLY D 15 1.23 -22.74 1.09
N ILE D 16 1.03 -24.03 1.32
CA ILE D 16 0.75 -24.95 0.22
C ILE D 16 -0.48 -24.51 -0.56
N ALA D 17 -1.38 -23.76 0.07
CA ALA D 17 -2.58 -23.28 -0.57
C ALA D 17 -2.34 -22.13 -1.57
N ALA D 18 -1.09 -21.75 -1.84
CA ALA D 18 -0.85 -20.57 -2.69
C ALA D 18 -1.40 -20.76 -4.09
N TYR D 19 -1.32 -21.98 -4.64
CA TYR D 19 -1.89 -22.17 -5.96
C TYR D 19 -3.40 -21.98 -5.96
N LYS D 20 -4.04 -21.94 -4.79
CA LYS D 20 -5.48 -21.63 -4.75
C LYS D 20 -5.74 -20.12 -4.88
N ALA D 21 -4.81 -19.27 -4.39
CA ALA D 21 -4.90 -17.83 -4.63
C ALA D 21 -4.98 -17.47 -6.10
N CYS D 22 -4.35 -18.26 -6.98
CA CYS D 22 -4.44 -17.99 -8.41
C CYS D 22 -5.89 -17.94 -8.87
N THR D 23 -6.73 -18.86 -8.38
CA THR D 23 -8.15 -18.81 -8.77
C THR D 23 -8.86 -17.60 -8.17
N VAL D 24 -8.48 -17.16 -6.98
CA VAL D 24 -9.02 -15.91 -6.42
C VAL D 24 -8.69 -14.73 -7.34
N VAL D 25 -7.43 -14.61 -7.73
CA VAL D 25 -7.00 -13.49 -8.57
C VAL D 25 -7.75 -13.50 -9.90
N ARG D 26 -7.88 -14.67 -10.52
CA ARG D 26 -8.59 -14.77 -11.79
C ARG D 26 -10.04 -14.35 -11.63
N GLN D 27 -10.68 -14.78 -10.54
CA GLN D 27 -12.09 -14.52 -10.36
C GLN D 27 -12.34 -13.05 -10.08
N LEU D 28 -11.57 -12.45 -9.17
CA LEU D 28 -11.68 -11.02 -8.93
C LEU D 28 -11.44 -10.23 -10.22
N THR D 29 -10.60 -10.77 -11.12
CA THR D 29 -10.30 -10.10 -12.38
C THR D 29 -11.41 -10.29 -13.41
N GLU D 30 -12.00 -11.50 -13.46
CA GLU D 30 -13.17 -11.69 -14.31
C GLU D 30 -14.34 -10.84 -13.85
N ALA D 31 -14.37 -10.46 -12.58
CA ALA D 31 -15.44 -9.62 -12.08
C ALA D 31 -15.22 -8.14 -12.40
N GLY D 32 -14.13 -7.80 -13.10
CA GLY D 32 -13.91 -6.44 -13.54
C GLY D 32 -12.96 -5.61 -12.68
N HIS D 33 -12.49 -6.13 -11.57
CA HIS D 33 -11.64 -5.35 -10.68
C HIS D 33 -10.20 -5.36 -11.17
N SER D 34 -9.43 -4.36 -10.75
CA SER D 34 -8.00 -4.38 -10.99
C SER D 34 -7.30 -4.94 -9.76
N VAL D 35 -6.45 -5.94 -9.97
CA VAL D 35 -5.86 -6.72 -8.90
C VAL D 35 -4.35 -6.56 -8.95
N ARG D 36 -3.76 -6.23 -7.82
CA ARG D 36 -2.31 -6.24 -7.67
C ARG D 36 -1.96 -7.37 -6.70
N VAL D 37 -1.16 -8.32 -7.16
CA VAL D 37 -0.77 -9.42 -6.30
C VAL D 37 0.52 -9.04 -5.59
N VAL D 38 0.55 -9.18 -4.28
CA VAL D 38 1.77 -8.95 -3.51
C VAL D 38 2.10 -10.21 -2.74
N PRO D 39 2.98 -11.05 -3.27
CA PRO D 39 3.42 -12.20 -2.49
C PRO D 39 4.54 -11.81 -1.53
N THR D 40 4.68 -12.61 -0.49
CA THR D 40 5.92 -12.72 0.27
C THR D 40 6.98 -13.43 -0.56
N GLU D 41 8.23 -13.29 -0.16
CA GLU D 41 9.31 -14.05 -0.80
C GLU D 41 9.04 -15.56 -0.70
N SER D 42 8.58 -16.04 0.44
CA SER D 42 8.46 -17.49 0.57
C SER D 42 7.26 -18.03 -0.21
N ALA D 43 6.29 -17.18 -0.55
CA ALA D 43 5.24 -17.65 -1.47
C ALA D 43 5.80 -17.99 -2.84
N LEU D 44 6.85 -17.29 -3.29
CA LEU D 44 7.43 -17.61 -4.60
C LEU D 44 8.04 -19.00 -4.64
N ARG D 45 8.20 -19.67 -3.50
CA ARG D 45 8.62 -21.05 -3.55
C ARG D 45 7.48 -21.95 -4.00
N PHE D 46 6.26 -21.46 -3.93
CA PHE D 46 5.08 -22.25 -4.26
C PHE D 46 4.45 -21.88 -5.59
N VAL D 47 4.27 -20.59 -5.85
CA VAL D 47 3.75 -20.10 -7.14
C VAL D 47 4.65 -18.98 -7.65
N GLY D 48 5.02 -19.06 -8.92
CA GLY D 48 5.94 -18.08 -9.49
C GLY D 48 5.30 -16.71 -9.74
N ALA D 49 6.12 -15.69 -9.58
CA ALA D 49 5.74 -14.33 -10.00
C ALA D 49 5.12 -14.32 -11.39
N ALA D 50 5.72 -15.06 -12.35
CA ALA D 50 5.17 -15.09 -13.70
C ALA D 50 3.70 -15.49 -13.72
N THR D 51 3.27 -16.34 -12.78
CA THR D 51 1.86 -16.75 -12.80
C THR D 51 0.98 -15.59 -12.40
N PHE D 52 1.34 -14.94 -11.29
CA PHE D 52 0.54 -13.84 -10.79
C PHE D 52 0.56 -12.66 -11.75
N GLU D 53 1.64 -12.51 -12.53
CA GLU D 53 1.66 -11.41 -13.48
C GLU D 53 0.68 -11.66 -14.62
N ALA D 54 0.64 -12.89 -15.14
CA ALA D 54 -0.26 -13.18 -16.25
C ALA D 54 -1.73 -13.06 -15.82
N LEU D 55 -2.04 -13.48 -14.58
CA LEU D 55 -3.43 -13.41 -14.13
C LEU D 55 -3.82 -12.01 -13.71
N SER D 56 -2.98 -11.32 -12.93
CA SER D 56 -3.34 -10.00 -12.44
C SER D 56 -3.24 -8.94 -13.53
N GLY D 57 -2.40 -9.16 -14.55
CA GLY D 57 -2.11 -8.14 -15.54
C GLY D 57 -1.26 -6.99 -15.02
N ASN D 58 -0.68 -7.14 -13.84
CA ASN D 58 0.07 -6.09 -13.15
C ASN D 58 1.40 -6.62 -12.66
N PRO D 59 2.39 -5.75 -12.52
CA PRO D 59 3.69 -6.21 -12.01
C PRO D 59 3.54 -6.85 -10.66
N VAL D 60 4.50 -7.70 -10.34
CA VAL D 60 4.48 -8.47 -9.11
C VAL D 60 5.81 -8.27 -8.42
N HIS D 61 5.77 -7.67 -7.23
CA HIS D 61 6.97 -7.32 -6.50
C HIS D 61 6.78 -7.78 -5.07
N THR D 62 7.89 -7.89 -4.36
CA THR D 62 7.91 -8.58 -3.09
C THR D 62 8.50 -7.72 -1.95
N GLY D 63 9.43 -6.82 -2.26
CA GLY D 63 9.95 -5.89 -1.28
C GLY D 63 9.56 -4.46 -1.63
N VAL D 64 9.85 -3.54 -0.71
CA VAL D 64 9.41 -2.16 -0.89
C VAL D 64 10.35 -1.29 -1.72
N PHE D 65 11.56 -1.77 -2.03
CA PHE D 65 12.55 -0.89 -2.67
C PHE D 65 12.45 -0.85 -4.19
N THR D 66 11.64 -1.70 -4.79
CA THR D 66 11.41 -1.63 -6.22
C THR D 66 10.38 -0.55 -6.51
N ASP D 67 10.61 0.18 -7.61
CA ASP D 67 9.72 1.26 -8.06
C ASP D 67 9.54 2.32 -6.96
N VAL D 68 10.66 2.72 -6.35
CA VAL D 68 10.58 3.71 -5.28
C VAL D 68 10.24 5.08 -5.84
N HIS D 69 10.49 5.21 -7.14
CA HIS D 69 10.22 6.48 -7.84
C HIS D 69 8.73 6.67 -7.94
N GLU D 70 7.97 5.62 -8.26
CA GLU D 70 6.50 5.72 -8.41
C GLU D 70 5.84 5.29 -7.10
N VAL D 71 6.41 5.82 -6.02
CA VAL D 71 6.08 5.65 -4.58
C VAL D 71 5.15 4.46 -4.35
N GLN D 72 5.70 3.25 -4.44
CA GLN D 72 4.91 2.00 -4.32
C GLN D 72 4.87 1.51 -2.87
N HIS D 73 5.88 1.85 -2.06
CA HIS D 73 5.86 1.34 -0.69
C HIS D 73 4.59 1.73 0.05
N VAL D 74 3.95 2.84 -0.37
CA VAL D 74 2.77 3.39 0.30
C VAL D 74 1.55 3.41 -0.62
N ARG D 75 1.73 3.77 -1.90
CA ARG D 75 0.57 3.95 -2.78
C ARG D 75 -0.21 2.66 -2.99
N ILE D 76 0.44 1.51 -2.82
CA ILE D 76 -0.23 0.23 -3.00
C ILE D 76 -1.30 0.01 -1.93
N GLY D 77 -1.06 0.50 -0.72
CA GLY D 77 -2.03 0.42 0.34
C GLY D 77 -3.06 1.53 0.36
N GLN D 78 -2.62 2.78 0.20
CA GLN D 78 -3.49 3.93 0.36
C GLN D 78 -4.38 4.19 -0.88
N GLN D 79 -4.19 3.44 -1.96
CA GLN D 79 -5.09 3.45 -3.09
C GLN D 79 -5.95 2.19 -3.18
N ALA D 80 -5.72 1.22 -2.33
CA ALA D 80 -6.50 -0.01 -2.39
C ALA D 80 -7.89 0.17 -1.79
N ASP D 81 -8.86 -0.52 -2.37
CA ASP D 81 -10.20 -0.60 -1.80
C ASP D 81 -10.41 -1.84 -0.94
N LEU D 82 -9.57 -2.84 -1.12
CA LEU D 82 -9.64 -4.06 -0.35
C LEU D 82 -8.26 -4.71 -0.36
N VAL D 83 -7.86 -5.25 0.79
CA VAL D 83 -6.65 -6.08 0.91
C VAL D 83 -7.13 -7.46 1.36
N VAL D 84 -6.95 -8.47 0.52
CA VAL D 84 -7.24 -9.83 0.90
C VAL D 84 -5.96 -10.66 0.83
N ILE D 85 -5.66 -11.37 1.92
CA ILE D 85 -4.49 -12.23 2.05
C ILE D 85 -4.97 -13.68 2.02
N ALA D 86 -4.53 -14.44 1.03
CA ALA D 86 -4.94 -15.82 0.86
C ALA D 86 -3.85 -16.57 0.13
N PRO D 87 -3.21 -17.58 0.77
CA PRO D 87 -3.43 -17.96 2.16
C PRO D 87 -2.71 -17.00 3.09
N ALA D 88 -3.21 -16.87 4.30
CA ALA D 88 -2.50 -16.17 5.36
C ALA D 88 -1.92 -17.25 6.28
N THR D 89 -0.60 -17.40 6.25
CA THR D 89 0.08 -18.38 7.08
C THR D 89 0.12 -17.93 8.55
N ALA D 90 0.47 -18.86 9.42
CA ALA D 90 0.72 -18.43 10.79
C ALA D 90 1.76 -17.33 10.82
N ASP D 91 2.85 -17.48 10.05
CA ASP D 91 3.91 -16.48 10.11
C ASP D 91 3.42 -15.09 9.68
N LEU D 92 2.58 -15.04 8.64
CA LEU D 92 2.03 -13.76 8.22
C LEU D 92 1.13 -13.15 9.29
N LEU D 93 0.28 -13.97 9.94
CA LEU D 93 -0.60 -13.42 10.97
C LEU D 93 0.22 -12.87 12.12
N ALA D 94 1.35 -13.51 12.43
CA ALA D 94 2.14 -13.08 13.58
C ALA D 94 2.83 -11.76 13.28
N ARG D 95 3.32 -11.61 12.04
CA ARG D 95 3.97 -10.38 11.63
C ARG D 95 2.97 -9.24 11.57
N ALA D 96 1.77 -9.53 11.08
CA ALA D 96 0.75 -8.48 11.01
C ALA D 96 0.36 -7.99 12.40
N VAL D 97 0.29 -8.90 13.39
CA VAL D 97 -0.06 -8.48 14.73
C VAL D 97 1.07 -7.67 15.34
N ALA D 98 2.32 -8.06 15.07
CA ALA D 98 3.45 -7.32 15.59
C ALA D 98 3.59 -5.94 14.97
N GLY D 99 3.00 -5.71 13.79
CA GLY D 99 3.20 -4.45 13.12
C GLY D 99 4.50 -4.42 12.36
N ARG D 100 4.94 -5.57 11.89
CA ARG D 100 6.13 -5.66 11.07
C ARG D 100 5.82 -5.08 9.68
N ALA D 101 6.85 -4.53 9.05
CA ALA D 101 6.73 -4.01 7.70
C ALA D 101 8.00 -4.28 6.92
N ASP D 102 8.54 -5.49 7.04
CA ASP D 102 9.84 -5.79 6.44
C ASP D 102 9.73 -6.42 5.06
N ASP D 103 8.55 -6.42 4.45
CA ASP D 103 8.40 -6.71 3.03
C ASP D 103 7.20 -5.94 2.49
N LEU D 104 6.96 -6.05 1.19
CA LEU D 104 5.91 -5.22 0.61
C LEU D 104 4.55 -5.56 1.22
N LEU D 105 4.26 -6.83 1.47
CA LEU D 105 2.92 -7.20 1.91
C LEU D 105 2.63 -6.67 3.30
N THR D 106 3.57 -6.85 4.23
CA THR D 106 3.40 -6.29 5.58
C THR D 106 3.41 -4.76 5.56
N ALA D 107 4.28 -4.12 4.77
CA ALA D 107 4.21 -2.66 4.63
C ALA D 107 2.85 -2.21 4.10
N THR D 108 2.33 -2.91 3.09
CA THR D 108 0.98 -2.62 2.57
C THR D 108 -0.10 -2.74 3.64
N LEU D 109 -0.03 -3.76 4.51
CA LEU D 109 -1.03 -3.89 5.57
C LEU D 109 -0.99 -2.71 6.53
N LEU D 110 0.23 -2.23 6.88
CA LEU D 110 0.29 -1.11 7.80
C LEU D 110 -0.28 0.16 7.19
N THR D 111 -0.28 0.29 5.85
CA THR D 111 -0.71 1.55 5.28
C THR D 111 -2.14 1.53 4.75
N ALA D 112 -2.73 0.36 4.68
CA ALA D 112 -4.09 0.27 4.16
C ALA D 112 -5.06 0.87 5.16
N ARG D 113 -6.05 1.59 4.66
CA ARG D 113 -7.13 2.13 5.50
C ARG D 113 -8.44 1.61 4.92
N CYS D 114 -8.39 0.55 4.16
CA CYS D 114 -9.63 -0.07 3.66
C CYS D 114 -9.87 -1.35 4.44
N PRO D 115 -10.90 -2.13 4.11
CA PRO D 115 -11.13 -3.36 4.83
C PRO D 115 -10.01 -4.36 4.55
N VAL D 116 -9.68 -5.17 5.53
CA VAL D 116 -8.61 -6.19 5.36
C VAL D 116 -9.19 -7.56 5.64
N LEU D 117 -8.99 -8.48 4.74
CA LEU D 117 -9.58 -9.80 4.84
C LEU D 117 -8.45 -10.83 4.83
N PHE D 118 -8.29 -11.55 5.95
CA PHE D 118 -7.33 -12.65 6.07
C PHE D 118 -8.02 -13.98 5.84
N ALA D 119 -7.46 -14.80 4.96
CA ALA D 119 -7.98 -16.15 4.77
C ALA D 119 -6.91 -17.14 5.19
N PRO D 120 -6.82 -17.44 6.49
CA PRO D 120 -5.72 -18.28 6.96
C PRO D 120 -5.84 -19.71 6.45
N ALA D 121 -4.71 -20.37 6.33
CA ALA D 121 -4.68 -21.77 5.93
C ALA D 121 -3.42 -22.36 6.55
N MET D 122 -3.56 -23.48 7.26
CA MET D 122 -2.39 -24.05 7.90
C MET D 122 -2.81 -25.38 8.52
N HIS D 123 -1.82 -26.12 8.99
CA HIS D 123 -2.07 -27.35 9.72
C HIS D 123 -2.78 -27.01 11.02
N THR D 124 -3.64 -27.93 11.44
CA THR D 124 -4.52 -27.71 12.58
C THR D 124 -3.75 -27.42 13.86
N GLU D 125 -2.61 -28.09 14.06
CA GLU D 125 -1.79 -27.79 15.23
C GLU D 125 -1.30 -26.35 15.19
N MET D 126 -1.00 -25.82 14.01
CA MET D 126 -0.59 -24.42 13.95
C MET D 126 -1.77 -23.50 14.24
N TRP D 127 -2.92 -23.80 13.66
CA TRP D 127 -4.10 -22.95 13.84
C TRP D 127 -4.55 -22.89 15.29
N LEU D 128 -4.49 -24.01 16.01
CA LEU D 128 -4.93 -24.03 17.40
C LEU D 128 -3.81 -23.78 18.41
N HIS D 129 -2.61 -23.43 17.95
CA HIS D 129 -1.56 -23.09 18.91
C HIS D 129 -1.92 -21.77 19.57
N PRO D 130 -1.67 -21.61 20.87
CA PRO D 130 -2.13 -20.39 21.55
C PRO D 130 -1.58 -19.10 20.95
N ALA D 131 -0.38 -19.10 20.38
CA ALA D 131 0.10 -17.86 19.77
C ALA D 131 -0.75 -17.47 18.57
N THR D 132 -1.11 -18.44 17.72
CA THR D 132 -1.97 -18.13 16.59
C THR D 132 -3.34 -17.68 17.06
N VAL D 133 -3.91 -18.44 18.01
CA VAL D 133 -5.22 -18.10 18.53
C VAL D 133 -5.23 -16.66 19.05
N ASP D 134 -4.22 -16.29 19.85
CA ASP D 134 -4.09 -14.90 20.32
C ASP D 134 -3.98 -13.93 19.15
N ASN D 135 -3.14 -14.26 18.17
CA ASN D 135 -2.93 -13.32 17.06
C ASN D 135 -4.20 -13.14 16.24
N VAL D 136 -4.94 -14.21 16.01
CA VAL D 136 -6.22 -14.09 15.33
C VAL D 136 -7.16 -13.19 16.13
N ALA D 137 -7.14 -13.29 17.45
CA ALA D 137 -8.03 -12.45 18.26
C ALA D 137 -7.58 -10.99 18.21
N THR D 138 -6.27 -10.75 18.20
CA THR D 138 -5.81 -9.38 18.12
C THR D 138 -6.20 -8.74 16.79
N LEU D 139 -6.09 -9.49 15.68
CA LEU D 139 -6.44 -8.92 14.38
C LEU D 139 -7.93 -8.60 14.30
N ARG D 140 -8.77 -9.52 14.80
CA ARG D 140 -10.20 -9.25 14.86
C ARG D 140 -10.50 -8.05 15.76
N ARG D 141 -9.94 -8.05 16.97
CA ARG D 141 -10.09 -6.88 17.83
C ARG D 141 -9.69 -5.60 17.10
N ARG D 142 -8.61 -5.64 16.30
CA ARG D 142 -8.10 -4.44 15.60
C ARG D 142 -8.91 -4.06 14.36
N GLY D 143 -9.91 -4.85 13.98
CA GLY D 143 -10.79 -4.50 12.87
C GLY D 143 -10.60 -5.30 11.59
N ALA D 144 -9.66 -6.22 11.54
CA ALA D 144 -9.55 -7.07 10.38
C ALA D 144 -10.57 -8.21 10.44
N VAL D 145 -10.95 -8.70 9.27
CA VAL D 145 -11.74 -9.92 9.14
C VAL D 145 -10.81 -11.09 8.91
N VAL D 146 -10.93 -12.11 9.74
CA VAL D 146 -10.17 -13.35 9.63
C VAL D 146 -11.17 -14.46 9.38
N LEU D 147 -11.22 -14.95 8.14
CA LEU D 147 -12.09 -16.08 7.84
C LEU D 147 -11.77 -17.29 8.75
N GLU D 148 -12.81 -17.88 9.31
CA GLU D 148 -12.68 -19.21 9.86
C GLU D 148 -12.35 -20.17 8.73
N PRO D 149 -11.27 -20.94 8.83
CA PRO D 149 -10.90 -21.86 7.75
C PRO D 149 -11.82 -23.08 7.73
N ALA D 150 -11.72 -23.84 6.64
CA ALA D 150 -12.50 -25.04 6.41
C ALA D 150 -11.88 -26.25 7.12
N SER D 151 -12.60 -27.37 7.12
CA SER D 151 -12.05 -28.67 7.58
C SER D 151 -12.01 -29.74 6.48
N ASP D 158 -5.15 -33.76 8.12
CA ASP D 158 -6.22 -34.71 8.43
C ASP D 158 -7.58 -34.00 8.47
N SER D 159 -8.51 -34.46 9.30
CA SER D 159 -9.89 -33.97 9.29
C SER D 159 -10.09 -32.65 10.03
N GLY D 160 -9.03 -32.00 10.51
CA GLY D 160 -9.20 -30.83 11.36
C GLY D 160 -9.36 -29.51 10.62
N PRO D 161 -9.62 -28.43 11.36
CA PRO D 161 -9.78 -27.11 10.73
C PRO D 161 -8.45 -26.50 10.35
N GLY D 162 -8.45 -25.81 9.21
CA GLY D 162 -7.27 -25.12 8.73
C GLY D 162 -7.09 -25.14 7.23
N ARG D 163 -7.99 -25.81 6.50
CA ARG D 163 -7.97 -25.73 5.04
C ARG D 163 -8.40 -24.34 4.57
N LEU D 164 -7.73 -23.85 3.53
CA LEU D 164 -8.18 -22.62 2.89
C LEU D 164 -9.62 -22.80 2.45
N PRO D 165 -10.52 -21.87 2.73
CA PRO D 165 -11.83 -21.91 2.09
C PRO D 165 -11.70 -21.84 0.57
N GLU D 166 -12.70 -22.38 -0.11
CA GLU D 166 -12.72 -22.37 -1.57
C GLU D 166 -12.63 -20.94 -2.12
N ALA D 167 -12.01 -20.83 -3.29
CA ALA D 167 -11.82 -19.52 -3.90
C ALA D 167 -13.14 -18.79 -4.08
N GLU D 168 -14.19 -19.49 -4.54
CA GLU D 168 -15.47 -18.84 -4.72
C GLU D 168 -15.96 -18.21 -3.42
N GLU D 169 -15.68 -18.84 -2.28
CA GLU D 169 -16.08 -18.26 -1.00
C GLU D 169 -15.30 -16.98 -0.72
N ILE D 170 -13.98 -17.03 -0.92
CA ILE D 170 -13.14 -15.87 -0.65
C ILE D 170 -13.53 -14.69 -1.54
N THR D 171 -13.76 -14.95 -2.84
CA THR D 171 -14.14 -13.85 -3.73
C THR D 171 -15.51 -13.30 -3.37
N THR D 172 -16.46 -14.19 -3.05
CA THR D 172 -17.77 -13.73 -2.59
C THR D 172 -17.63 -12.79 -1.41
N LEU D 173 -16.87 -13.19 -0.39
CA LEU D 173 -16.69 -12.33 0.78
C LEU D 173 -15.86 -11.11 0.45
N ALA D 174 -14.91 -11.24 -0.48
CA ALA D 174 -14.16 -10.07 -0.93
C ALA D 174 -15.10 -9.03 -1.53
N GLN D 175 -15.91 -9.45 -2.50
CA GLN D 175 -16.84 -8.51 -3.12
C GLN D 175 -17.84 -7.96 -2.12
N LEU D 176 -18.08 -8.69 -1.02
CA LEU D 176 -19.00 -8.19 0.01
C LEU D 176 -18.40 -7.00 0.76
N LEU D 177 -17.14 -7.13 1.19
CA LEU D 177 -16.45 -6.02 1.85
C LEU D 177 -16.25 -4.83 0.92
N LEU D 178 -16.19 -5.05 -0.39
CA LEU D 178 -16.15 -3.95 -1.33
C LEU D 178 -17.47 -3.19 -1.37
N GLU D 179 -18.57 -3.84 -0.98
CA GLU D 179 -19.89 -3.20 -0.95
C GLU D 179 -20.21 -2.61 0.41
N ARG D 180 -19.66 -3.19 1.48
CA ARG D 180 -19.96 -2.75 2.84
C ARG D 180 -18.78 -3.09 3.73
N ALA D 181 -18.03 -2.07 4.15
CA ALA D 181 -16.80 -2.32 4.90
C ALA D 181 -17.06 -2.98 6.24
N ASP D 182 -18.15 -2.59 6.91
CA ASP D 182 -18.46 -3.07 8.26
C ASP D 182 -19.32 -4.32 8.23
N ALA D 183 -19.27 -5.09 7.14
CA ALA D 183 -20.27 -6.14 6.92
C ALA D 183 -20.06 -7.39 7.78
N LEU D 184 -18.87 -7.61 8.31
CA LEU D 184 -18.54 -8.88 8.98
C LEU D 184 -17.88 -8.65 10.34
N PRO D 185 -18.53 -7.90 11.24
CA PRO D 185 -18.02 -7.82 12.62
C PRO D 185 -18.03 -9.19 13.26
N TYR D 186 -17.03 -9.45 14.11
CA TYR D 186 -16.97 -10.74 14.80
C TYR D 186 -17.84 -10.71 16.07
N ASP D 187 -19.13 -10.50 15.84
CA ASP D 187 -20.07 -10.20 16.92
C ASP D 187 -20.79 -11.43 17.45
N MET D 188 -21.04 -12.41 16.61
CA MET D 188 -21.87 -13.55 16.99
C MET D 188 -21.04 -14.73 17.45
N ALA D 189 -20.10 -14.49 18.37
CA ALA D 189 -19.31 -15.57 18.94
C ALA D 189 -20.14 -16.28 20.00
N GLY D 190 -20.08 -17.61 19.99
CA GLY D 190 -20.83 -18.42 20.92
C GLY D 190 -22.21 -18.83 20.45
N VAL D 191 -22.77 -18.13 19.46
CA VAL D 191 -24.15 -18.38 19.03
C VAL D 191 -24.24 -19.67 18.22
N LYS D 192 -25.24 -20.49 18.56
CA LYS D 192 -25.55 -21.68 17.79
C LYS D 192 -26.70 -21.35 16.83
N ALA D 193 -26.45 -21.45 15.52
CA ALA D 193 -27.46 -21.12 14.54
C ALA D 193 -27.77 -22.34 13.68
N LEU D 194 -29.01 -22.42 13.21
CA LEU D 194 -29.40 -23.44 12.26
C LEU D 194 -30.22 -22.81 11.13
N VAL D 195 -29.81 -23.09 9.90
CA VAL D 195 -30.37 -22.46 8.70
C VAL D 195 -30.93 -23.54 7.79
N THR D 196 -31.97 -23.20 7.05
CA THR D 196 -32.49 -24.07 6.00
C THR D 196 -32.42 -23.33 4.67
N ALA D 197 -32.12 -24.06 3.61
CA ALA D 197 -31.93 -23.41 2.32
C ALA D 197 -32.31 -24.34 1.18
N GLY D 198 -32.67 -23.73 0.06
CA GLY D 198 -32.91 -24.45 -1.17
C GLY D 198 -34.34 -24.91 -1.32
N GLY D 199 -34.64 -25.37 -2.52
CA GLY D 199 -35.93 -25.95 -2.80
C GLY D 199 -36.02 -27.38 -2.31
N THR D 200 -37.20 -27.95 -2.48
CA THR D 200 -37.53 -29.24 -1.92
C THR D 200 -38.14 -30.11 -3.02
N ARG D 201 -38.00 -31.42 -2.89
CA ARG D 201 -38.43 -32.33 -3.96
C ARG D 201 -39.40 -33.37 -3.38
N GLU D 202 -40.68 -33.23 -3.74
CA GLU D 202 -41.73 -34.12 -3.25
C GLU D 202 -41.97 -35.21 -4.27
N PRO D 203 -41.59 -36.46 -3.99
CA PRO D 203 -41.53 -37.47 -5.06
C PRO D 203 -42.89 -37.99 -5.50
N LEU D 204 -43.05 -38.23 -6.79
CA LEU D 204 -44.28 -38.87 -7.29
C LEU D 204 -44.01 -40.35 -7.24
N ASP D 205 -42.88 -40.75 -7.81
CA ASP D 205 -42.47 -42.13 -7.89
C ASP D 205 -40.96 -42.06 -7.68
N PRO D 206 -40.18 -43.16 -7.74
CA PRO D 206 -38.77 -43.05 -7.35
C PRO D 206 -37.94 -42.11 -8.22
N VAL D 207 -38.32 -41.87 -9.48
CA VAL D 207 -37.52 -41.02 -10.35
C VAL D 207 -38.16 -39.64 -10.57
N ARG D 208 -39.48 -39.54 -10.56
CA ARG D 208 -40.14 -38.26 -10.76
C ARG D 208 -40.38 -37.58 -9.40
N PHE D 209 -40.72 -36.30 -9.48
CA PHE D 209 -40.95 -35.44 -8.31
C PHE D 209 -41.39 -34.06 -8.77
N ILE D 210 -41.75 -33.21 -7.82
CA ILE D 210 -42.16 -31.83 -8.09
C ILE D 210 -41.25 -30.91 -7.30
N GLY D 211 -40.60 -29.98 -8.01
CA GLY D 211 -39.66 -29.07 -7.39
C GLY D 211 -40.02 -27.62 -7.68
N ASN D 212 -39.22 -26.73 -7.08
CA ASN D 212 -39.34 -25.30 -7.31
C ASN D 212 -37.96 -24.73 -7.60
N ARG D 213 -37.95 -23.56 -8.23
CA ARG D 213 -36.71 -22.98 -8.74
C ARG D 213 -35.98 -22.17 -7.66
N SER D 214 -35.82 -22.76 -6.48
CA SER D 214 -35.10 -22.11 -5.40
C SER D 214 -33.62 -22.41 -5.58
N SER D 215 -32.81 -21.37 -5.59
CA SER D 215 -31.37 -21.55 -5.78
C SER D 215 -30.67 -22.08 -4.53
N GLY D 216 -31.20 -21.78 -3.34
CA GLY D 216 -30.46 -21.97 -2.11
C GLY D 216 -29.46 -20.89 -1.79
N LYS D 217 -29.20 -19.98 -2.73
CA LYS D 217 -28.15 -18.99 -2.56
C LYS D 217 -28.43 -18.08 -1.37
N GLN D 218 -29.65 -17.55 -1.30
CA GLN D 218 -29.99 -16.65 -0.20
C GLN D 218 -29.88 -17.34 1.15
N GLY D 219 -30.19 -18.63 1.22
CA GLY D 219 -30.02 -19.35 2.46
C GLY D 219 -28.57 -19.71 2.72
N TYR D 220 -27.86 -20.07 1.65
CA TYR D 220 -26.43 -20.31 1.80
C TYR D 220 -25.72 -19.05 2.25
N ALA D 221 -26.14 -17.90 1.71
CA ALA D 221 -25.55 -16.63 2.11
C ALA D 221 -25.70 -16.39 3.61
N VAL D 222 -26.90 -16.61 4.16
CA VAL D 222 -27.10 -16.33 5.58
C VAL D 222 -26.27 -17.28 6.44
N ALA D 223 -26.13 -18.54 6.01
CA ALA D 223 -25.30 -19.48 6.76
C ALA D 223 -23.84 -19.08 6.68
N ARG D 224 -23.39 -18.63 5.51
CA ARG D 224 -22.01 -18.20 5.34
C ARG D 224 -21.69 -16.97 6.18
N VAL D 225 -22.58 -15.97 6.17
CA VAL D 225 -22.29 -14.72 6.88
C VAL D 225 -22.30 -14.96 8.39
N LEU D 226 -23.21 -15.82 8.86
CA LEU D 226 -23.25 -16.20 10.26
C LEU D 226 -21.95 -16.86 10.71
N ALA D 227 -21.49 -17.86 9.95
CA ALA D 227 -20.28 -18.58 10.34
C ALA D 227 -19.05 -17.68 10.33
N GLN D 228 -18.99 -16.72 9.42
CA GLN D 228 -17.82 -15.86 9.32
C GLN D 228 -17.91 -14.66 10.26
N ARG D 229 -18.96 -14.61 11.08
CA ARG D 229 -19.09 -13.62 12.14
C ARG D 229 -18.98 -14.25 13.53
N GLY D 230 -18.79 -15.56 13.61
CA GLY D 230 -18.47 -16.16 14.89
C GLY D 230 -19.34 -17.33 15.28
N ALA D 231 -20.48 -17.48 14.61
CA ALA D 231 -21.50 -18.45 15.01
C ALA D 231 -21.14 -19.87 14.60
N ASP D 232 -21.63 -20.84 15.37
CA ASP D 232 -21.61 -22.23 14.93
C ASP D 232 -22.90 -22.50 14.17
N VAL D 233 -22.77 -22.82 12.88
CA VAL D 233 -23.89 -22.90 11.96
C VAL D 233 -24.10 -24.33 11.51
N THR D 234 -25.36 -24.79 11.58
CA THR D 234 -25.77 -26.02 10.94
C THR D 234 -26.74 -25.65 9.83
N LEU D 235 -26.43 -26.04 8.60
CA LEU D 235 -27.23 -25.69 7.45
C LEU D 235 -27.92 -26.94 6.94
N ILE D 236 -29.24 -26.89 6.87
CA ILE D 236 -30.04 -27.94 6.27
C ILE D 236 -30.38 -27.49 4.85
N ALA D 237 -29.95 -28.27 3.86
CA ALA D 237 -30.03 -27.88 2.47
C ALA D 237 -30.89 -28.87 1.68
N GLY D 238 -31.72 -28.32 0.81
CA GLY D 238 -32.45 -29.09 -0.17
C GLY D 238 -31.77 -29.03 -1.51
N ASN D 239 -32.59 -29.03 -2.56
CA ASN D 239 -32.08 -28.84 -3.91
C ASN D 239 -31.51 -27.43 -4.04
N THR D 240 -30.23 -27.35 -4.37
CA THR D 240 -29.59 -26.07 -4.62
C THR D 240 -29.03 -26.07 -6.03
N ALA D 241 -28.61 -24.89 -6.48
CA ALA D 241 -28.03 -24.73 -7.81
C ALA D 241 -26.57 -25.18 -7.79
N GLY D 242 -26.39 -26.46 -7.41
CA GLY D 242 -25.08 -27.05 -7.23
C GLY D 242 -24.16 -26.21 -6.36
N LEU D 243 -24.56 -25.93 -5.13
CA LEU D 243 -23.84 -25.02 -4.27
C LEU D 243 -22.76 -25.76 -3.50
N ILE D 244 -21.68 -25.06 -3.20
CA ILE D 244 -20.57 -25.61 -2.45
C ILE D 244 -20.78 -25.31 -0.97
N ASP D 245 -20.50 -26.30 -0.13
CA ASP D 245 -20.70 -26.14 1.32
C ASP D 245 -19.93 -24.94 1.85
N PRO D 246 -20.55 -24.07 2.63
CA PRO D 246 -19.79 -22.97 3.25
C PRO D 246 -18.82 -23.51 4.29
N ALA D 247 -17.61 -22.94 4.28
CA ALA D 247 -16.57 -23.32 5.23
C ALA D 247 -17.00 -23.07 6.67
N GLY D 248 -16.86 -24.08 7.51
CA GLY D 248 -17.24 -23.98 8.91
C GLY D 248 -18.70 -24.22 9.19
N VAL D 249 -19.39 -24.98 8.35
CA VAL D 249 -20.83 -25.13 8.42
C VAL D 249 -21.14 -26.62 8.37
N GLU D 250 -21.56 -27.19 9.49
CA GLU D 250 -22.07 -28.57 9.46
C GLU D 250 -23.22 -28.65 8.46
N MET D 251 -23.05 -29.46 7.44
CA MET D 251 -24.03 -29.61 6.38
C MET D 251 -24.95 -30.79 6.66
N VAL D 252 -26.24 -30.62 6.36
CA VAL D 252 -27.24 -31.68 6.44
C VAL D 252 -28.13 -31.52 5.21
N HIS D 253 -28.11 -32.52 4.32
CA HIS D 253 -28.96 -32.47 3.15
C HIS D 253 -30.28 -33.19 3.39
N ILE D 254 -31.32 -32.73 2.70
CA ILE D 254 -32.65 -33.33 2.77
C ILE D 254 -33.24 -33.44 1.37
N GLY D 255 -34.34 -34.18 1.28
CA GLY D 255 -35.10 -34.35 0.06
C GLY D 255 -36.46 -33.67 0.12
N SER D 256 -37.49 -34.46 0.44
CA SER D 256 -38.86 -33.99 0.59
C SER D 256 -38.98 -32.97 1.72
N ALA D 257 -40.16 -32.34 1.80
CA ALA D 257 -40.42 -31.34 2.82
C ALA D 257 -40.64 -31.94 4.21
N THR D 258 -41.06 -33.20 4.28
CA THR D 258 -41.11 -33.87 5.57
C THR D 258 -39.73 -34.24 6.07
N GLN D 259 -38.83 -34.64 5.18
CA GLN D 259 -37.45 -34.89 5.57
C GLN D 259 -36.80 -33.63 6.14
N LEU D 260 -37.20 -32.44 5.65
CA LEU D 260 -36.75 -31.21 6.29
C LEU D 260 -37.35 -31.07 7.67
N ARG D 261 -38.70 -31.17 7.76
CA ARG D 261 -39.36 -31.17 9.05
C ARG D 261 -38.68 -32.15 10.01
N ASP D 262 -38.36 -33.35 9.53
CA ASP D 262 -37.64 -34.30 10.35
C ASP D 262 -36.25 -33.79 10.73
N ALA D 263 -35.63 -32.97 9.89
CA ALA D 263 -34.27 -32.51 10.16
C ALA D 263 -34.21 -31.33 11.10
N VAL D 264 -35.11 -30.35 10.92
CA VAL D 264 -35.20 -29.25 11.88
C VAL D 264 -35.57 -29.79 13.27
N SER D 265 -36.35 -30.87 13.32
CA SER D 265 -36.71 -31.46 14.61
C SER D 265 -35.47 -31.98 15.34
N LYS D 266 -34.67 -32.80 14.66
CA LYS D 266 -33.47 -33.33 15.30
C LYS D 266 -32.53 -32.24 15.80
N HIS D 267 -32.38 -31.15 15.05
CA HIS D 267 -31.31 -30.19 15.32
C HIS D 267 -31.76 -28.90 15.98
N ALA D 268 -33.04 -28.53 15.90
CA ALA D 268 -33.50 -27.28 16.49
C ALA D 268 -33.31 -27.18 18.01
N PRO D 269 -33.28 -28.31 18.77
CA PRO D 269 -33.01 -28.17 20.22
C PRO D 269 -31.71 -27.45 20.53
N ASP D 270 -30.59 -27.98 20.02
CA ASP D 270 -29.30 -27.41 20.35
C ASP D 270 -29.14 -25.96 19.87
N ALA D 271 -29.99 -25.50 18.97
CA ALA D 271 -29.77 -24.23 18.27
C ALA D 271 -30.29 -23.03 19.07
N ASN D 272 -29.72 -21.85 18.77
CA ASN D 272 -30.17 -20.58 19.33
C ASN D 272 -30.83 -19.67 18.31
N VAL D 273 -30.66 -19.95 17.02
CA VAL D 273 -31.22 -19.15 15.93
C VAL D 273 -31.69 -20.14 14.86
N LEU D 274 -32.94 -19.99 14.41
CA LEU D 274 -33.41 -20.74 13.24
C LEU D 274 -33.69 -19.76 12.11
N VAL D 275 -33.04 -20.00 10.96
CA VAL D 275 -33.33 -19.20 9.77
C VAL D 275 -34.05 -20.07 8.76
N MET D 276 -35.37 -20.07 8.84
CA MET D 276 -36.21 -20.80 7.90
C MET D 276 -36.15 -20.05 6.56
N ALA D 277 -35.11 -20.34 5.79
CA ALA D 277 -34.96 -19.70 4.48
C ALA D 277 -35.22 -20.66 3.32
N ALA D 278 -35.38 -21.96 3.59
CA ALA D 278 -35.72 -22.91 2.56
C ALA D 278 -37.03 -22.50 1.89
N ALA D 279 -37.15 -22.82 0.61
CA ALA D 279 -38.43 -22.69 -0.09
C ALA D 279 -39.13 -24.04 0.03
N VAL D 280 -39.83 -24.22 1.16
CA VAL D 280 -40.48 -25.48 1.44
C VAL D 280 -41.78 -25.56 0.64
N ALA D 281 -42.02 -26.71 0.01
CA ALA D 281 -43.27 -26.91 -0.71
C ALA D 281 -44.41 -27.14 0.26
N ASP D 282 -45.53 -26.49 0.01
CA ASP D 282 -46.70 -26.60 0.93
C ASP D 282 -47.46 -27.90 0.65
N PHE D 283 -47.38 -28.40 -0.59
CA PHE D 283 -48.15 -29.62 -0.93
C PHE D 283 -47.25 -30.75 -1.44
N ARG D 284 -47.54 -31.94 -0.92
CA ARG D 284 -46.99 -33.26 -1.20
C ARG D 284 -47.94 -34.05 -2.11
N PRO D 285 -47.43 -34.92 -2.98
CA PRO D 285 -48.33 -35.70 -3.83
C PRO D 285 -49.11 -36.74 -3.03
N ALA D 286 -50.21 -37.21 -3.63
CA ALA D 286 -51.12 -38.12 -2.95
C ALA D 286 -50.41 -39.38 -2.49
N HIS D 287 -49.75 -40.09 -3.40
CA HIS D 287 -49.02 -41.31 -3.05
C HIS D 287 -47.85 -41.49 -4.00
N VAL D 288 -46.82 -42.16 -3.50
CA VAL D 288 -45.64 -42.45 -4.31
C VAL D 288 -45.89 -43.74 -5.09
N ALA D 289 -45.72 -43.66 -6.41
CA ALA D 289 -46.10 -44.73 -7.33
C ALA D 289 -45.13 -45.91 -7.34
N ALA D 290 -43.90 -45.74 -6.85
CA ALA D 290 -42.88 -46.78 -6.86
C ALA D 290 -42.61 -47.31 -8.28
N ALA D 291 -42.96 -46.54 -9.30
CA ALA D 291 -42.77 -46.94 -10.71
C ALA D 291 -42.82 -45.73 -11.64
N SER D 301 -53.01 -39.47 -16.95
CA SER D 301 -53.90 -39.42 -15.78
C SER D 301 -54.00 -38.00 -15.23
N SER D 302 -53.98 -37.88 -13.90
CA SER D 302 -54.05 -36.61 -13.19
C SER D 302 -53.62 -36.83 -11.76
N ILE D 303 -52.87 -35.88 -11.20
CA ILE D 303 -52.20 -36.04 -9.91
C ILE D 303 -52.95 -35.23 -8.87
N ASP D 304 -53.64 -35.92 -7.96
CA ASP D 304 -54.16 -35.27 -6.77
C ASP D 304 -53.05 -35.17 -5.72
N LEU D 305 -53.23 -34.27 -4.76
CA LEU D 305 -52.17 -33.98 -3.80
C LEU D 305 -52.73 -33.81 -2.39
N VAL D 306 -51.80 -33.75 -1.42
CA VAL D 306 -52.07 -33.47 -0.02
C VAL D 306 -51.22 -32.27 0.41
N ARG D 307 -51.29 -31.88 1.69
CA ARG D 307 -50.58 -30.71 2.19
C ARG D 307 -49.52 -31.09 3.24
N ASN D 308 -48.47 -30.28 3.32
CA ASN D 308 -47.35 -30.51 4.22
C ASN D 308 -47.42 -29.57 5.42
N ASP D 309 -46.75 -29.97 6.50
CA ASP D 309 -46.73 -29.18 7.72
C ASP D 309 -45.96 -27.88 7.50
N ASP D 310 -46.52 -26.77 7.95
CA ASP D 310 -45.75 -25.53 7.97
C ASP D 310 -44.63 -25.72 8.99
N VAL D 311 -43.41 -25.88 8.47
CA VAL D 311 -42.25 -26.13 9.34
C VAL D 311 -42.00 -24.93 10.24
N LEU D 312 -42.04 -23.73 9.66
CA LEU D 312 -41.87 -22.51 10.44
C LEU D 312 -42.98 -22.37 11.49
N ALA D 313 -44.22 -22.69 11.11
CA ALA D 313 -45.29 -22.61 12.09
C ALA D 313 -45.18 -23.71 13.13
N GLY D 314 -44.74 -24.91 12.73
CA GLY D 314 -44.40 -25.92 13.71
C GLY D 314 -43.31 -25.46 14.64
N ALA D 315 -42.34 -24.69 14.12
CA ALA D 315 -41.23 -24.22 14.93
C ALA D 315 -41.69 -23.19 15.96
N VAL D 316 -42.60 -22.28 15.59
CA VAL D 316 -43.04 -21.29 16.55
C VAL D 316 -43.93 -21.91 17.62
N ARG D 317 -44.61 -23.01 17.27
CA ARG D 317 -45.52 -23.63 18.26
C ARG D 317 -44.68 -24.20 19.38
N ALA D 318 -43.71 -25.05 19.07
CA ALA D 318 -42.88 -25.67 20.11
C ALA D 318 -42.20 -24.61 20.97
N ARG D 319 -41.69 -23.55 20.34
CA ARG D 319 -41.07 -22.46 21.12
C ARG D 319 -42.12 -21.93 22.09
N ALA D 320 -43.32 -21.64 21.55
CA ALA D 320 -44.47 -21.10 22.33
C ALA D 320 -44.89 -22.06 23.44
N ASP D 321 -44.76 -23.38 23.23
CA ASP D 321 -45.07 -24.39 24.27
C ASP D 321 -43.82 -24.74 25.06
N GLY D 322 -42.81 -23.86 25.05
CA GLY D 322 -41.55 -24.03 25.79
C GLY D 322 -40.89 -25.34 25.46
N GLN D 323 -40.86 -25.71 24.18
CA GLN D 323 -40.21 -27.00 23.84
C GLN D 323 -38.76 -26.71 23.43
N LEU D 324 -38.50 -25.49 22.97
CA LEU D 324 -37.15 -25.08 22.54
C LEU D 324 -36.66 -24.04 23.55
N PRO D 325 -36.01 -24.45 24.65
CA PRO D 325 -35.60 -23.50 25.68
C PRO D 325 -34.55 -22.49 25.22
N ASN D 326 -33.57 -22.97 24.44
CA ASN D 326 -32.43 -22.13 24.02
C ASN D 326 -32.78 -21.25 22.83
N MET D 327 -33.75 -21.60 22.01
CA MET D 327 -33.88 -20.77 20.82
C MET D 327 -34.38 -19.37 21.18
N ARG D 328 -33.55 -18.37 20.87
CA ARG D 328 -33.83 -16.98 21.18
C ARG D 328 -34.24 -16.16 19.96
N ALA D 329 -34.33 -16.77 18.77
CA ALA D 329 -34.74 -16.03 17.57
C ALA D 329 -35.15 -16.98 16.46
N ILE D 330 -36.26 -16.67 15.79
CA ILE D 330 -36.78 -17.44 14.66
C ILE D 330 -37.06 -16.47 13.51
N VAL D 331 -36.58 -16.82 12.30
CA VAL D 331 -36.67 -15.95 11.13
C VAL D 331 -37.40 -16.67 10.01
N GLY D 332 -38.36 -15.97 9.37
CA GLY D 332 -39.11 -16.52 8.27
C GLY D 332 -38.96 -15.66 7.02
N PHE D 333 -39.43 -16.18 5.88
CA PHE D 333 -39.21 -15.49 4.61
C PHE D 333 -40.47 -15.34 3.76
N ALA D 334 -40.27 -14.92 2.51
CA ALA D 334 -41.31 -14.71 1.49
C ALA D 334 -42.20 -13.52 1.80
N LEU D 345 -45.21 -2.66 2.66
CA LEU D 345 -45.41 -3.69 3.67
C LEU D 345 -46.87 -3.78 4.00
N PHE D 346 -47.71 -3.69 2.96
CA PHE D 346 -49.15 -3.51 3.16
C PHE D 346 -49.69 -4.61 4.06
N HIS D 347 -49.67 -5.85 3.59
CA HIS D 347 -50.05 -6.98 4.43
C HIS D 347 -48.83 -7.64 5.07
N ALA D 348 -47.64 -7.09 4.85
CA ALA D 348 -46.42 -7.71 5.33
C ALA D 348 -46.32 -7.67 6.84
N ARG D 349 -46.60 -6.51 7.44
CA ARG D 349 -46.57 -6.42 8.90
C ARG D 349 -47.55 -7.38 9.53
N ALA D 350 -48.73 -7.56 8.91
CA ALA D 350 -49.69 -8.54 9.41
C ALA D 350 -49.15 -9.96 9.27
N LYS D 351 -48.40 -10.22 8.20
CA LYS D 351 -47.83 -11.55 8.00
C LYS D 351 -46.91 -11.94 9.15
N LEU D 352 -46.12 -10.99 9.66
CA LEU D 352 -45.25 -11.31 10.80
C LEU D 352 -46.07 -11.63 12.04
N GLU D 353 -47.07 -10.80 12.36
CA GLU D 353 -47.87 -11.04 13.55
C GLU D 353 -48.64 -12.35 13.46
N ARG D 354 -49.07 -12.73 12.24
CA ARG D 354 -49.76 -14.01 12.09
C ARG D 354 -48.80 -15.19 12.13
N LYS D 355 -47.57 -15.01 11.64
CA LYS D 355 -46.64 -16.14 11.57
C LYS D 355 -46.17 -16.55 12.97
N GLY D 356 -45.98 -15.58 13.86
CA GLY D 356 -45.33 -15.84 15.12
C GLY D 356 -43.82 -15.74 15.07
N CYS D 357 -43.24 -15.34 13.95
CA CYS D 357 -41.79 -15.25 13.86
C CYS D 357 -41.27 -13.98 14.52
N ASP D 358 -39.97 -14.00 14.87
CA ASP D 358 -39.29 -12.83 15.41
C ASP D 358 -38.88 -11.83 14.34
N LEU D 359 -38.57 -12.32 13.14
CA LEU D 359 -38.18 -11.44 12.04
C LEU D 359 -38.67 -12.07 10.74
N LEU D 360 -38.98 -11.23 9.75
CA LEU D 360 -39.45 -11.71 8.46
C LEU D 360 -38.76 -10.97 7.33
N VAL D 361 -38.28 -11.73 6.35
CA VAL D 361 -37.58 -11.18 5.19
C VAL D 361 -38.54 -11.24 4.00
N VAL D 362 -38.86 -10.08 3.44
CA VAL D 362 -39.83 -9.97 2.36
C VAL D 362 -39.11 -9.52 1.10
N ASN D 363 -39.14 -10.36 0.06
CA ASN D 363 -38.58 -10.07 -1.25
C ASN D 363 -39.65 -10.36 -2.30
N ALA D 364 -39.46 -9.79 -3.49
CA ALA D 364 -40.45 -9.93 -4.57
C ALA D 364 -39.97 -10.86 -5.69
N GLY D 378 -35.47 -4.96 -0.51
CA GLY D 378 -36.34 -5.76 0.33
C GLY D 378 -36.87 -5.02 1.54
N TRP D 379 -37.45 -5.76 2.48
CA TRP D 379 -37.90 -5.20 3.75
C TRP D 379 -37.72 -6.24 4.84
N LEU D 380 -37.28 -5.80 6.01
CA LEU D 380 -37.02 -6.67 7.16
C LEU D 380 -37.83 -6.14 8.34
N LEU D 381 -38.83 -6.92 8.75
CA LEU D 381 -39.70 -6.54 9.86
C LEU D 381 -39.25 -7.25 11.13
N SER D 382 -39.41 -6.57 12.26
CA SER D 382 -38.95 -7.06 13.56
C SER D 382 -40.12 -7.26 14.51
N ALA D 383 -39.88 -8.05 15.54
CA ALA D 383 -40.89 -8.34 16.55
C ALA D 383 -41.05 -7.21 17.56
N ASP D 384 -40.45 -6.05 17.32
CA ASP D 384 -40.73 -4.84 18.08
C ASP D 384 -41.26 -3.75 17.15
N GLY D 385 -41.93 -4.16 16.07
CA GLY D 385 -42.56 -3.24 15.15
C GLY D 385 -41.65 -2.53 14.18
N THR D 386 -40.38 -2.32 14.54
CA THR D 386 -39.49 -1.58 13.66
C THR D 386 -39.19 -2.38 12.40
N GLU D 387 -39.37 -1.75 11.25
CA GLU D 387 -39.08 -2.34 9.96
C GLU D 387 -37.98 -1.55 9.26
N SER D 388 -37.32 -2.18 8.29
CA SER D 388 -36.23 -1.55 7.56
C SER D 388 -36.24 -2.03 6.12
N ALA D 389 -35.98 -1.10 5.19
CA ALA D 389 -35.93 -1.42 3.77
C ALA D 389 -34.52 -1.90 3.43
N LEU D 390 -34.38 -3.20 3.20
CA LEU D 390 -33.12 -3.78 2.71
C LEU D 390 -32.94 -3.36 1.26
N GLU D 391 -32.06 -2.39 1.02
CA GLU D 391 -31.77 -1.95 -0.34
C GLU D 391 -31.15 -3.09 -1.14
N HIS D 392 -31.79 -3.43 -2.26
CA HIS D 392 -31.46 -4.65 -2.98
C HIS D 392 -30.07 -4.55 -3.60
N GLY D 393 -29.27 -5.59 -3.36
CA GLY D 393 -27.96 -5.74 -3.97
C GLY D 393 -27.65 -7.21 -4.09
N SER D 394 -26.44 -7.60 -3.72
CA SER D 394 -26.07 -9.01 -3.71
C SER D 394 -26.87 -9.79 -2.66
N LYS D 395 -27.00 -11.10 -2.89
CA LYS D 395 -27.60 -11.97 -1.89
C LYS D 395 -26.79 -11.96 -0.60
N THR D 396 -25.46 -12.02 -0.72
CA THR D 396 -24.64 -12.02 0.48
C THR D 396 -24.75 -10.69 1.23
N LEU D 397 -24.88 -9.58 0.50
CA LEU D 397 -25.10 -8.30 1.17
C LEU D 397 -26.35 -8.34 2.04
N MET D 398 -27.49 -8.71 1.46
CA MET D 398 -28.72 -8.70 2.25
C MET D 398 -28.67 -9.74 3.37
N ALA D 399 -27.86 -10.78 3.20
CA ALA D 399 -27.62 -11.70 4.31
C ALA D 399 -26.98 -10.98 5.49
N THR D 400 -26.03 -10.05 5.23
CA THR D 400 -25.44 -9.31 6.33
C THR D 400 -26.45 -8.38 7.00
N ARG D 401 -27.44 -7.88 6.25
CA ARG D 401 -28.50 -7.09 6.88
C ARG D 401 -29.40 -7.98 7.73
N ILE D 402 -29.70 -9.19 7.24
CA ILE D 402 -30.51 -10.14 8.00
C ILE D 402 -29.81 -10.53 9.29
N VAL D 403 -28.49 -10.76 9.22
CA VAL D 403 -27.70 -11.09 10.41
C VAL D 403 -27.57 -9.87 11.33
N ASP D 404 -27.47 -8.67 10.75
CA ASP D 404 -27.59 -7.44 11.53
C ASP D 404 -28.85 -7.44 12.36
N SER D 405 -30.00 -7.68 11.73
CA SER D 405 -31.27 -7.68 12.45
C SER D 405 -31.32 -8.77 13.51
N ILE D 406 -30.81 -9.96 13.19
CA ILE D 406 -30.71 -11.03 14.19
C ILE D 406 -29.84 -10.58 15.35
N ALA D 407 -28.72 -9.91 15.05
CA ALA D 407 -27.78 -9.49 16.09
C ALA D 407 -28.43 -8.53 17.06
N ALA D 408 -29.19 -7.56 16.56
CA ALA D 408 -29.83 -6.58 17.43
C ALA D 408 -30.91 -7.25 18.29
N PHE D 409 -31.60 -8.24 17.71
CA PHE D 409 -32.63 -8.94 18.47
C PHE D 409 -32.03 -9.78 19.58
N LEU D 410 -30.86 -10.39 19.35
CA LEU D 410 -30.23 -11.19 20.40
C LEU D 410 -29.71 -10.29 21.53
N LYS D 411 -29.16 -9.13 21.17
CA LYS D 411 -28.73 -8.16 22.18
C LYS D 411 -29.91 -7.50 22.88
N SER D 412 -31.12 -7.58 22.30
CA SER D 412 -32.32 -7.08 22.97
C SER D 412 -32.55 -7.78 24.30
N GLN D 413 -32.43 -9.11 24.31
CA GLN D 413 -32.67 -9.91 25.50
C GLN D 413 -31.38 -10.33 26.20
N ASP D 414 -30.33 -9.53 26.09
CA ASP D 414 -29.03 -9.84 26.67
C ASP D 414 -28.58 -8.77 27.65
N1 CTP E . 22.10 55.29 4.79
C2 CTP E . 23.25 55.64 5.48
N3 CTP E . 23.13 56.19 6.73
C4 CTP E . 21.94 56.78 7.10
C5 CTP E . 20.85 56.66 6.24
C6 CTP E . 20.88 55.71 5.24
O2 CTP E . 24.36 55.48 4.97
N4 CTP E . 21.81 57.38 8.27
C1' CTP E . 22.20 54.82 3.39
C2' CTP E . 21.25 53.66 3.13
O2' CTP E . 21.89 52.43 3.36
C3' CTP E . 20.83 53.85 1.69
C4' CTP E . 21.06 55.33 1.42
O4' CTP E . 21.81 55.85 2.50
O3' CTP E . 21.70 53.13 0.84
C5' CTP E . 19.77 56.13 1.27
O5' CTP E . 19.43 56.71 2.51
PA CTP E . 18.11 57.61 2.70
O1A CTP E . 17.25 57.03 3.80
O2A CTP E . 18.50 59.03 3.07
O3A CTP E . 17.41 57.59 1.25
PB CTP E . 15.90 57.04 1.10
O1B CTP E . 15.58 56.79 -0.36
O2B CTP E . 14.92 58.00 1.74
O3B CTP E . 15.97 55.64 1.93
PG CTP E . 14.78 55.09 2.87
O1G CTP E . 13.46 55.63 2.37
O2G CTP E . 15.00 55.57 4.29
O3G CTP E . 14.79 53.58 2.86
C1 EDO F . 23.00 2.38 -4.03
O1 EDO F . 21.65 2.29 -4.53
C2 EDO F . 23.15 1.86 -2.61
O2 EDO F . 24.54 1.86 -2.26
C1 EDO G . 33.76 18.43 3.10
O1 EDO G . 34.82 17.83 2.33
C2 EDO G . 32.51 18.74 2.25
O2 EDO G . 31.36 19.06 3.07
C1 EDO H . 27.31 32.26 -16.13
O1 EDO H . 25.94 32.63 -15.92
C2 EDO H . 27.68 32.36 -17.60
O2 EDO H . 29.11 32.37 -17.73
MG MG I . 16.43 57.88 5.79
N1 FMN J . 36.83 13.43 -2.97
C2 FMN J . 36.56 14.76 -3.21
O2 FMN J . 36.99 15.29 -4.23
N3 FMN J . 35.80 15.48 -2.31
C4 FMN J . 35.31 14.90 -1.16
O4 FMN J . 34.63 15.54 -0.34
C4A FMN J . 35.59 13.56 -0.92
N5 FMN J . 35.12 12.96 0.21
C5A FMN J . 35.39 11.64 0.44
C6 FMN J . 34.90 11.08 1.60
C7 FMN J . 35.16 9.76 1.86
C7M FMN J . 34.55 9.29 3.12
C8 FMN J . 35.90 8.96 1.00
C8M FMN J . 36.18 7.52 1.28
C9 FMN J . 36.40 9.55 -0.17
C9A FMN J . 36.14 10.89 -0.44
N10 FMN J . 36.63 11.48 -1.58
C10 FMN J . 36.35 12.82 -1.84
C1' FMN J . 37.42 10.70 -2.57
C2' FMN J . 36.39 10.24 -3.60
O2' FMN J . 35.55 9.24 -3.05
C3' FMN J . 37.09 9.77 -4.85
O3' FMN J . 37.76 10.89 -5.40
C4' FMN J . 36.07 9.19 -5.83
O4' FMN J . 36.59 8.07 -6.52
C5' FMN J . 35.60 10.25 -6.80
O5' FMN J . 34.66 9.68 -7.68
P FMN J . 33.44 10.55 -8.27
O1P FMN J . 33.82 11.22 -9.55
O2P FMN J . 33.11 11.60 -7.27
O3P FMN J . 32.25 9.68 -8.53
N1 CTP K . 4.21 40.27 30.68
C2 CTP K . 2.92 40.58 30.35
N3 CTP K . 2.71 41.53 29.39
C4 CTP K . 3.66 42.52 29.27
C5 CTP K . 4.89 42.41 29.90
C6 CTP K . 5.11 41.29 30.71
O2 CTP K . 1.99 40.03 30.91
N4 CTP K . 3.37 43.57 28.52
C1' CTP K . 4.35 39.10 31.57
C2' CTP K . 5.37 38.10 31.07
O2' CTP K . 4.70 37.03 30.46
C3' CTP K . 6.05 37.64 32.34
C4' CTP K . 5.73 38.71 33.37
O4' CTP K . 4.72 39.54 32.86
O3' CTP K . 5.48 36.40 32.73
C5' CTP K . 6.93 39.59 33.69
O5' CTP K . 6.45 40.89 33.96
PA CTP K . 6.55 41.49 35.46
O1A CTP K . 5.43 40.88 36.28
O2A CTP K . 6.44 43.00 35.44
O3A CTP K . 7.97 41.01 36.06
PB CTP K . 9.38 41.38 35.35
O1B CTP K . 10.25 40.17 35.17
O2B CTP K . 10.08 42.44 36.18
O3B CTP K . 8.92 42.01 33.94
PG CTP K . 9.92 42.12 32.68
O1G CTP K . 9.50 41.13 31.62
O2G CTP K . 9.84 43.53 32.14
O3G CTP K . 11.33 41.83 33.14
C1 EDO L . 29.24 3.54 22.45
O1 EDO L . 30.18 2.47 22.51
C2 EDO L . 29.68 4.68 21.53
O2 EDO L . 31.12 4.88 21.58
C1 EDO M . 9.24 10.83 6.86
O1 EDO M . 8.53 10.03 5.90
C2 EDO M . 10.23 11.78 6.18
O2 EDO M . 11.05 12.48 7.12
N1 FMN N . 9.32 2.66 6.87
C2 FMN N . 9.10 3.43 8.00
O2 FMN N . 8.70 2.89 9.02
N3 FMN N . 9.32 4.80 7.94
C4 FMN N . 9.76 5.41 6.78
O4 FMN N . 9.96 6.63 6.72
C4A FMN N . 9.99 4.63 5.66
N5 FMN N . 10.42 5.22 4.49
C5A FMN N . 10.65 4.44 3.38
C6 FMN N . 11.09 5.03 2.20
C7 FMN N . 11.31 4.26 1.07
C7M FMN N . 11.79 4.92 -0.20
C8 FMN N . 11.09 2.88 1.10
C8M FMN N . 11.34 2.05 -0.12
C9 FMN N . 10.66 2.29 2.28
C9A FMN N . 10.43 3.06 3.42
N10 FMN N . 9.99 2.47 4.58
C10 FMN N . 9.76 3.24 5.71
C1' FMN N . 9.75 0.98 4.66
C2' FMN N . 11.04 0.36 5.20
O2' FMN N . 12.06 0.36 4.22
C3' FMN N . 10.86 -1.05 5.76
O3' FMN N . 9.99 -0.97 6.87
C4' FMN N . 12.24 -1.67 6.05
O4' FMN N . 12.17 -3.03 6.43
C5' FMN N . 13.09 -0.89 7.07
O5' FMN N . 13.06 -1.42 8.38
P FMN N . 14.39 -1.54 9.28
O1P FMN N . 15.34 -0.44 8.91
O2P FMN N . 14.07 -1.37 10.73
O3P FMN N . 15.09 -2.87 9.05
N1 CTP O . -37.95 -39.61 -25.56
C2 CTP O . -38.38 -38.66 -26.46
N3 CTP O . -39.53 -37.94 -26.22
C4 CTP O . -40.19 -38.10 -25.02
C5 CTP O . -39.74 -39.04 -24.10
C6 CTP O . -38.70 -39.89 -24.45
O2 CTP O . -37.75 -38.44 -27.50
N4 CTP O . -41.26 -37.34 -24.75
C1' CTP O . -36.80 -40.48 -25.86
C2' CTP O . -35.75 -40.38 -24.76
O2' CTP O . -34.64 -39.58 -25.12
C3' CTP O . -35.31 -41.80 -24.51
C4' CTP O . -36.44 -42.65 -25.06
O4' CTP O . -37.26 -41.81 -25.84
O3' CTP O . -34.16 -42.09 -25.27
C5' CTP O . -37.23 -43.33 -23.95
O5' CTP O . -38.62 -43.32 -24.22
PA CTP O . -39.54 -44.40 -23.46
O1A CTP O . -40.39 -45.13 -24.46
O2A CTP O . -40.38 -43.74 -22.38
O3A CTP O . -38.40 -45.38 -22.89
PB CTP O . -38.66 -46.77 -22.13
O1B CTP O . -40.08 -46.92 -21.64
O2B CTP O . -38.25 -47.94 -23.00
O3B CTP O . -37.60 -46.59 -20.92
PG CTP O . -37.59 -45.28 -19.99
O1G CTP O . -37.73 -45.65 -18.54
O2G CTP O . -36.29 -44.53 -20.22
O3G CTP O . -38.72 -44.35 -20.39
C1 EDO P . -6.68 -44.20 -27.59
O1 EDO P . -6.89 -44.74 -26.29
C2 EDO P . -5.49 -44.85 -28.29
O2 EDO P . -5.73 -46.25 -28.44
N1 FMN Q . 3.08 -21.77 -24.30
C2 FMN Q . 2.14 -22.65 -24.59
O2 FMN Q . 2.36 -23.49 -25.43
N3 FMN Q . 0.99 -22.64 -23.96
C4 FMN Q . 0.70 -21.76 -23.04
O4 FMN Q . -0.37 -21.75 -22.47
C4A FMN Q . 1.66 -20.78 -22.68
N5 FMN Q . 1.39 -19.89 -21.75
C5A FMN Q . 2.31 -19.00 -21.45
C6 FMN Q . 2.03 -18.08 -20.50
C7 FMN Q . 2.96 -17.16 -20.19
C7M FMN Q . 2.68 -16.15 -19.15
C8 FMN Q . 4.25 -17.16 -20.84
C8M FMN Q . 5.23 -16.13 -20.43
C9 FMN Q . 4.56 -18.08 -21.78
C9A FMN Q . 3.63 -19.00 -22.12
N10 FMN Q . 3.90 -19.93 -23.09
C10 FMN Q . 2.92 -20.83 -23.37
C1' FMN Q . 5.16 -19.98 -23.78
C2' FMN Q . 5.98 -20.88 -22.90
O2' FMN Q . 6.17 -20.25 -21.63
C3' FMN Q . 7.30 -21.27 -23.50
O3' FMN Q . 7.00 -21.86 -24.72
C4' FMN Q . 8.01 -22.29 -22.67
O4' FMN Q . 9.33 -22.30 -23.15
C5' FMN Q . 7.39 -23.65 -22.83
O5' FMN Q . 8.33 -24.66 -22.58
P FMN Q . 8.10 -26.04 -21.99
O1P FMN Q . 9.20 -26.11 -21.10
O2P FMN Q . 6.86 -25.83 -21.44
O3P FMN Q . 8.09 -27.02 -23.05
N1 CTP R . -42.45 -22.39 5.39
C2 CTP R . -42.32 -23.53 6.15
N3 CTP R . -42.85 -24.72 5.68
C4 CTP R . -43.70 -24.69 4.59
C5 CTP R . -43.88 -23.50 3.86
C6 CTP R . -43.37 -22.32 4.39
O2 CTP R . -41.76 -23.46 7.23
N4 CTP R . -44.34 -25.80 4.23
C1' CTP R . -41.64 -21.22 5.73
C2' CTP R . -40.48 -21.04 4.77
O2' CTP R . -39.32 -21.74 5.17
C3' CTP R . -40.28 -19.55 4.74
C4' CTP R . -41.66 -19.04 5.00
O4' CTP R . -42.44 -20.07 5.57
O3' CTP R . -39.49 -19.13 5.83
C5' CTP R . -42.33 -18.62 3.70
O5' CTP R . -43.56 -18.08 4.07
PA CTP R . -44.90 -18.62 3.38
O1A CTP R . -46.02 -18.34 4.35
O2A CTP R . -44.80 -20.09 3.05
O3A CTP R . -45.03 -17.71 2.05
PB CTP R . -46.33 -17.85 1.13
O1B CTP R . -45.89 -17.90 -0.32
O2B CTP R . -47.31 -16.71 1.36
O3B CTP R . -46.92 -19.29 1.58
PG CTP R . -48.19 -19.54 2.57
O1G CTP R . -48.58 -18.24 3.25
O2G CTP R . -47.77 -20.52 3.63
O3G CTP R . -49.37 -20.09 1.81
C1 EDO S . -16.54 -20.20 15.36
O1 EDO S . -15.88 -21.03 16.33
C2 EDO S . -17.01 -21.02 14.16
O2 EDO S . -17.35 -20.16 13.05
N1 FMN T . 2.72 -22.38 7.02
C2 FMN T . 1.43 -21.93 7.24
O2 FMN T . 1.20 -21.13 8.15
N3 FMN T . 0.39 -22.37 6.44
C4 FMN T . 0.63 -23.29 5.43
O4 FMN T . -0.31 -23.70 4.72
C4A FMN T . 1.93 -23.75 5.23
N5 FMN T . 2.15 -24.66 4.22
C5A FMN T . 3.43 -25.12 4.01
C6 FMN T . 3.63 -26.04 2.99
C7 FMN T . 4.91 -26.53 2.74
C7M FMN T . 5.15 -27.53 1.64
C8 FMN T . 5.98 -26.09 3.51
C8M FMN T . 7.35 -26.62 3.24
C9 FMN T . 5.78 -25.16 4.54
C9A FMN T . 4.50 -24.66 4.80
N10 FMN T . 4.29 -23.72 5.81
C10 FMN T . 2.99 -23.29 6.02
C1' FMN T . 5.42 -23.26 6.70
C2' FMN T . 6.07 -21.86 6.67
O2' FMN T . 5.77 -21.07 7.81
C3' FMN T . 5.75 -21.03 5.45
O3' FMN T . 5.91 -21.82 4.28
C4' FMN T . 6.58 -19.74 5.39
O4' FMN T . 7.80 -19.73 6.12
C5' FMN T . 5.76 -18.60 5.94
O5' FMN T . 6.35 -17.45 5.42
P FMN T . 5.40 -16.35 4.77
O1P FMN T . 5.22 -15.21 5.69
O2P FMN T . 5.98 -15.86 3.49
O3P FMN T . 4.09 -17.00 4.53
#